data_1FO5
#
_entry.id   1FO5
#
_cell.length_a   1.000
_cell.length_b   1.000
_cell.length_c   1.000
_cell.angle_alpha   90.00
_cell.angle_beta   90.00
_cell.angle_gamma   90.00
#
_symmetry.space_group_name_H-M   'P 1'
#
_entity_poly.entity_id   1
_entity_poly.type   'polypeptide(L)'
_entity_poly.pdbx_seq_one_letter_code
;MSKVKIELFTSPMCPHCPAAKRVVEEVANEMPDAVEVEYINVMENPQKAMEYGIMAVPTIVINGDVEFIGAPTKEALVEA
IKKRL
;
_entity_poly.pdbx_strand_id   A
#
# COMPACT_ATOMS: atom_id res chain seq x y z
N MET A 1 11.97 3.68 15.13
CA MET A 1 12.64 2.47 15.65
C MET A 1 11.59 1.41 15.89
N SER A 2 10.97 0.95 14.80
CA SER A 2 9.83 0.04 14.76
C SER A 2 9.88 -0.85 13.52
N LYS A 3 10.93 -0.74 12.68
CA LYS A 3 11.06 -1.26 11.31
C LYS A 3 10.08 -0.58 10.35
N VAL A 4 10.33 -0.69 9.06
CA VAL A 4 9.52 -0.03 8.03
C VAL A 4 8.17 -0.77 7.95
N LYS A 5 7.11 -0.19 8.53
CA LYS A 5 5.78 -0.76 8.54
C LYS A 5 5.03 -0.39 7.26
N ILE A 6 4.58 -1.40 6.54
CA ILE A 6 3.71 -1.31 5.39
C ILE A 6 2.40 -1.98 5.82
N GLU A 7 1.27 -1.42 5.42
CA GLU A 7 -0.02 -2.09 5.57
C GLU A 7 -0.77 -1.94 4.26
N LEU A 8 -1.56 -2.96 3.93
CA LEU A 8 -2.27 -3.10 2.67
C LEU A 8 -3.72 -3.39 3.01
N PHE A 9 -4.50 -2.33 3.18
CA PHE A 9 -5.88 -2.38 3.60
C PHE A 9 -6.77 -2.10 2.39
N THR A 10 -7.21 -3.14 1.69
CA THR A 10 -8.03 -3.12 0.48
C THR A 10 -8.31 -4.59 0.14
N SER A 11 -9.36 -4.87 -0.60
CA SER A 11 -9.55 -6.11 -1.33
C SER A 11 -9.89 -5.66 -2.75
N PRO A 12 -8.88 -5.39 -3.61
CA PRO A 12 -9.12 -5.00 -4.98
C PRO A 12 -9.68 -6.22 -5.71
N MET A 13 -10.68 -6.00 -6.56
CA MET A 13 -11.55 -7.06 -7.06
C MET A 13 -11.76 -6.94 -8.56
N CYS A 14 -11.78 -5.73 -9.12
CA CYS A 14 -11.71 -5.54 -10.56
C CYS A 14 -10.25 -5.75 -11.02
N PRO A 15 -9.29 -4.82 -10.90
CA PRO A 15 -7.90 -5.12 -11.19
C PRO A 15 -7.31 -5.98 -10.06
N HIS A 16 -7.01 -7.25 -10.32
CA HIS A 16 -6.30 -8.11 -9.36
C HIS A 16 -4.84 -7.69 -9.28
N CYS A 17 -4.60 -6.55 -8.65
CA CYS A 17 -3.28 -5.98 -8.45
C CYS A 17 -2.44 -6.94 -7.59
N PRO A 18 -1.10 -6.93 -7.71
CA PRO A 18 -0.22 -7.63 -6.79
C PRO A 18 -0.32 -7.09 -5.36
N ALA A 19 -0.80 -5.85 -5.19
CA ALA A 19 -1.05 -5.22 -3.90
C ALA A 19 0.15 -5.42 -2.97
N ALA A 20 -0.03 -6.09 -1.83
CA ALA A 20 1.04 -6.28 -0.86
C ALA A 20 2.24 -6.99 -1.47
N LYS A 21 2.07 -7.84 -2.48
CA LYS A 21 3.19 -8.51 -3.13
C LYS A 21 4.13 -7.47 -3.78
N ARG A 22 3.59 -6.46 -4.48
CA ARG A 22 4.47 -5.39 -4.96
C ARG A 22 5.03 -4.63 -3.80
N VAL A 23 4.18 -4.16 -2.88
CA VAL A 23 4.64 -3.23 -1.87
C VAL A 23 5.76 -3.90 -1.03
N VAL A 24 5.61 -5.19 -0.64
CA VAL A 24 6.65 -5.94 0.05
C VAL A 24 7.89 -6.06 -0.84
N GLU A 25 7.79 -6.51 -2.09
CA GLU A 25 9.00 -6.73 -2.90
C GLU A 25 9.77 -5.42 -3.05
N GLU A 26 9.04 -4.33 -3.28
CA GLU A 26 9.57 -3.01 -3.51
C GLU A 26 10.35 -2.53 -2.28
N VAL A 27 9.75 -2.60 -1.08
CA VAL A 27 10.45 -2.16 0.12
C VAL A 27 11.48 -3.17 0.60
N ALA A 28 11.30 -4.47 0.36
CA ALA A 28 12.30 -5.48 0.70
C ALA A 28 13.54 -5.33 -0.18
N ASN A 29 13.41 -4.73 -1.37
CA ASN A 29 14.58 -4.35 -2.15
C ASN A 29 15.47 -3.38 -1.36
N GLU A 30 14.82 -2.41 -0.72
CA GLU A 30 15.43 -1.39 0.12
C GLU A 30 15.94 -1.99 1.43
N MET A 31 15.06 -2.67 2.15
CA MET A 31 15.21 -3.12 3.53
C MET A 31 14.76 -4.58 3.63
N PRO A 32 15.66 -5.54 3.35
CA PRO A 32 15.35 -6.95 3.25
C PRO A 32 15.26 -7.62 4.64
N ASP A 33 14.68 -6.95 5.63
CA ASP A 33 14.69 -7.39 7.04
C ASP A 33 13.92 -6.41 7.92
N ALA A 34 14.20 -5.11 7.82
CA ALA A 34 13.45 -4.08 8.54
C ALA A 34 12.10 -3.80 7.87
N VAL A 35 11.33 -4.83 7.52
CA VAL A 35 10.09 -4.71 6.78
C VAL A 35 9.02 -5.46 7.56
N GLU A 36 7.85 -4.85 7.71
CA GLU A 36 6.64 -5.48 8.27
C GLU A 36 5.54 -5.20 7.26
N VAL A 37 4.78 -6.22 6.88
CA VAL A 37 3.70 -6.12 5.91
C VAL A 37 2.43 -6.73 6.48
N GLU A 38 1.45 -5.90 6.79
CA GLU A 38 0.11 -6.40 7.05
C GLU A 38 -0.62 -6.40 5.72
N TYR A 39 -0.76 -7.58 5.11
CA TYR A 39 -1.64 -7.77 3.96
C TYR A 39 -3.02 -8.08 4.56
N ILE A 40 -3.88 -7.08 4.68
CA ILE A 40 -5.21 -7.24 5.26
C ILE A 40 -6.23 -7.03 4.13
N ASN A 41 -6.49 -8.11 3.39
CA ASN A 41 -7.54 -8.17 2.39
C ASN A 41 -8.85 -7.79 3.08
N VAL A 42 -9.46 -6.68 2.65
CA VAL A 42 -10.61 -6.09 3.31
C VAL A 42 -11.83 -7.00 3.17
N MET A 43 -12.05 -7.72 4.26
CA MET A 43 -13.02 -8.73 4.62
C MET A 43 -12.66 -9.09 6.06
N GLU A 44 -13.62 -9.61 6.82
CA GLU A 44 -13.45 -10.35 8.08
C GLU A 44 -12.31 -9.81 8.98
N ASN A 45 -12.36 -8.51 9.29
CA ASN A 45 -11.33 -7.73 10.00
C ASN A 45 -11.83 -6.28 10.17
N PRO A 46 -11.34 -5.55 11.18
CA PRO A 46 -11.88 -4.25 11.54
C PRO A 46 -11.43 -3.16 10.57
N GLN A 47 -12.16 -2.05 10.55
CA GLN A 47 -11.90 -0.90 9.70
C GLN A 47 -10.76 -0.03 10.26
N LYS A 48 -9.85 -0.60 11.05
CA LYS A 48 -8.87 0.16 11.82
C LYS A 48 -7.96 1.05 10.97
N ALA A 49 -7.76 0.72 9.69
CA ALA A 49 -7.15 1.63 8.72
C ALA A 49 -8.17 2.48 7.96
N MET A 50 -9.34 1.92 7.63
CA MET A 50 -10.38 2.60 6.84
C MET A 50 -11.12 3.70 7.62
N GLU A 51 -10.86 3.84 8.92
CA GLU A 51 -11.12 5.07 9.66
C GLU A 51 -10.14 6.16 9.18
N TYR A 52 -9.29 6.72 10.06
CA TYR A 52 -8.23 7.68 9.73
C TYR A 52 -8.84 8.95 9.11
N GLY A 53 -7.99 9.85 8.61
CA GLY A 53 -8.43 11.00 7.85
C GLY A 53 -8.74 10.68 6.38
N ILE A 54 -8.34 9.52 5.87
CA ILE A 54 -8.41 9.21 4.43
C ILE A 54 -9.84 8.75 4.10
N MET A 55 -10.35 7.78 4.87
CA MET A 55 -11.64 7.11 4.72
C MET A 55 -11.94 6.79 3.25
N ALA A 56 -10.96 6.23 2.55
CA ALA A 56 -11.02 6.00 1.11
C ALA A 56 -9.98 4.93 0.74
N VAL A 57 -10.47 3.73 0.44
CA VAL A 57 -9.67 2.67 -0.17
C VAL A 57 -9.09 3.11 -1.54
N PRO A 58 -8.00 2.48 -2.02
CA PRO A 58 -7.22 1.46 -1.34
C PRO A 58 -6.35 2.09 -0.26
N THR A 59 -6.56 1.70 0.99
CA THR A 59 -5.98 2.32 2.18
C THR A 59 -4.62 1.65 2.41
N ILE A 60 -3.53 2.40 2.32
CA ILE A 60 -2.18 1.84 2.29
C ILE A 60 -1.31 2.63 3.26
N VAL A 61 -0.43 1.93 3.96
CA VAL A 61 0.55 2.51 4.85
C VAL A 61 1.91 2.20 4.24
N ILE A 62 2.77 3.20 4.08
CA ILE A 62 4.20 3.01 3.75
C ILE A 62 5.00 3.71 4.81
N ASN A 63 6.19 3.18 5.16
CA ASN A 63 6.98 3.38 6.39
C ASN A 63 6.23 3.32 7.73
N GLY A 64 5.06 3.94 7.81
CA GLY A 64 4.16 4.12 8.92
C GLY A 64 3.05 5.14 8.56
N ASP A 65 3.15 5.88 7.45
CA ASP A 65 2.23 6.96 7.07
C ASP A 65 1.07 6.43 6.22
N VAL A 66 -0.15 6.84 6.58
CA VAL A 66 -1.42 6.33 6.10
C VAL A 66 -1.88 7.17 4.91
N GLU A 67 -2.20 6.56 3.77
CA GLU A 67 -2.46 7.27 2.52
C GLU A 67 -3.23 6.37 1.55
N PHE A 68 -3.56 6.84 0.35
CA PHE A 68 -4.14 6.08 -0.74
C PHE A 68 -3.84 6.85 -2.02
N ILE A 69 -3.29 6.21 -3.05
CA ILE A 69 -2.89 6.92 -4.25
C ILE A 69 -3.23 6.07 -5.48
N GLY A 70 -4.42 6.31 -6.03
CA GLY A 70 -4.85 5.76 -7.30
C GLY A 70 -6.05 4.81 -7.14
N ALA A 71 -6.47 4.22 -8.25
CA ALA A 71 -7.30 3.03 -8.28
C ALA A 71 -6.53 1.80 -7.77
N PRO A 72 -5.31 1.49 -8.25
CA PRO A 72 -4.46 0.53 -7.57
C PRO A 72 -3.98 1.08 -6.22
N THR A 73 -3.23 0.24 -5.52
CA THR A 73 -2.50 0.51 -4.30
C THR A 73 -1.50 1.67 -4.49
N LYS A 74 -0.66 1.96 -3.48
CA LYS A 74 0.11 3.21 -3.32
C LYS A 74 1.26 3.37 -4.34
N GLU A 75 1.09 3.00 -5.60
CA GLU A 75 2.13 2.87 -6.62
C GLU A 75 2.88 4.19 -6.83
N ALA A 76 2.18 5.32 -6.80
CA ALA A 76 2.77 6.65 -6.87
C ALA A 76 3.83 6.89 -5.79
N LEU A 77 3.60 6.43 -4.57
CA LEU A 77 4.60 6.51 -3.50
C LEU A 77 5.56 5.32 -3.56
N VAL A 78 5.15 4.17 -4.10
CA VAL A 78 6.01 2.99 -4.24
C VAL A 78 7.20 3.33 -5.15
N GLU A 79 6.96 4.14 -6.18
CA GLU A 79 7.93 4.78 -7.08
C GLU A 79 8.92 5.71 -6.35
N ALA A 80 8.73 5.96 -5.05
CA ALA A 80 9.52 6.88 -4.25
C ALA A 80 10.08 6.22 -2.98
N ILE A 81 9.37 5.31 -2.32
CA ILE A 81 9.99 4.44 -1.33
C ILE A 81 11.08 3.60 -2.00
N LYS A 82 10.94 3.24 -3.30
CA LYS A 82 12.07 2.65 -4.03
C LYS A 82 13.26 3.60 -4.22
N LYS A 83 13.05 4.93 -4.15
CA LYS A 83 14.02 5.93 -4.55
C LYS A 83 14.89 6.32 -3.37
N ARG A 84 14.26 6.60 -2.21
CA ARG A 84 14.88 7.00 -0.95
C ARG A 84 13.73 7.14 0.04
N LEU A 85 13.29 6.01 0.60
CA LEU A 85 12.21 6.03 1.59
C LEU A 85 12.57 6.91 2.76
N MET A 1 6.52 2.36 12.65
CA MET A 1 7.96 2.19 12.90
C MET A 1 8.76 2.35 11.61
N SER A 2 10.10 2.40 11.71
CA SER A 2 11.00 2.59 10.58
C SER A 2 11.04 1.36 9.66
N LYS A 3 10.06 1.25 8.77
CA LYS A 3 10.10 0.46 7.54
C LYS A 3 9.16 1.16 6.54
N VAL A 4 9.23 0.85 5.26
CA VAL A 4 8.43 1.52 4.23
C VAL A 4 7.00 0.97 4.30
N LYS A 5 6.05 1.74 4.85
CA LYS A 5 4.67 1.30 5.02
C LYS A 5 3.86 1.66 3.79
N ILE A 6 3.40 0.67 3.06
CA ILE A 6 2.59 0.81 1.87
C ILE A 6 1.35 -0.06 2.12
N GLU A 7 0.18 0.41 1.73
CA GLU A 7 -1.08 -0.30 1.92
C GLU A 7 -1.87 -0.19 0.63
N LEU A 8 -2.51 -1.27 0.20
CA LEU A 8 -3.22 -1.38 -1.06
C LEU A 8 -4.68 -1.69 -0.74
N PHE A 9 -5.51 -0.66 -0.59
CA PHE A 9 -6.92 -0.76 -0.26
C PHE A 9 -7.71 -0.45 -1.54
N THR A 10 -7.74 -1.43 -2.44
CA THR A 10 -8.55 -1.43 -3.67
C THR A 10 -8.93 -2.88 -3.94
N SER A 11 -9.90 -3.15 -4.79
CA SER A 11 -10.21 -4.49 -5.27
C SER A 11 -10.27 -4.44 -6.80
N PRO A 12 -9.12 -4.55 -7.48
CA PRO A 12 -9.07 -4.50 -8.93
C PRO A 12 -9.83 -5.70 -9.48
N MET A 13 -10.95 -5.44 -10.15
CA MET A 13 -11.80 -6.47 -10.72
C MET A 13 -11.92 -6.20 -12.21
N CYS A 14 -12.40 -5.02 -12.60
CA CYS A 14 -12.51 -4.63 -14.00
C CYS A 14 -11.14 -4.74 -14.71
N PRO A 15 -10.07 -4.06 -14.27
CA PRO A 15 -8.74 -4.23 -14.86
C PRO A 15 -8.02 -5.48 -14.34
N HIS A 16 -8.51 -6.09 -13.25
CA HIS A 16 -8.01 -7.27 -12.54
C HIS A 16 -6.49 -7.31 -12.24
N CYS A 17 -5.78 -6.18 -12.34
CA CYS A 17 -4.34 -6.13 -12.34
C CYS A 17 -3.69 -6.58 -11.02
N PRO A 18 -2.42 -7.02 -11.06
CA PRO A 18 -1.61 -7.44 -9.92
C PRO A 18 -1.15 -6.24 -9.07
N ALA A 19 -2.10 -5.50 -8.50
CA ALA A 19 -1.89 -4.21 -7.83
C ALA A 19 -0.76 -4.24 -6.81
N ALA A 20 -0.97 -4.86 -5.65
CA ALA A 20 0.05 -4.88 -4.59
C ALA A 20 1.31 -5.64 -5.03
N LYS A 21 1.20 -6.53 -6.01
CA LYS A 21 2.31 -7.35 -6.47
C LYS A 21 3.28 -6.46 -7.23
N ARG A 22 2.83 -5.72 -8.25
CA ARG A 22 3.71 -4.79 -8.92
C ARG A 22 4.13 -3.67 -7.99
N VAL A 23 3.28 -3.19 -7.08
CA VAL A 23 3.70 -2.21 -6.09
C VAL A 23 4.88 -2.79 -5.26
N VAL A 24 4.79 -4.00 -4.70
CA VAL A 24 5.88 -4.55 -3.88
C VAL A 24 7.13 -4.85 -4.69
N GLU A 25 6.99 -5.25 -5.96
CA GLU A 25 8.11 -5.49 -6.86
C GLU A 25 8.86 -4.17 -7.12
N GLU A 26 8.07 -3.12 -7.41
CA GLU A 26 8.53 -1.79 -7.70
C GLU A 26 9.36 -1.24 -6.53
N VAL A 27 8.86 -1.32 -5.29
CA VAL A 27 9.65 -0.87 -4.14
C VAL A 27 10.70 -1.88 -3.68
N ALA A 28 10.54 -3.19 -3.93
CA ALA A 28 11.59 -4.15 -3.60
C ALA A 28 12.83 -3.90 -4.45
N ASN A 29 12.66 -3.28 -5.63
CA ASN A 29 13.80 -2.78 -6.42
C ASN A 29 14.66 -1.73 -5.69
N GLU A 30 14.18 -1.16 -4.58
CA GLU A 30 14.75 -0.04 -3.86
C GLU A 30 15.06 -0.43 -2.42
N MET A 31 14.06 -0.89 -1.66
CA MET A 31 14.20 -1.39 -0.30
C MET A 31 13.75 -2.86 -0.29
N PRO A 32 14.66 -3.82 -0.51
CA PRO A 32 14.30 -5.21 -0.80
C PRO A 32 13.72 -6.00 0.40
N ASP A 33 13.33 -5.37 1.52
CA ASP A 33 12.93 -6.06 2.75
C ASP A 33 12.48 -5.09 3.84
N ALA A 34 12.93 -3.83 3.91
CA ALA A 34 12.23 -2.81 4.69
C ALA A 34 10.83 -2.52 4.12
N VAL A 35 10.52 -3.05 2.94
CA VAL A 35 9.23 -2.95 2.31
C VAL A 35 8.15 -3.65 3.16
N GLU A 36 6.99 -3.02 3.28
CA GLU A 36 5.77 -3.63 3.75
C GLU A 36 4.65 -3.14 2.83
N VAL A 37 4.26 -3.94 1.82
CA VAL A 37 3.08 -3.65 1.01
C VAL A 37 1.97 -4.57 1.51
N GLU A 38 1.07 -4.06 2.34
CA GLU A 38 -0.08 -4.83 2.76
C GLU A 38 -1.10 -4.80 1.63
N TYR A 39 -1.44 -5.95 1.06
CA TYR A 39 -2.51 -6.08 0.08
C TYR A 39 -3.76 -6.39 0.89
N ILE A 40 -4.77 -5.53 0.81
CA ILE A 40 -6.07 -5.78 1.43
C ILE A 40 -7.13 -5.51 0.38
N ASN A 41 -7.39 -6.52 -0.45
CA ASN A 41 -8.36 -6.40 -1.51
C ASN A 41 -9.73 -6.10 -0.91
N VAL A 42 -10.29 -4.96 -1.29
CA VAL A 42 -11.50 -4.41 -0.67
C VAL A 42 -12.67 -5.36 -0.94
N MET A 43 -13.15 -6.03 0.10
CA MET A 43 -14.32 -6.91 0.07
C MET A 43 -15.07 -6.69 1.37
N GLU A 44 -14.37 -6.86 2.48
CA GLU A 44 -14.86 -6.62 3.83
C GLU A 44 -14.92 -5.11 4.13
N ASN A 45 -14.24 -4.30 3.31
CA ASN A 45 -14.17 -2.84 3.34
C ASN A 45 -14.18 -2.27 4.77
N PRO A 46 -13.20 -2.65 5.62
CA PRO A 46 -13.14 -2.25 7.03
C PRO A 46 -12.86 -0.76 7.22
N GLN A 47 -13.45 -0.16 8.26
CA GLN A 47 -13.15 1.20 8.70
C GLN A 47 -11.67 1.40 9.04
N LYS A 48 -10.90 0.34 9.29
CA LYS A 48 -9.48 0.46 9.59
C LYS A 48 -8.71 1.28 8.55
N ALA A 49 -9.01 1.13 7.25
CA ALA A 49 -8.61 2.09 6.22
C ALA A 49 -9.68 3.17 5.99
N MET A 50 -10.97 2.82 5.97
CA MET A 50 -12.05 3.75 5.62
C MET A 50 -12.20 4.93 6.61
N GLU A 51 -11.46 4.94 7.72
CA GLU A 51 -11.28 6.08 8.62
C GLU A 51 -10.55 7.24 7.92
N TYR A 52 -9.76 6.95 6.88
CA TYR A 52 -8.93 7.92 6.18
C TYR A 52 -9.76 9.02 5.53
N GLY A 53 -9.11 10.13 5.21
CA GLY A 53 -9.73 11.28 4.58
C GLY A 53 -10.18 10.96 3.16
N ILE A 54 -9.38 10.19 2.40
CA ILE A 54 -9.69 9.82 1.02
C ILE A 54 -11.10 9.21 0.91
N MET A 55 -11.36 8.11 1.64
CA MET A 55 -12.53 7.23 1.55
C MET A 55 -12.82 6.62 0.17
N ALA A 56 -12.31 7.19 -0.92
CA ALA A 56 -12.57 6.81 -2.30
C ALA A 56 -11.86 5.50 -2.67
N VAL A 57 -11.89 5.20 -3.96
CA VAL A 57 -11.30 4.01 -4.54
C VAL A 57 -10.64 4.44 -5.86
N PRO A 58 -9.41 3.96 -6.16
CA PRO A 58 -8.57 3.17 -5.27
C PRO A 58 -8.13 4.01 -4.05
N THR A 59 -7.72 3.37 -2.96
CA THR A 59 -7.08 4.00 -1.82
C THR A 59 -5.74 3.29 -1.68
N ILE A 60 -4.64 4.05 -1.61
CA ILE A 60 -3.31 3.51 -1.45
C ILE A 60 -2.66 4.28 -0.31
N VAL A 61 -1.58 3.75 0.25
CA VAL A 61 -0.65 4.45 1.12
C VAL A 61 0.71 4.06 0.55
N ILE A 62 1.67 4.99 0.43
CA ILE A 62 3.06 4.64 0.11
C ILE A 62 3.96 5.30 1.15
N ASN A 63 5.08 4.65 1.50
CA ASN A 63 6.06 4.95 2.58
C ASN A 63 5.50 5.18 4.00
N GLY A 64 4.33 5.82 4.10
CA GLY A 64 3.44 5.98 5.23
C GLY A 64 2.31 6.97 4.88
N ASP A 65 2.36 7.68 3.74
CA ASP A 65 1.42 8.70 3.30
C ASP A 65 0.28 8.13 2.45
N VAL A 66 -0.96 8.31 2.91
CA VAL A 66 -2.18 7.86 2.23
C VAL A 66 -2.39 8.76 1.01
N GLU A 67 -2.88 8.22 -0.12
CA GLU A 67 -3.18 8.95 -1.35
C GLU A 67 -3.77 7.98 -2.39
N PHE A 68 -4.35 8.52 -3.46
CA PHE A 68 -4.67 7.79 -4.67
C PHE A 68 -4.34 8.65 -5.88
N ILE A 69 -3.96 8.03 -6.99
CA ILE A 69 -3.68 8.72 -8.23
C ILE A 69 -4.10 7.75 -9.35
N GLY A 70 -4.77 8.23 -10.39
CA GLY A 70 -5.01 7.47 -11.61
C GLY A 70 -6.22 6.55 -11.54
N ALA A 71 -6.44 5.81 -12.62
CA ALA A 71 -7.33 4.65 -12.68
C ALA A 71 -6.72 3.40 -12.02
N PRO A 72 -5.44 3.03 -12.25
CA PRO A 72 -4.80 1.97 -11.49
C PRO A 72 -4.54 2.45 -10.05
N THR A 73 -3.82 1.65 -9.26
CA THR A 73 -3.25 2.10 -8.01
C THR A 73 -2.17 3.17 -8.24
N LYS A 74 -1.32 3.46 -7.26
CA LYS A 74 -0.55 4.72 -7.16
C LYS A 74 0.57 4.91 -8.21
N GLU A 75 0.49 4.32 -9.40
CA GLU A 75 1.37 4.38 -10.57
C GLU A 75 2.15 5.70 -10.69
N ALA A 76 1.45 6.84 -10.68
CA ALA A 76 2.04 8.17 -10.80
C ALA A 76 3.13 8.39 -9.76
N LEU A 77 2.79 8.19 -8.49
CA LEU A 77 3.73 8.27 -7.39
C LEU A 77 4.66 7.05 -7.39
N VAL A 78 4.25 5.90 -7.92
CA VAL A 78 5.04 4.69 -7.92
C VAL A 78 6.35 4.93 -8.68
N GLU A 79 6.27 5.61 -9.82
CA GLU A 79 7.44 5.98 -10.62
C GLU A 79 8.39 6.92 -9.86
N ALA A 80 7.95 7.52 -8.74
CA ALA A 80 8.76 8.32 -7.84
C ALA A 80 9.20 7.52 -6.61
N ILE A 81 8.37 6.66 -6.01
CA ILE A 81 8.84 5.80 -4.92
C ILE A 81 10.04 4.96 -5.38
N LYS A 82 10.01 4.42 -6.61
CA LYS A 82 11.17 3.71 -7.16
C LYS A 82 12.34 4.61 -7.57
N LYS A 83 12.16 5.91 -7.81
CA LYS A 83 13.31 6.78 -8.07
C LYS A 83 13.94 7.19 -6.74
N ARG A 84 13.16 7.29 -5.66
CA ARG A 84 13.62 7.58 -4.31
C ARG A 84 12.46 7.58 -3.30
N LEU A 85 11.40 8.38 -3.50
CA LEU A 85 10.44 8.69 -2.47
C LEU A 85 9.12 9.11 -3.09
N MET A 1 17.32 1.39 14.26
CA MET A 1 16.02 0.97 13.70
C MET A 1 15.65 1.86 12.52
N SER A 2 14.87 1.33 11.59
CA SER A 2 14.12 2.06 10.57
C SER A 2 12.98 1.14 10.13
N LYS A 3 12.09 0.81 11.07
CA LYS A 3 10.98 -0.11 10.84
C LYS A 3 9.94 0.58 9.96
N VAL A 4 9.94 0.30 8.66
CA VAL A 4 8.98 0.86 7.72
C VAL A 4 7.73 -0.04 7.72
N LYS A 5 6.55 0.51 7.47
CA LYS A 5 5.29 -0.23 7.40
C LYS A 5 4.60 0.13 6.11
N ILE A 6 4.45 -0.85 5.22
CA ILE A 6 3.53 -0.80 4.11
C ILE A 6 2.32 -1.64 4.51
N GLU A 7 1.14 -1.19 4.09
CA GLU A 7 -0.07 -1.99 4.22
C GLU A 7 -0.95 -1.80 2.97
N LEU A 8 -1.83 -2.76 2.69
CA LEU A 8 -2.56 -2.89 1.44
C LEU A 8 -4.03 -3.16 1.76
N PHE A 9 -4.85 -2.11 1.92
CA PHE A 9 -6.25 -2.23 2.31
C PHE A 9 -7.13 -1.86 1.11
N THR A 10 -7.75 -2.83 0.45
CA THR A 10 -8.66 -2.65 -0.69
C THR A 10 -9.20 -4.01 -1.17
N SER A 11 -10.20 -4.00 -2.04
CA SER A 11 -10.76 -5.13 -2.76
C SER A 11 -10.81 -4.75 -4.26
N PRO A 12 -9.68 -4.77 -4.98
CA PRO A 12 -9.61 -4.24 -6.34
C PRO A 12 -10.23 -5.21 -7.37
N MET A 13 -11.56 -5.37 -7.34
CA MET A 13 -12.30 -6.32 -8.18
C MET A 13 -12.01 -6.12 -9.68
N CYS A 14 -11.95 -4.86 -10.14
CA CYS A 14 -11.70 -4.56 -11.54
C CYS A 14 -10.19 -4.66 -11.86
N PRO A 15 -9.30 -3.74 -11.43
CA PRO A 15 -7.92 -3.74 -11.91
C PRO A 15 -7.08 -4.89 -11.35
N HIS A 16 -7.41 -5.41 -10.16
CA HIS A 16 -6.57 -6.26 -9.31
C HIS A 16 -5.25 -5.59 -8.90
N CYS A 17 -4.40 -5.26 -9.88
CA CYS A 17 -2.97 -5.04 -9.73
C CYS A 17 -2.28 -6.28 -9.16
N PRO A 18 -0.94 -6.34 -9.17
CA PRO A 18 -0.19 -7.25 -8.32
C PRO A 18 -0.32 -6.92 -6.82
N ALA A 19 -0.82 -5.71 -6.49
CA ALA A 19 -1.04 -5.20 -5.14
C ALA A 19 0.13 -5.56 -4.22
N ALA A 20 -0.10 -6.21 -3.07
CA ALA A 20 0.95 -6.54 -2.12
C ALA A 20 2.17 -7.18 -2.76
N LYS A 21 2.07 -7.98 -3.84
CA LYS A 21 3.30 -8.50 -4.47
C LYS A 21 4.25 -7.37 -4.86
N ARG A 22 3.74 -6.32 -5.51
CA ARG A 22 4.61 -5.23 -5.93
C ARG A 22 4.91 -4.28 -4.81
N VAL A 23 3.98 -4.00 -3.90
CA VAL A 23 4.31 -3.09 -2.80
C VAL A 23 5.38 -3.79 -1.90
N VAL A 24 5.36 -5.13 -1.78
CA VAL A 24 6.46 -5.92 -1.22
C VAL A 24 7.73 -5.70 -2.02
N GLU A 25 7.76 -5.93 -3.35
CA GLU A 25 8.98 -5.77 -4.14
C GLU A 25 9.57 -4.36 -3.96
N GLU A 26 8.68 -3.37 -3.97
CA GLU A 26 8.94 -1.97 -3.77
C GLU A 26 9.73 -1.77 -2.48
N VAL A 27 9.13 -1.95 -1.30
CA VAL A 27 9.89 -1.65 -0.09
C VAL A 27 10.93 -2.72 0.27
N ALA A 28 10.80 -3.95 -0.22
CA ALA A 28 11.85 -4.94 0.02
C ALA A 28 13.13 -4.54 -0.73
N ASN A 29 13.03 -3.83 -1.87
CA ASN A 29 14.22 -3.24 -2.51
C ASN A 29 14.96 -2.25 -1.60
N GLU A 30 14.25 -1.62 -0.66
CA GLU A 30 14.84 -0.76 0.35
C GLU A 30 15.33 -1.63 1.50
N MET A 31 14.41 -2.30 2.20
CA MET A 31 14.64 -2.93 3.48
C MET A 31 14.11 -4.37 3.47
N PRO A 32 14.92 -5.32 3.00
CA PRO A 32 14.70 -6.74 3.22
C PRO A 32 15.10 -7.05 4.68
N ASP A 33 14.32 -6.54 5.64
CA ASP A 33 14.40 -6.78 7.08
C ASP A 33 13.28 -5.99 7.72
N ALA A 34 13.35 -4.67 7.59
CA ALA A 34 12.62 -3.73 8.44
C ALA A 34 11.22 -3.40 7.95
N VAL A 35 10.74 -4.02 6.89
CA VAL A 35 9.53 -3.64 6.17
C VAL A 35 8.39 -4.61 6.53
N GLU A 36 7.34 -4.10 7.19
CA GLU A 36 6.02 -4.76 7.20
C GLU A 36 5.35 -4.46 5.87
N VAL A 37 4.46 -5.36 5.43
CA VAL A 37 3.87 -5.41 4.10
C VAL A 37 2.50 -6.08 4.23
N GLU A 38 1.61 -5.53 5.07
CA GLU A 38 0.34 -6.17 5.37
C GLU A 38 -0.53 -6.24 4.11
N TYR A 39 -1.19 -7.37 3.84
CA TYR A 39 -2.17 -7.49 2.75
C TYR A 39 -3.51 -7.77 3.41
N ILE A 40 -4.37 -6.74 3.50
CA ILE A 40 -5.57 -6.78 4.32
C ILE A 40 -6.78 -6.43 3.45
N ASN A 41 -7.24 -7.41 2.67
CA ASN A 41 -8.28 -7.18 1.68
C ASN A 41 -9.60 -6.73 2.33
N VAL A 42 -10.35 -5.89 1.62
CA VAL A 42 -11.69 -5.48 2.03
C VAL A 42 -12.60 -6.70 1.84
N MET A 43 -12.77 -7.48 2.91
CA MET A 43 -13.55 -8.70 2.97
C MET A 43 -14.01 -8.88 4.41
N GLU A 44 -13.07 -9.04 5.34
CA GLU A 44 -13.36 -9.20 6.76
C GLU A 44 -12.28 -8.54 7.64
N ASN A 45 -11.39 -7.75 7.03
CA ASN A 45 -10.30 -7.09 7.72
C ASN A 45 -10.83 -5.89 8.50
N PRO A 46 -10.22 -5.52 9.66
CA PRO A 46 -10.66 -4.40 10.47
C PRO A 46 -10.49 -3.08 9.70
N GLN A 47 -11.45 -2.18 9.82
CA GLN A 47 -11.49 -0.88 9.14
C GLN A 47 -10.42 0.12 9.63
N LYS A 48 -9.35 -0.34 10.29
CA LYS A 48 -8.38 0.49 11.00
C LYS A 48 -7.80 1.63 10.17
N ALA A 49 -7.59 1.43 8.87
CA ALA A 49 -7.13 2.46 7.97
C ALA A 49 -8.29 3.22 7.30
N MET A 50 -9.43 2.57 7.16
CA MET A 50 -10.66 3.11 6.60
C MET A 50 -11.28 4.19 7.49
N GLU A 51 -11.05 4.17 8.80
CA GLU A 51 -11.63 5.14 9.73
C GLU A 51 -11.10 6.58 9.53
N TYR A 52 -9.98 6.71 8.84
CA TYR A 52 -9.31 7.97 8.55
C TYR A 52 -10.18 8.81 7.60
N GLY A 53 -10.18 10.13 7.74
CA GLY A 53 -11.13 11.04 7.09
C GLY A 53 -11.29 10.91 5.57
N ILE A 54 -10.24 10.49 4.85
CA ILE A 54 -10.31 10.19 3.42
C ILE A 54 -11.42 9.17 3.11
N MET A 55 -11.52 8.12 3.92
CA MET A 55 -12.42 6.97 3.80
C MET A 55 -12.58 6.45 2.35
N ALA A 56 -11.52 6.54 1.54
CA ALA A 56 -11.50 6.16 0.13
C ALA A 56 -10.44 5.09 -0.12
N VAL A 57 -10.30 4.69 -1.38
CA VAL A 57 -9.65 3.45 -1.81
C VAL A 57 -8.82 3.70 -3.08
N PRO A 58 -7.84 2.83 -3.40
CA PRO A 58 -7.31 1.77 -2.56
C PRO A 58 -6.50 2.37 -1.40
N THR A 59 -6.85 1.98 -0.18
CA THR A 59 -6.35 2.51 1.07
C THR A 59 -4.96 1.91 1.29
N ILE A 60 -3.92 2.45 0.66
CA ILE A 60 -2.59 1.88 0.76
C ILE A 60 -1.91 2.62 1.91
N VAL A 61 -0.93 2.02 2.57
CA VAL A 61 -0.16 2.67 3.64
C VAL A 61 1.29 2.58 3.21
N ILE A 62 2.01 3.70 3.22
CA ILE A 62 3.44 3.76 2.87
C ILE A 62 4.22 4.48 3.96
N ASN A 63 5.45 4.02 4.23
CA ASN A 63 6.30 4.25 5.41
C ASN A 63 5.61 4.09 6.77
N GLY A 64 4.47 4.73 6.97
CA GLY A 64 3.48 4.39 7.99
C GLY A 64 2.14 5.08 7.74
N ASP A 65 2.05 6.11 6.87
CA ASP A 65 0.80 6.83 6.65
C ASP A 65 -0.03 6.25 5.51
N VAL A 66 -1.35 6.41 5.58
CA VAL A 66 -2.25 6.04 4.49
C VAL A 66 -2.02 6.96 3.29
N GLU A 67 -2.47 6.53 2.10
CA GLU A 67 -2.73 7.33 0.91
C GLU A 67 -3.27 6.40 -0.19
N PHE A 68 -3.85 6.95 -1.24
CA PHE A 68 -4.16 6.26 -2.48
C PHE A 68 -3.63 7.12 -3.63
N ILE A 69 -3.32 6.53 -4.79
CA ILE A 69 -2.92 7.29 -5.95
C ILE A 69 -3.76 6.81 -7.14
N GLY A 70 -5.00 7.29 -7.19
CA GLY A 70 -5.87 7.08 -8.32
C GLY A 70 -6.64 5.76 -8.21
N ALA A 71 -7.19 5.32 -9.34
CA ALA A 71 -7.81 4.01 -9.46
C ALA A 71 -6.85 2.81 -9.30
N PRO A 72 -5.56 2.85 -9.68
CA PRO A 72 -4.65 1.75 -9.36
C PRO A 72 -4.28 1.79 -7.88
N THR A 73 -3.50 0.81 -7.44
CA THR A 73 -2.72 0.87 -6.21
C THR A 73 -1.70 2.04 -6.29
N LYS A 74 -0.80 2.18 -5.33
CA LYS A 74 -0.11 3.46 -5.09
C LYS A 74 0.97 3.79 -6.14
N GLU A 75 0.96 3.18 -7.33
CA GLU A 75 1.96 3.15 -8.39
C GLU A 75 2.88 4.38 -8.52
N ALA A 76 2.34 5.61 -8.53
CA ALA A 76 3.18 6.80 -8.62
C ALA A 76 4.13 6.89 -7.42
N LEU A 77 3.58 6.76 -6.21
CA LEU A 77 4.40 6.79 -5.00
C LEU A 77 5.19 5.50 -4.84
N VAL A 78 4.71 4.35 -5.34
CA VAL A 78 5.45 3.08 -5.33
C VAL A 78 6.81 3.31 -6.00
N GLU A 79 6.81 3.86 -7.23
CA GLU A 79 8.05 4.04 -7.97
C GLU A 79 9.00 5.01 -7.26
N ALA A 80 8.47 5.97 -6.48
CA ALA A 80 9.28 6.82 -5.63
C ALA A 80 9.83 6.01 -4.45
N ILE A 81 8.98 5.54 -3.54
CA ILE A 81 9.48 5.00 -2.27
C ILE A 81 10.40 3.79 -2.46
N LYS A 82 10.27 3.02 -3.57
CA LYS A 82 11.24 1.95 -3.84
C LYS A 82 12.63 2.45 -4.19
N LYS A 83 12.80 3.63 -4.81
CA LYS A 83 14.14 4.19 -4.97
C LYS A 83 14.60 4.80 -3.65
N ARG A 84 13.70 5.47 -2.94
CA ARG A 84 13.86 6.22 -1.72
C ARG A 84 12.52 6.92 -1.56
N LEU A 85 11.97 6.86 -0.36
CA LEU A 85 10.89 7.70 0.17
C LEU A 85 10.78 9.01 -0.59
N MET A 1 19.11 1.63 11.90
CA MET A 1 18.41 0.93 10.80
C MET A 1 17.03 1.57 10.62
N SER A 2 15.93 0.82 10.44
CA SER A 2 14.72 1.41 9.86
C SER A 2 13.38 0.93 10.42
N LYS A 3 13.28 -0.31 10.90
CA LYS A 3 12.05 -0.96 11.37
C LYS A 3 10.81 -0.56 10.55
N VAL A 4 10.87 -0.65 9.21
CA VAL A 4 9.71 -0.21 8.44
C VAL A 4 8.61 -1.26 8.57
N LYS A 5 7.35 -0.81 8.54
CA LYS A 5 6.21 -1.68 8.34
C LYS A 5 5.55 -1.29 7.02
N ILE A 6 4.73 -2.16 6.45
CA ILE A 6 3.85 -1.80 5.34
C ILE A 6 2.50 -2.49 5.57
N GLU A 7 1.40 -1.79 5.30
CA GLU A 7 0.07 -2.34 5.47
C GLU A 7 -0.71 -2.14 4.18
N LEU A 8 -1.49 -3.14 3.81
CA LEU A 8 -2.30 -3.20 2.61
C LEU A 8 -3.72 -3.56 3.03
N PHE A 9 -4.53 -2.54 3.32
CA PHE A 9 -5.94 -2.67 3.63
C PHE A 9 -6.68 -2.29 2.35
N THR A 10 -6.78 -3.26 1.44
CA THR A 10 -7.24 -3.10 0.06
C THR A 10 -8.16 -4.28 -0.29
N SER A 11 -8.74 -4.35 -1.49
CA SER A 11 -9.33 -5.59 -1.97
C SER A 11 -8.86 -5.87 -3.40
N PRO A 12 -8.82 -7.14 -3.83
CA PRO A 12 -8.56 -7.49 -5.21
C PRO A 12 -9.82 -7.19 -6.01
N MET A 13 -9.89 -5.99 -6.60
CA MET A 13 -11.11 -5.57 -7.28
C MET A 13 -11.45 -6.50 -8.44
N CYS A 14 -10.41 -7.07 -9.07
CA CYS A 14 -10.31 -7.92 -10.26
C CYS A 14 -9.18 -7.39 -11.15
N PRO A 15 -9.22 -6.14 -11.63
CA PRO A 15 -8.07 -5.55 -12.33
C PRO A 15 -6.88 -5.41 -11.38
N HIS A 16 -6.93 -4.46 -10.44
CA HIS A 16 -5.93 -4.44 -9.36
C HIS A 16 -6.16 -5.66 -8.48
N CYS A 17 -5.10 -6.44 -8.20
CA CYS A 17 -5.12 -7.59 -7.31
C CYS A 17 -3.79 -7.80 -6.54
N PRO A 18 -2.60 -7.78 -7.17
CA PRO A 18 -1.38 -8.26 -6.49
C PRO A 18 -0.97 -7.51 -5.22
N ALA A 19 -1.42 -6.28 -4.99
CA ALA A 19 -1.14 -5.42 -3.83
C ALA A 19 0.10 -5.80 -3.03
N ALA A 20 -0.05 -6.50 -1.89
CA ALA A 20 1.07 -6.78 -1.02
C ALA A 20 2.19 -7.51 -1.73
N LYS A 21 1.95 -8.38 -2.71
CA LYS A 21 3.03 -9.13 -3.35
C LYS A 21 4.10 -8.15 -3.87
N ARG A 22 3.71 -7.13 -4.63
CA ARG A 22 4.63 -6.08 -5.04
C ARG A 22 5.09 -5.22 -3.88
N VAL A 23 4.16 -4.76 -3.05
CA VAL A 23 4.50 -3.75 -2.07
C VAL A 23 5.50 -4.34 -1.05
N VAL A 24 5.41 -5.62 -0.68
CA VAL A 24 6.38 -6.34 0.13
C VAL A 24 7.64 -6.65 -0.65
N GLU A 25 7.55 -7.02 -1.94
CA GLU A 25 8.72 -7.11 -2.81
C GLU A 25 9.53 -5.81 -2.73
N GLU A 26 8.87 -4.65 -2.75
CA GLU A 26 9.53 -3.36 -2.79
C GLU A 26 10.06 -2.92 -1.41
N VAL A 27 9.42 -3.22 -0.27
CA VAL A 27 10.07 -2.98 1.03
C VAL A 27 11.23 -3.96 1.26
N ALA A 28 11.07 -5.23 0.91
CA ALA A 28 12.09 -6.25 1.12
C ALA A 28 13.26 -6.07 0.15
N ASN A 29 13.04 -5.43 -1.00
CA ASN A 29 14.08 -4.99 -1.92
C ASN A 29 15.09 -4.16 -1.13
N GLU A 30 14.64 -3.05 -0.54
CA GLU A 30 15.54 -2.17 0.16
C GLU A 30 16.06 -2.80 1.44
N MET A 31 15.19 -3.34 2.30
CA MET A 31 15.57 -3.86 3.60
C MET A 31 14.98 -5.25 3.81
N PRO A 32 15.67 -6.31 3.36
CA PRO A 32 15.33 -7.68 3.73
C PRO A 32 15.78 -7.94 5.19
N ASP A 33 15.18 -7.23 6.14
CA ASP A 33 15.36 -7.34 7.59
C ASP A 33 14.43 -6.35 8.27
N ALA A 34 14.67 -5.05 8.06
CA ALA A 34 13.94 -3.95 8.68
C ALA A 34 12.59 -3.71 8.00
N VAL A 35 11.78 -4.77 7.92
CA VAL A 35 10.55 -4.84 7.19
C VAL A 35 9.56 -5.68 8.02
N GLU A 36 8.34 -5.19 8.22
CA GLU A 36 7.15 -5.93 8.63
C GLU A 36 6.11 -5.67 7.55
N VAL A 37 5.19 -6.61 7.33
CA VAL A 37 4.18 -6.48 6.29
C VAL A 37 2.85 -7.00 6.81
N GLU A 38 1.75 -6.39 6.38
CA GLU A 38 0.40 -6.81 6.73
C GLU A 38 -0.43 -6.69 5.44
N TYR A 39 -1.06 -7.79 5.03
CA TYR A 39 -1.96 -7.86 3.88
C TYR A 39 -3.32 -8.26 4.42
N ILE A 40 -4.25 -7.33 4.48
CA ILE A 40 -5.51 -7.47 5.19
C ILE A 40 -6.62 -7.06 4.24
N ASN A 41 -7.09 -8.02 3.44
CA ASN A 41 -8.14 -7.74 2.45
C ASN A 41 -9.38 -7.18 3.16
N VAL A 42 -10.06 -6.21 2.55
CA VAL A 42 -11.16 -5.44 3.14
C VAL A 42 -12.37 -6.35 3.41
N MET A 43 -12.35 -7.03 4.55
CA MET A 43 -13.32 -7.93 5.13
C MET A 43 -12.73 -8.35 6.48
N GLU A 44 -13.55 -8.92 7.34
CA GLU A 44 -13.14 -9.77 8.47
C GLU A 44 -12.10 -9.13 9.43
N ASN A 45 -11.95 -7.81 9.41
CA ASN A 45 -10.97 -7.04 10.18
C ASN A 45 -11.66 -5.76 10.65
N PRO A 46 -11.39 -5.25 11.86
CA PRO A 46 -12.13 -4.13 12.43
C PRO A 46 -12.00 -2.83 11.63
N GLN A 47 -12.84 -1.86 11.98
CA GLN A 47 -12.92 -0.58 11.32
C GLN A 47 -11.84 0.40 11.79
N LYS A 48 -10.75 -0.09 12.41
CA LYS A 48 -9.60 0.74 12.79
C LYS A 48 -9.02 1.51 11.59
N ALA A 49 -9.15 0.95 10.39
CA ALA A 49 -8.89 1.65 9.14
C ALA A 49 -10.15 2.31 8.57
N MET A 50 -11.32 1.67 8.68
CA MET A 50 -12.53 2.21 8.06
C MET A 50 -12.98 3.53 8.68
N GLU A 51 -12.43 3.91 9.83
CA GLU A 51 -12.63 5.20 10.42
C GLU A 51 -12.10 6.36 9.55
N TYR A 52 -11.19 6.10 8.59
CA TYR A 52 -10.53 7.13 7.80
C TYR A 52 -11.55 7.93 6.96
N GLY A 53 -11.21 9.17 6.63
CA GLY A 53 -12.05 10.07 5.87
C GLY A 53 -12.32 9.52 4.48
N ILE A 54 -13.51 9.80 3.94
CA ILE A 54 -14.16 9.18 2.77
C ILE A 54 -14.05 7.64 2.74
N MET A 55 -13.66 7.01 3.85
CA MET A 55 -13.09 5.67 3.93
C MET A 55 -12.19 5.43 2.72
N ALA A 56 -11.19 6.29 2.59
CA ALA A 56 -10.28 6.35 1.46
C ALA A 56 -9.64 4.99 1.26
N VAL A 57 -9.91 4.38 0.12
CA VAL A 57 -9.38 3.09 -0.29
C VAL A 57 -8.53 3.33 -1.54
N PRO A 58 -7.46 2.55 -1.76
CA PRO A 58 -6.92 1.53 -0.87
C PRO A 58 -6.22 2.19 0.32
N THR A 59 -6.50 1.74 1.54
CA THR A 59 -5.76 2.16 2.71
C THR A 59 -4.37 1.50 2.61
N ILE A 60 -3.33 2.32 2.55
CA ILE A 60 -1.96 1.86 2.55
C ILE A 60 -1.28 2.55 3.72
N VAL A 61 -0.48 1.83 4.47
CA VAL A 61 0.43 2.42 5.44
C VAL A 61 1.83 2.09 4.92
N ILE A 62 2.74 3.08 4.92
CA ILE A 62 4.15 2.88 4.59
C ILE A 62 5.00 3.55 5.66
N ASN A 63 6.19 3.02 5.93
CA ASN A 63 7.01 3.30 7.12
C ASN A 63 6.18 3.05 8.40
N GLY A 64 5.26 3.95 8.73
CA GLY A 64 4.11 3.73 9.62
C GLY A 64 2.97 4.74 9.43
N ASP A 65 3.03 5.66 8.44
CA ASP A 65 1.99 6.68 8.18
C ASP A 65 0.94 6.18 7.17
N VAL A 66 -0.36 6.47 7.36
CA VAL A 66 -1.48 5.98 6.52
C VAL A 66 -1.82 6.97 5.39
N GLU A 67 -2.28 6.47 4.23
CA GLU A 67 -2.28 7.20 2.96
C GLU A 67 -2.92 6.34 1.84
N PHE A 68 -3.02 6.84 0.61
CA PHE A 68 -3.69 6.16 -0.51
C PHE A 68 -3.42 6.98 -1.77
N ILE A 69 -2.97 6.37 -2.87
CA ILE A 69 -2.68 7.08 -4.10
C ILE A 69 -3.27 6.29 -5.27
N GLY A 70 -4.46 6.70 -5.70
CA GLY A 70 -5.17 6.11 -6.82
C GLY A 70 -6.06 4.96 -6.38
N ALA A 71 -6.61 4.24 -7.36
CA ALA A 71 -7.24 2.95 -7.20
C ALA A 71 -6.23 1.80 -6.93
N PRO A 72 -5.05 1.72 -7.56
CA PRO A 72 -4.05 0.74 -7.13
C PRO A 72 -3.51 1.14 -5.76
N THR A 73 -2.68 0.26 -5.18
CA THR A 73 -1.87 0.57 -4.00
C THR A 73 -1.01 1.82 -4.25
N LYS A 74 -0.27 2.24 -3.22
CA LYS A 74 0.52 3.48 -3.19
C LYS A 74 1.77 3.40 -4.11
N GLU A 75 1.67 2.88 -5.33
CA GLU A 75 2.79 2.71 -6.25
C GLU A 75 3.60 4.00 -6.40
N ALA A 76 2.90 5.14 -6.44
CA ALA A 76 3.49 6.47 -6.43
C ALA A 76 4.45 6.64 -5.25
N LEU A 77 3.96 6.69 -4.00
CA LEU A 77 4.85 6.94 -2.86
C LEU A 77 5.78 5.76 -2.59
N VAL A 78 5.44 4.55 -3.02
CA VAL A 78 6.30 3.37 -2.93
C VAL A 78 7.55 3.59 -3.81
N GLU A 79 7.43 4.28 -4.95
CA GLU A 79 8.58 4.75 -5.73
C GLU A 79 9.48 5.71 -4.93
N ALA A 80 8.99 6.30 -3.83
CA ALA A 80 9.79 7.10 -2.91
C ALA A 80 10.37 6.23 -1.79
N ILE A 81 9.60 5.33 -1.15
CA ILE A 81 10.18 4.41 -0.16
C ILE A 81 11.40 3.67 -0.73
N LYS A 82 11.36 3.27 -2.00
CA LYS A 82 12.52 2.65 -2.66
C LYS A 82 13.53 3.64 -3.24
N LYS A 83 13.21 4.93 -3.32
CA LYS A 83 14.22 5.97 -3.46
C LYS A 83 15.04 5.97 -2.16
N ARG A 84 14.38 6.09 -1.01
CA ARG A 84 14.97 6.10 0.33
C ARG A 84 13.90 6.20 1.41
N LEU A 85 12.85 7.01 1.20
CA LEU A 85 11.78 7.23 2.16
C LEU A 85 10.57 7.67 1.41
N MET A 1 19.11 1.63 11.90
CA MET A 1 18.41 0.93 10.80
C MET A 1 17.03 1.57 10.62
N SER A 2 15.93 0.82 10.44
CA SER A 2 14.72 1.41 9.86
C SER A 2 13.38 0.93 10.42
N LYS A 3 13.28 -0.31 10.90
CA LYS A 3 12.05 -0.96 11.37
C LYS A 3 10.81 -0.56 10.55
N VAL A 4 10.87 -0.65 9.21
CA VAL A 4 9.71 -0.21 8.44
C VAL A 4 8.61 -1.26 8.57
N LYS A 5 7.35 -0.81 8.54
CA LYS A 5 6.21 -1.68 8.34
C LYS A 5 5.55 -1.29 7.02
N ILE A 6 4.73 -2.16 6.45
CA ILE A 6 3.85 -1.80 5.34
C ILE A 6 2.50 -2.49 5.57
N GLU A 7 1.40 -1.79 5.30
CA GLU A 7 0.07 -2.34 5.47
C GLU A 7 -0.71 -2.14 4.18
N LEU A 8 -1.49 -3.14 3.81
CA LEU A 8 -2.30 -3.20 2.61
C LEU A 8 -3.72 -3.56 3.03
N PHE A 9 -4.53 -2.54 3.32
CA PHE A 9 -5.94 -2.67 3.63
C PHE A 9 -6.68 -2.29 2.35
N THR A 10 -6.78 -3.26 1.44
CA THR A 10 -7.24 -3.10 0.06
C THR A 10 -8.16 -4.28 -0.29
N SER A 11 -8.74 -4.35 -1.49
CA SER A 11 -9.33 -5.59 -1.97
C SER A 11 -8.86 -5.87 -3.40
N PRO A 12 -8.82 -7.14 -3.83
CA PRO A 12 -8.56 -7.49 -5.21
C PRO A 12 -9.82 -7.19 -6.01
N MET A 13 -9.89 -5.99 -6.60
CA MET A 13 -11.11 -5.57 -7.28
C MET A 13 -11.45 -6.50 -8.44
N CYS A 14 -10.41 -7.07 -9.07
CA CYS A 14 -10.31 -7.92 -10.26
C CYS A 14 -9.18 -7.39 -11.15
N PRO A 15 -9.22 -6.14 -11.63
CA PRO A 15 -8.07 -5.55 -12.33
C PRO A 15 -6.88 -5.41 -11.38
N HIS A 16 -6.93 -4.46 -10.44
CA HIS A 16 -5.93 -4.44 -9.36
C HIS A 16 -6.16 -5.66 -8.48
N CYS A 17 -5.10 -6.44 -8.20
CA CYS A 17 -5.12 -7.59 -7.31
C CYS A 17 -3.79 -7.80 -6.54
N PRO A 18 -2.60 -7.78 -7.17
CA PRO A 18 -1.38 -8.26 -6.49
C PRO A 18 -0.97 -7.51 -5.22
N ALA A 19 -1.42 -6.28 -4.99
CA ALA A 19 -1.14 -5.42 -3.83
C ALA A 19 0.10 -5.80 -3.03
N ALA A 20 -0.05 -6.50 -1.89
CA ALA A 20 1.07 -6.78 -1.02
C ALA A 20 2.19 -7.51 -1.73
N LYS A 21 1.95 -8.38 -2.71
CA LYS A 21 3.03 -9.13 -3.35
C LYS A 21 4.10 -8.15 -3.87
N ARG A 22 3.71 -7.13 -4.63
CA ARG A 22 4.63 -6.08 -5.04
C ARG A 22 5.09 -5.22 -3.88
N VAL A 23 4.16 -4.76 -3.05
CA VAL A 23 4.50 -3.75 -2.07
C VAL A 23 5.50 -4.34 -1.05
N VAL A 24 5.41 -5.62 -0.68
CA VAL A 24 6.38 -6.34 0.13
C VAL A 24 7.64 -6.65 -0.65
N GLU A 25 7.55 -7.02 -1.94
CA GLU A 25 8.72 -7.11 -2.81
C GLU A 25 9.53 -5.81 -2.73
N GLU A 26 8.87 -4.65 -2.75
CA GLU A 26 9.53 -3.36 -2.79
C GLU A 26 10.06 -2.92 -1.41
N VAL A 27 9.42 -3.22 -0.27
CA VAL A 27 10.07 -2.98 1.03
C VAL A 27 11.23 -3.96 1.26
N ALA A 28 11.07 -5.23 0.91
CA ALA A 28 12.09 -6.25 1.12
C ALA A 28 13.26 -6.07 0.15
N ASN A 29 13.04 -5.43 -1.00
CA ASN A 29 14.08 -4.99 -1.92
C ASN A 29 15.09 -4.16 -1.13
N GLU A 30 14.64 -3.05 -0.54
CA GLU A 30 15.54 -2.17 0.16
C GLU A 30 16.06 -2.80 1.44
N MET A 31 15.19 -3.34 2.30
CA MET A 31 15.57 -3.86 3.60
C MET A 31 14.98 -5.25 3.81
N PRO A 32 15.67 -6.31 3.36
CA PRO A 32 15.33 -7.68 3.73
C PRO A 32 15.78 -7.94 5.19
N ASP A 33 15.18 -7.23 6.14
CA ASP A 33 15.36 -7.34 7.59
C ASP A 33 14.43 -6.35 8.27
N ALA A 34 14.67 -5.05 8.06
CA ALA A 34 13.94 -3.95 8.68
C ALA A 34 12.59 -3.71 8.00
N VAL A 35 11.78 -4.77 7.92
CA VAL A 35 10.55 -4.84 7.19
C VAL A 35 9.56 -5.68 8.02
N GLU A 36 8.34 -5.19 8.22
CA GLU A 36 7.15 -5.93 8.63
C GLU A 36 6.11 -5.67 7.55
N VAL A 37 5.19 -6.61 7.33
CA VAL A 37 4.18 -6.48 6.29
C VAL A 37 2.85 -7.00 6.81
N GLU A 38 1.75 -6.39 6.38
CA GLU A 38 0.40 -6.81 6.73
C GLU A 38 -0.43 -6.69 5.44
N TYR A 39 -1.06 -7.79 5.03
CA TYR A 39 -1.96 -7.86 3.88
C TYR A 39 -3.32 -8.26 4.42
N ILE A 40 -4.25 -7.33 4.48
CA ILE A 40 -5.51 -7.47 5.19
C ILE A 40 -6.62 -7.06 4.24
N ASN A 41 -7.09 -8.02 3.44
CA ASN A 41 -8.14 -7.74 2.45
C ASN A 41 -9.38 -7.18 3.16
N VAL A 42 -10.06 -6.21 2.55
CA VAL A 42 -11.16 -5.44 3.14
C VAL A 42 -12.37 -6.35 3.41
N MET A 43 -12.35 -7.03 4.55
CA MET A 43 -13.32 -7.93 5.13
C MET A 43 -12.73 -8.35 6.48
N GLU A 44 -13.55 -8.92 7.34
CA GLU A 44 -13.14 -9.77 8.47
C GLU A 44 -12.10 -9.13 9.43
N ASN A 45 -11.95 -7.81 9.41
CA ASN A 45 -10.97 -7.04 10.18
C ASN A 45 -11.66 -5.76 10.65
N PRO A 46 -11.39 -5.25 11.86
CA PRO A 46 -12.13 -4.13 12.43
C PRO A 46 -12.00 -2.83 11.63
N GLN A 47 -12.84 -1.86 11.98
CA GLN A 47 -12.92 -0.58 11.32
C GLN A 47 -11.84 0.40 11.79
N LYS A 48 -10.75 -0.09 12.41
CA LYS A 48 -9.60 0.74 12.79
C LYS A 48 -9.02 1.51 11.59
N ALA A 49 -9.15 0.95 10.39
CA ALA A 49 -8.89 1.65 9.14
C ALA A 49 -10.15 2.31 8.57
N MET A 50 -11.32 1.67 8.68
CA MET A 50 -12.53 2.21 8.06
C MET A 50 -12.98 3.53 8.68
N GLU A 51 -12.43 3.91 9.83
CA GLU A 51 -12.63 5.20 10.42
C GLU A 51 -12.10 6.36 9.55
N TYR A 52 -11.19 6.10 8.59
CA TYR A 52 -10.53 7.13 7.80
C TYR A 52 -11.55 7.93 6.96
N GLY A 53 -11.21 9.17 6.63
CA GLY A 53 -12.05 10.07 5.87
C GLY A 53 -12.32 9.52 4.48
N ILE A 54 -13.51 9.80 3.94
CA ILE A 54 -14.16 9.18 2.77
C ILE A 54 -14.05 7.64 2.74
N MET A 55 -13.66 7.01 3.85
CA MET A 55 -13.09 5.67 3.93
C MET A 55 -12.19 5.43 2.72
N ALA A 56 -11.19 6.29 2.59
CA ALA A 56 -10.28 6.35 1.46
C ALA A 56 -9.64 4.99 1.26
N VAL A 57 -9.91 4.38 0.12
CA VAL A 57 -9.38 3.09 -0.29
C VAL A 57 -8.53 3.33 -1.54
N PRO A 58 -7.46 2.55 -1.76
CA PRO A 58 -6.92 1.53 -0.87
C PRO A 58 -6.22 2.19 0.32
N THR A 59 -6.50 1.74 1.54
CA THR A 59 -5.76 2.16 2.71
C THR A 59 -4.37 1.50 2.61
N ILE A 60 -3.33 2.32 2.55
CA ILE A 60 -1.96 1.86 2.55
C ILE A 60 -1.28 2.55 3.72
N VAL A 61 -0.48 1.83 4.47
CA VAL A 61 0.43 2.42 5.44
C VAL A 61 1.83 2.09 4.92
N ILE A 62 2.74 3.08 4.92
CA ILE A 62 4.15 2.88 4.59
C ILE A 62 5.00 3.55 5.66
N ASN A 63 6.19 3.02 5.93
CA ASN A 63 7.01 3.30 7.12
C ASN A 63 6.18 3.05 8.40
N GLY A 64 5.26 3.95 8.73
CA GLY A 64 4.11 3.73 9.62
C GLY A 64 2.97 4.74 9.43
N ASP A 65 3.03 5.66 8.44
CA ASP A 65 1.99 6.68 8.18
C ASP A 65 0.94 6.18 7.17
N VAL A 66 -0.36 6.47 7.36
CA VAL A 66 -1.48 5.98 6.52
C VAL A 66 -1.82 6.97 5.39
N GLU A 67 -2.28 6.47 4.23
CA GLU A 67 -2.28 7.20 2.96
C GLU A 67 -2.92 6.34 1.84
N PHE A 68 -3.02 6.84 0.61
CA PHE A 68 -3.69 6.16 -0.51
C PHE A 68 -3.42 6.98 -1.77
N ILE A 69 -2.97 6.37 -2.87
CA ILE A 69 -2.68 7.08 -4.10
C ILE A 69 -3.27 6.29 -5.27
N GLY A 70 -4.46 6.70 -5.70
CA GLY A 70 -5.17 6.11 -6.82
C GLY A 70 -6.06 4.96 -6.38
N ALA A 71 -6.61 4.24 -7.36
CA ALA A 71 -7.24 2.95 -7.20
C ALA A 71 -6.23 1.80 -6.93
N PRO A 72 -5.05 1.72 -7.56
CA PRO A 72 -4.05 0.74 -7.13
C PRO A 72 -3.51 1.14 -5.76
N THR A 73 -2.68 0.26 -5.18
CA THR A 73 -1.87 0.57 -4.00
C THR A 73 -1.01 1.82 -4.25
N LYS A 74 -0.27 2.24 -3.22
CA LYS A 74 0.52 3.48 -3.19
C LYS A 74 1.77 3.40 -4.11
N GLU A 75 1.67 2.88 -5.33
CA GLU A 75 2.79 2.71 -6.25
C GLU A 75 3.60 4.00 -6.40
N ALA A 76 2.90 5.14 -6.44
CA ALA A 76 3.49 6.47 -6.43
C ALA A 76 4.45 6.64 -5.25
N LEU A 77 3.96 6.69 -4.00
CA LEU A 77 4.85 6.94 -2.86
C LEU A 77 5.78 5.76 -2.59
N VAL A 78 5.44 4.55 -3.02
CA VAL A 78 6.30 3.37 -2.93
C VAL A 78 7.55 3.59 -3.81
N GLU A 79 7.43 4.28 -4.95
CA GLU A 79 8.58 4.75 -5.73
C GLU A 79 9.48 5.71 -4.93
N ALA A 80 8.99 6.30 -3.83
CA ALA A 80 9.79 7.10 -2.91
C ALA A 80 10.37 6.23 -1.79
N ILE A 81 9.60 5.33 -1.15
CA ILE A 81 10.18 4.41 -0.16
C ILE A 81 11.40 3.67 -0.73
N LYS A 82 11.36 3.27 -2.00
CA LYS A 82 12.52 2.65 -2.66
C LYS A 82 13.53 3.64 -3.24
N LYS A 83 13.21 4.93 -3.32
CA LYS A 83 14.22 5.97 -3.46
C LYS A 83 15.04 5.97 -2.16
N ARG A 84 14.38 6.09 -1.01
CA ARG A 84 14.97 6.10 0.33
C ARG A 84 13.90 6.20 1.41
N LEU A 85 12.85 7.01 1.20
CA LEU A 85 11.78 7.23 2.16
C LEU A 85 10.57 7.67 1.41
N MET A 1 15.82 -0.89 14.66
CA MET A 1 14.70 0.06 14.71
C MET A 1 14.51 0.67 13.33
N SER A 2 13.39 1.37 13.12
CA SER A 2 12.90 1.85 11.84
C SER A 2 12.33 0.65 11.09
N LYS A 3 11.02 0.44 11.25
CA LYS A 3 10.22 -0.62 10.65
C LYS A 3 9.19 0.07 9.78
N VAL A 4 9.32 -0.06 8.47
CA VAL A 4 8.30 0.37 7.53
C VAL A 4 7.08 -0.54 7.71
N LYS A 5 5.99 0.05 8.21
CA LYS A 5 4.67 -0.55 8.04
C LYS A 5 4.24 -0.20 6.63
N ILE A 6 3.79 -1.20 5.88
CA ILE A 6 2.95 -0.99 4.72
C ILE A 6 1.71 -1.82 5.00
N GLU A 7 0.56 -1.34 4.57
CA GLU A 7 -0.67 -2.10 4.61
C GLU A 7 -1.40 -1.90 3.29
N LEU A 8 -2.19 -2.89 2.90
CA LEU A 8 -3.10 -2.84 1.77
C LEU A 8 -4.47 -3.23 2.30
N PHE A 9 -5.13 -2.27 2.92
CA PHE A 9 -6.54 -2.35 3.28
C PHE A 9 -7.31 -2.10 1.99
N THR A 10 -7.52 -3.17 1.21
CA THR A 10 -7.94 -3.05 -0.19
C THR A 10 -9.03 -4.08 -0.48
N SER A 11 -9.76 -4.00 -1.60
CA SER A 11 -10.84 -4.94 -1.89
C SER A 11 -11.24 -4.83 -3.37
N PRO A 12 -11.36 -3.63 -3.98
CA PRO A 12 -11.40 -3.51 -5.43
C PRO A 12 -10.07 -3.99 -6.03
N MET A 13 -9.98 -5.27 -6.35
CA MET A 13 -8.85 -6.00 -6.90
C MET A 13 -9.36 -6.84 -8.08
N CYS A 14 -8.44 -7.54 -8.77
CA CYS A 14 -8.54 -8.32 -10.01
C CYS A 14 -7.77 -7.59 -11.12
N PRO A 15 -8.15 -6.37 -11.58
CA PRO A 15 -7.29 -5.55 -12.44
C PRO A 15 -6.10 -4.95 -11.65
N HIS A 16 -5.51 -5.72 -10.74
CA HIS A 16 -4.39 -5.42 -9.88
C HIS A 16 -3.54 -6.68 -9.86
N CYS A 17 -2.71 -6.85 -10.89
CA CYS A 17 -1.69 -7.89 -10.88
C CYS A 17 -0.64 -7.57 -9.81
N PRO A 18 -0.03 -6.37 -9.78
CA PRO A 18 0.62 -5.91 -8.56
C PRO A 18 -0.44 -5.64 -7.49
N ALA A 19 -0.01 -5.67 -6.23
CA ALA A 19 -0.71 -5.38 -4.99
C ALA A 19 0.38 -5.57 -3.92
N ALA A 20 0.04 -6.12 -2.74
CA ALA A 20 0.97 -6.43 -1.67
C ALA A 20 2.26 -7.08 -2.18
N LYS A 21 2.18 -8.03 -3.11
CA LYS A 21 3.37 -8.65 -3.71
C LYS A 21 4.32 -7.61 -4.33
N ARG A 22 3.81 -6.69 -5.16
CA ARG A 22 4.66 -5.64 -5.72
C ARG A 22 5.23 -4.87 -4.55
N VAL A 23 4.36 -4.26 -3.74
CA VAL A 23 4.81 -3.29 -2.76
C VAL A 23 5.87 -3.94 -1.84
N VAL A 24 5.70 -5.20 -1.40
CA VAL A 24 6.71 -5.90 -0.60
C VAL A 24 8.01 -6.08 -1.39
N GLU A 25 8.01 -6.58 -2.64
CA GLU A 25 9.26 -6.75 -3.38
C GLU A 25 9.98 -5.39 -3.54
N GLU A 26 9.16 -4.40 -3.88
CA GLU A 26 9.48 -3.04 -4.25
C GLU A 26 10.17 -2.28 -3.12
N VAL A 27 9.81 -2.54 -1.86
CA VAL A 27 10.51 -1.94 -0.72
C VAL A 27 11.42 -2.91 0.03
N ALA A 28 11.23 -4.23 -0.08
CA ALA A 28 12.19 -5.20 0.43
C ALA A 28 13.51 -5.08 -0.32
N ASN A 29 13.49 -4.54 -1.54
CA ASN A 29 14.68 -4.06 -2.23
C ASN A 29 15.54 -3.17 -1.32
N GLU A 30 14.93 -2.24 -0.60
CA GLU A 30 15.63 -1.34 0.33
C GLU A 30 15.78 -1.99 1.71
N MET A 31 14.76 -2.67 2.20
CA MET A 31 14.61 -3.07 3.60
C MET A 31 14.06 -4.51 3.70
N PRO A 32 14.87 -5.54 3.44
CA PRO A 32 14.44 -6.94 3.44
C PRO A 32 14.21 -7.51 4.86
N ASP A 33 13.55 -6.77 5.75
CA ASP A 33 13.26 -7.12 7.15
C ASP A 33 12.44 -6.00 7.78
N ALA A 34 12.94 -4.76 7.70
CA ALA A 34 12.23 -3.61 8.28
C ALA A 34 10.94 -3.31 7.53
N VAL A 35 10.82 -3.64 6.24
CA VAL A 35 9.54 -3.58 5.55
C VAL A 35 8.73 -4.79 5.97
N GLU A 36 7.47 -4.56 6.34
CA GLU A 36 6.47 -5.60 6.31
C GLU A 36 5.21 -5.04 5.67
N VAL A 37 4.40 -5.93 5.09
CA VAL A 37 3.28 -5.60 4.23
C VAL A 37 2.10 -6.43 4.73
N GLU A 38 1.09 -5.80 5.31
CA GLU A 38 -0.13 -6.48 5.70
C GLU A 38 -1.08 -6.37 4.52
N TYR A 39 -1.27 -7.46 3.77
CA TYR A 39 -2.34 -7.55 2.79
C TYR A 39 -3.62 -7.90 3.55
N ILE A 40 -4.55 -6.95 3.73
CA ILE A 40 -5.76 -7.20 4.50
C ILE A 40 -6.96 -6.79 3.68
N ASN A 41 -7.49 -7.72 2.86
CA ASN A 41 -8.61 -7.36 2.02
C ASN A 41 -9.85 -7.06 2.86
N VAL A 42 -10.42 -5.86 2.71
CA VAL A 42 -11.58 -5.37 3.44
C VAL A 42 -12.71 -6.37 3.27
N MET A 43 -13.08 -7.02 4.37
CA MET A 43 -14.10 -8.03 4.50
C MET A 43 -14.40 -8.03 6.01
N GLU A 44 -14.10 -9.09 6.77
CA GLU A 44 -14.10 -9.03 8.24
C GLU A 44 -12.95 -8.16 8.76
N ASN A 45 -11.91 -7.97 7.93
CA ASN A 45 -10.73 -7.18 8.23
C ASN A 45 -11.13 -5.77 8.70
N PRO A 46 -10.92 -5.42 9.98
CA PRO A 46 -11.56 -4.27 10.60
C PRO A 46 -11.04 -2.94 10.04
N GLN A 47 -11.84 -1.89 10.20
CA GLN A 47 -11.59 -0.51 9.77
C GLN A 47 -10.39 0.17 10.47
N LYS A 48 -9.45 -0.54 11.08
CA LYS A 48 -8.27 0.05 11.71
C LYS A 48 -7.40 0.88 10.75
N ALA A 49 -7.52 0.68 9.43
CA ALA A 49 -6.98 1.60 8.43
C ALA A 49 -8.01 2.65 8.01
N MET A 50 -9.29 2.29 7.94
CA MET A 50 -10.35 3.20 7.54
C MET A 50 -10.65 4.26 8.60
N GLU A 51 -10.07 4.15 9.79
CA GLU A 51 -10.07 5.21 10.80
C GLU A 51 -9.33 6.47 10.27
N TYR A 52 -8.40 6.30 9.34
CA TYR A 52 -7.59 7.38 8.81
C TYR A 52 -8.45 8.29 7.94
N GLY A 53 -8.35 9.59 8.16
CA GLY A 53 -9.17 10.62 7.53
C GLY A 53 -9.09 10.72 5.99
N ILE A 54 -8.30 9.89 5.30
CA ILE A 54 -8.47 9.67 3.87
C ILE A 54 -9.83 9.01 3.62
N MET A 55 -10.11 7.93 4.35
CA MET A 55 -11.27 7.04 4.32
C MET A 55 -11.68 6.46 2.96
N ALA A 56 -11.10 6.92 1.85
CA ALA A 56 -11.12 6.28 0.56
C ALA A 56 -10.25 5.00 0.59
N VAL A 57 -10.04 4.39 -0.58
CA VAL A 57 -9.66 2.99 -0.76
C VAL A 57 -9.49 2.77 -2.27
N PRO A 58 -8.54 1.94 -2.77
CA PRO A 58 -7.61 1.01 -2.10
C PRO A 58 -6.66 1.67 -1.10
N THR A 59 -6.85 1.48 0.20
CA THR A 59 -6.19 2.20 1.28
C THR A 59 -4.79 1.58 1.45
N ILE A 60 -3.74 2.35 1.15
CA ILE A 60 -2.36 1.89 1.19
C ILE A 60 -1.62 2.71 2.23
N VAL A 61 -1.18 2.07 3.30
CA VAL A 61 -0.20 2.64 4.21
C VAL A 61 1.16 2.35 3.58
N ILE A 62 2.07 3.32 3.51
CA ILE A 62 3.50 3.08 3.29
C ILE A 62 4.31 3.86 4.32
N ASN A 63 5.56 3.48 4.61
CA ASN A 63 6.37 3.99 5.74
C ASN A 63 5.61 3.93 7.08
N GLY A 64 4.71 4.88 7.29
CA GLY A 64 3.69 5.02 8.32
C GLY A 64 2.77 6.21 7.97
N ASP A 65 2.74 6.59 6.69
CA ASP A 65 1.86 7.52 5.97
C ASP A 65 0.70 6.69 5.41
N VAL A 66 -0.48 7.29 5.21
CA VAL A 66 -1.74 6.57 5.01
C VAL A 66 -2.50 7.24 3.84
N GLU A 67 -2.61 6.56 2.69
CA GLU A 67 -2.89 7.22 1.42
C GLU A 67 -3.69 6.30 0.46
N PHE A 68 -3.97 6.77 -0.77
CA PHE A 68 -4.30 5.91 -1.91
C PHE A 68 -4.05 6.70 -3.19
N ILE A 69 -3.09 6.26 -4.00
CA ILE A 69 -2.91 6.89 -5.30
C ILE A 69 -3.88 6.21 -6.28
N GLY A 70 -5.16 6.54 -6.16
CA GLY A 70 -6.09 6.31 -7.26
C GLY A 70 -6.58 4.88 -7.37
N ALA A 71 -7.08 4.56 -8.57
CA ALA A 71 -7.51 3.22 -8.95
C ALA A 71 -6.43 2.11 -8.95
N PRO A 72 -5.10 2.35 -9.09
CA PRO A 72 -4.09 1.30 -8.89
C PRO A 72 -3.94 1.00 -7.39
N THR A 73 -2.75 1.01 -6.78
CA THR A 73 -2.57 1.00 -5.34
C THR A 73 -1.89 2.32 -4.95
N LYS A 74 -0.65 2.34 -4.44
CA LYS A 74 0.03 3.61 -4.11
C LYS A 74 0.86 4.12 -5.30
N GLU A 75 0.76 3.44 -6.43
CA GLU A 75 1.70 3.41 -7.55
C GLU A 75 2.42 4.71 -7.92
N ALA A 76 1.80 5.89 -8.11
CA ALA A 76 2.60 7.08 -8.45
C ALA A 76 3.58 7.49 -7.34
N LEU A 77 3.20 7.31 -6.08
CA LEU A 77 4.05 7.55 -4.92
C LEU A 77 4.87 6.29 -4.62
N VAL A 78 4.44 5.10 -5.05
CA VAL A 78 5.25 3.89 -4.94
C VAL A 78 6.54 4.03 -5.77
N GLU A 79 6.49 4.73 -6.92
CA GLU A 79 7.68 5.06 -7.68
C GLU A 79 8.69 5.86 -6.82
N ALA A 80 8.24 6.53 -5.75
CA ALA A 80 9.08 7.22 -4.79
C ALA A 80 9.53 6.25 -3.69
N ILE A 81 8.64 5.46 -3.08
CA ILE A 81 9.02 4.55 -1.99
C ILE A 81 10.12 3.59 -2.41
N LYS A 82 10.12 3.15 -3.67
CA LYS A 82 11.09 2.18 -4.13
C LYS A 82 12.51 2.73 -4.15
N LYS A 83 12.68 4.04 -4.44
CA LYS A 83 14.00 4.66 -4.27
C LYS A 83 14.21 4.98 -2.80
N ARG A 84 13.26 5.65 -2.14
CA ARG A 84 13.29 5.91 -0.70
C ARG A 84 11.89 6.25 -0.18
N LEU A 85 11.40 7.45 -0.53
CA LEU A 85 10.35 8.20 0.15
C LEU A 85 10.84 8.46 1.56
N MET A 1 15.44 2.28 16.34
CA MET A 1 14.26 2.02 15.50
C MET A 1 14.65 2.11 14.03
N SER A 2 14.18 1.19 13.21
CA SER A 2 14.20 1.26 11.75
C SER A 2 13.26 0.14 11.28
N LYS A 3 11.96 0.41 11.17
CA LYS A 3 10.97 -0.58 10.75
C LYS A 3 9.93 0.15 9.92
N VAL A 4 9.73 -0.28 8.68
CA VAL A 4 8.91 0.41 7.70
C VAL A 4 7.55 -0.28 7.72
N LYS A 5 6.50 0.41 8.16
CA LYS A 5 5.13 -0.11 8.05
C LYS A 5 4.62 0.12 6.65
N ILE A 6 3.93 -0.86 6.09
CA ILE A 6 3.19 -0.74 4.85
C ILE A 6 1.85 -1.41 5.15
N GLU A 7 0.75 -0.82 4.71
CA GLU A 7 -0.58 -1.41 4.86
C GLU A 7 -1.31 -1.19 3.54
N LEU A 8 -2.17 -2.13 3.17
CA LEU A 8 -2.83 -2.12 1.87
C LEU A 8 -4.30 -2.48 2.04
N PHE A 9 -5.08 -1.51 2.46
CA PHE A 9 -6.51 -1.62 2.66
C PHE A 9 -7.21 -1.24 1.36
N THR A 10 -7.54 -2.26 0.57
CA THR A 10 -8.29 -2.19 -0.68
C THR A 10 -8.45 -3.62 -1.18
N SER A 11 -9.21 -3.80 -2.26
CA SER A 11 -9.31 -5.04 -3.01
C SER A 11 -9.33 -4.67 -4.50
N PRO A 12 -8.24 -4.08 -5.03
CA PRO A 12 -8.23 -3.49 -6.36
C PRO A 12 -8.04 -4.61 -7.38
N MET A 13 -9.14 -5.26 -7.79
CA MET A 13 -9.14 -6.27 -8.85
C MET A 13 -8.14 -7.39 -8.51
N CYS A 14 -8.08 -7.84 -7.24
CA CYS A 14 -7.05 -8.75 -6.73
C CYS A 14 -6.71 -9.95 -7.65
N PRO A 15 -7.67 -10.79 -8.12
CA PRO A 15 -7.39 -11.87 -9.07
C PRO A 15 -7.16 -11.36 -10.51
N HIS A 16 -6.47 -10.23 -10.65
CA HIS A 16 -6.06 -9.56 -11.88
C HIS A 16 -4.76 -8.82 -11.57
N CYS A 17 -4.76 -8.06 -10.47
CA CYS A 17 -3.71 -7.13 -10.07
C CYS A 17 -3.17 -7.57 -8.71
N PRO A 18 -1.98 -8.18 -8.64
CA PRO A 18 -1.43 -8.70 -7.40
C PRO A 18 -0.87 -7.59 -6.52
N ALA A 19 -1.79 -6.85 -5.89
CA ALA A 19 -1.58 -5.58 -5.19
C ALA A 19 -0.43 -5.65 -4.18
N ALA A 20 -0.63 -6.28 -3.01
CA ALA A 20 0.43 -6.32 -2.04
C ALA A 20 1.64 -7.04 -2.59
N LYS A 21 1.52 -8.06 -3.45
CA LYS A 21 2.69 -8.73 -4.01
C LYS A 21 3.64 -7.70 -4.62
N ARG A 22 3.15 -6.81 -5.49
CA ARG A 22 4.01 -5.70 -5.93
C ARG A 22 4.47 -4.87 -4.76
N VAL A 23 3.56 -4.30 -3.97
CA VAL A 23 3.98 -3.29 -2.98
C VAL A 23 5.04 -3.88 -2.02
N VAL A 24 4.96 -5.15 -1.62
CA VAL A 24 5.94 -5.77 -0.75
C VAL A 24 7.22 -6.15 -1.50
N GLU A 25 7.17 -6.49 -2.79
CA GLU A 25 8.36 -6.63 -3.63
C GLU A 25 9.11 -5.29 -3.67
N GLU A 26 8.33 -4.22 -3.85
CA GLU A 26 8.76 -2.84 -3.98
C GLU A 26 9.55 -2.43 -2.74
N VAL A 27 8.98 -2.55 -1.54
CA VAL A 27 9.75 -2.21 -0.34
C VAL A 27 10.84 -3.23 -0.02
N ALA A 28 10.70 -4.52 -0.37
CA ALA A 28 11.83 -5.45 -0.18
C ALA A 28 13.04 -5.03 -1.04
N ASN A 29 12.81 -4.31 -2.13
CA ASN A 29 13.87 -3.74 -2.96
C ASN A 29 14.81 -2.79 -2.22
N GLU A 30 14.42 -2.28 -1.05
CA GLU A 30 15.17 -1.28 -0.28
C GLU A 30 15.31 -1.66 1.20
N MET A 31 14.30 -2.35 1.73
CA MET A 31 14.18 -2.78 3.12
C MET A 31 13.87 -4.28 3.14
N PRO A 32 14.82 -5.13 2.73
CA PRO A 32 14.68 -6.58 2.57
C PRO A 32 14.53 -7.35 3.90
N ASP A 33 13.92 -6.79 4.94
CA ASP A 33 14.10 -7.21 6.32
C ASP A 33 13.20 -6.36 7.22
N ALA A 34 13.35 -5.03 7.19
CA ALA A 34 12.55 -4.08 7.97
C ALA A 34 11.10 -3.90 7.44
N VAL A 35 10.63 -4.79 6.58
CA VAL A 35 9.42 -4.67 5.78
C VAL A 35 8.21 -5.25 6.54
N GLU A 36 7.49 -4.41 7.31
CA GLU A 36 6.31 -4.82 8.07
C GLU A 36 5.06 -4.48 7.26
N VAL A 37 4.73 -5.37 6.33
CA VAL A 37 3.69 -5.25 5.32
C VAL A 37 2.40 -5.91 5.79
N GLU A 38 1.26 -5.28 5.52
CA GLU A 38 -0.05 -5.81 5.82
C GLU A 38 -0.89 -5.70 4.54
N TYR A 39 -1.15 -6.82 3.85
CA TYR A 39 -2.19 -6.88 2.83
C TYR A 39 -3.52 -7.05 3.57
N ILE A 40 -4.48 -6.14 3.42
CA ILE A 40 -5.81 -6.33 3.98
C ILE A 40 -6.88 -6.07 2.91
N ASN A 41 -7.24 -7.16 2.25
CA ASN A 41 -8.33 -7.29 1.30
C ASN A 41 -9.63 -6.71 1.88
N VAL A 42 -10.09 -5.62 1.29
CA VAL A 42 -11.46 -5.13 1.47
C VAL A 42 -12.41 -6.27 1.08
N MET A 43 -13.08 -6.84 2.08
CA MET A 43 -13.96 -7.99 2.06
C MET A 43 -14.43 -8.12 3.50
N GLU A 44 -13.49 -8.33 4.41
CA GLU A 44 -13.66 -8.83 5.75
C GLU A 44 -12.42 -8.28 6.44
N ASN A 45 -12.55 -7.16 7.16
CA ASN A 45 -11.46 -6.68 8.00
C ASN A 45 -11.98 -5.83 9.17
N PRO A 46 -11.21 -5.72 10.27
CA PRO A 46 -11.48 -4.75 11.32
C PRO A 46 -11.40 -3.30 10.83
N GLN A 47 -11.94 -2.39 11.63
CA GLN A 47 -12.14 -0.98 11.29
C GLN A 47 -10.83 -0.19 11.28
N LYS A 48 -9.70 -0.75 11.71
CA LYS A 48 -8.43 -0.05 11.89
C LYS A 48 -8.04 0.91 10.76
N ALA A 49 -8.32 0.57 9.50
CA ALA A 49 -8.04 1.41 8.34
C ALA A 49 -9.23 2.31 7.97
N MET A 50 -10.46 1.88 8.26
CA MET A 50 -11.63 2.75 8.22
C MET A 50 -11.58 3.80 9.33
N GLU A 51 -10.65 3.71 10.29
CA GLU A 51 -10.44 4.78 11.27
C GLU A 51 -9.90 6.06 10.58
N TYR A 52 -9.23 5.91 9.43
CA TYR A 52 -8.38 6.94 8.87
C TYR A 52 -9.21 8.10 8.29
N GLY A 53 -8.56 9.26 8.14
CA GLY A 53 -9.13 10.45 7.54
C GLY A 53 -9.67 10.13 6.15
N ILE A 54 -10.91 10.54 5.89
CA ILE A 54 -11.73 10.35 4.68
C ILE A 54 -12.04 8.90 4.31
N MET A 55 -11.22 7.92 4.72
CA MET A 55 -11.19 6.53 4.32
C MET A 55 -10.93 6.36 2.82
N ALA A 56 -11.83 6.89 1.97
CA ALA A 56 -11.93 6.82 0.52
C ALA A 56 -11.99 5.39 -0.02
N VAL A 57 -10.88 4.68 0.11
CA VAL A 57 -10.54 3.41 -0.54
C VAL A 57 -10.11 3.72 -2.00
N PRO A 58 -8.90 3.29 -2.44
CA PRO A 58 -7.92 2.54 -1.67
C PRO A 58 -7.29 3.38 -0.57
N THR A 59 -6.63 2.71 0.36
CA THR A 59 -6.23 3.25 1.65
C THR A 59 -4.89 2.56 1.93
N ILE A 60 -3.76 3.27 1.73
CA ILE A 60 -2.45 2.64 1.69
C ILE A 60 -1.58 3.35 2.73
N VAL A 61 -0.85 2.59 3.55
CA VAL A 61 0.21 3.13 4.38
C VAL A 61 1.49 2.80 3.64
N ILE A 62 2.36 3.80 3.50
CA ILE A 62 3.76 3.60 3.18
C ILE A 62 4.54 4.22 4.34
N ASN A 63 5.63 3.60 4.74
CA ASN A 63 6.47 3.82 5.92
C ASN A 63 5.75 3.83 7.27
N GLY A 64 4.49 4.26 7.35
CA GLY A 64 3.64 4.49 8.51
C GLY A 64 2.61 5.59 8.22
N ASP A 65 2.75 6.32 7.11
CA ASP A 65 1.87 7.40 6.67
C ASP A 65 0.77 6.88 5.72
N VAL A 66 -0.48 6.94 6.18
CA VAL A 66 -1.67 6.65 5.37
C VAL A 66 -1.85 7.75 4.33
N GLU A 67 -2.06 7.36 3.07
CA GLU A 67 -2.27 8.24 1.91
C GLU A 67 -2.92 7.36 0.81
N PHE A 68 -3.18 7.85 -0.41
CA PHE A 68 -3.74 7.03 -1.49
C PHE A 68 -3.64 7.79 -2.81
N ILE A 69 -3.13 7.15 -3.86
CA ILE A 69 -2.85 7.84 -5.12
C ILE A 69 -3.64 7.18 -6.25
N GLY A 70 -4.94 7.46 -6.26
CA GLY A 70 -5.82 7.13 -7.36
C GLY A 70 -6.68 5.91 -7.05
N ALA A 71 -7.30 5.36 -8.09
CA ALA A 71 -7.93 4.05 -8.03
C ALA A 71 -6.95 2.88 -7.85
N PRO A 72 -5.71 2.88 -8.39
CA PRO A 72 -4.73 1.86 -8.03
C PRO A 72 -4.21 2.13 -6.61
N THR A 73 -3.36 1.23 -6.13
CA THR A 73 -2.60 1.41 -4.91
C THR A 73 -1.58 2.56 -5.07
N LYS A 74 -0.76 2.83 -4.04
CA LYS A 74 -0.01 4.08 -3.86
C LYS A 74 1.19 4.20 -4.83
N GLU A 75 1.15 3.63 -6.02
CA GLU A 75 2.33 3.36 -6.82
C GLU A 75 3.08 4.63 -7.28
N ALA A 76 2.44 5.79 -7.31
CA ALA A 76 3.14 7.07 -7.46
C ALA A 76 4.08 7.36 -6.28
N LEU A 77 3.61 7.23 -5.03
CA LEU A 77 4.47 7.41 -3.85
C LEU A 77 5.38 6.18 -3.64
N VAL A 78 4.97 5.02 -4.15
CA VAL A 78 5.78 3.82 -4.05
C VAL A 78 7.05 4.01 -4.88
N GLU A 79 6.99 4.65 -6.06
CA GLU A 79 8.19 5.05 -6.81
C GLU A 79 9.14 5.89 -5.92
N ALA A 80 8.63 6.59 -4.90
CA ALA A 80 9.46 7.28 -3.93
C ALA A 80 10.12 6.24 -3.00
N ILE A 81 9.31 5.42 -2.33
CA ILE A 81 9.87 4.47 -1.37
C ILE A 81 10.94 3.56 -2.00
N LYS A 82 10.79 3.15 -3.27
CA LYS A 82 11.82 2.42 -4.00
C LYS A 82 12.89 3.28 -4.67
N LYS A 83 12.73 4.59 -4.91
CA LYS A 83 13.92 5.40 -5.26
C LYS A 83 14.86 5.43 -4.07
N ARG A 84 14.33 5.41 -2.84
CA ARG A 84 15.04 5.44 -1.56
C ARG A 84 14.16 6.17 -0.55
N LEU A 85 13.58 5.43 0.39
CA LEU A 85 12.81 5.86 1.55
C LEU A 85 11.51 6.57 1.19
N MET A 1 13.69 4.76 12.47
CA MET A 1 14.24 3.42 12.27
C MET A 1 13.94 3.03 10.83
N SER A 2 13.45 1.82 10.52
CA SER A 2 12.94 1.52 9.19
C SER A 2 11.84 0.46 9.28
N LYS A 3 10.65 0.82 8.79
CA LYS A 3 9.60 -0.10 8.38
C LYS A 3 8.68 0.67 7.44
N VAL A 4 8.70 0.38 6.14
CA VAL A 4 7.73 0.92 5.23
C VAL A 4 6.42 0.15 5.46
N LYS A 5 5.39 0.83 6.01
CA LYS A 5 4.11 0.23 6.36
C LYS A 5 3.15 0.29 5.17
N ILE A 6 3.47 -0.35 4.05
CA ILE A 6 2.57 -0.29 2.91
C ILE A 6 1.29 -1.04 3.28
N GLU A 7 0.14 -0.45 2.94
CA GLU A 7 -1.16 -1.08 3.09
C GLU A 7 -1.96 -0.80 1.83
N LEU A 8 -2.71 -1.80 1.38
CA LEU A 8 -3.19 -1.88 0.00
C LEU A 8 -4.69 -2.14 0.02
N PHE A 9 -5.50 -1.08 0.13
CA PHE A 9 -6.92 -1.14 0.47
C PHE A 9 -7.75 -0.79 -0.77
N THR A 10 -8.01 -1.78 -1.63
CA THR A 10 -8.54 -1.58 -2.99
C THR A 10 -9.61 -2.63 -3.32
N SER A 11 -10.22 -2.64 -4.51
CA SER A 11 -11.06 -3.77 -4.90
C SER A 11 -11.03 -3.94 -6.43
N PRO A 12 -9.91 -4.42 -7.00
CA PRO A 12 -9.77 -4.58 -8.43
C PRO A 12 -10.66 -5.74 -8.89
N MET A 13 -11.41 -5.56 -9.99
CA MET A 13 -12.33 -6.57 -10.52
C MET A 13 -12.09 -6.87 -12.00
N CYS A 14 -11.48 -5.95 -12.75
CA CYS A 14 -11.07 -6.16 -14.13
C CYS A 14 -9.54 -6.17 -14.29
N PRO A 15 -8.75 -5.26 -13.69
CA PRO A 15 -7.29 -5.25 -13.86
C PRO A 15 -6.65 -6.18 -12.84
N HIS A 16 -6.85 -7.49 -13.01
CA HIS A 16 -6.25 -8.53 -12.18
C HIS A 16 -4.74 -8.51 -12.39
N CYS A 17 -4.04 -7.67 -11.63
CA CYS A 17 -2.59 -7.53 -11.63
C CYS A 17 -2.03 -8.05 -10.30
N PRO A 18 -0.73 -8.36 -10.20
CA PRO A 18 -0.03 -8.42 -8.92
C PRO A 18 -0.12 -7.01 -8.31
N ALA A 19 -0.96 -6.83 -7.30
CA ALA A 19 -1.27 -5.52 -6.75
C ALA A 19 -0.26 -5.25 -5.63
N ALA A 20 -0.59 -5.72 -4.42
CA ALA A 20 0.31 -5.75 -3.29
C ALA A 20 1.64 -6.41 -3.70
N LYS A 21 1.61 -7.48 -4.48
CA LYS A 21 2.82 -8.10 -5.05
C LYS A 21 3.73 -7.11 -5.80
N ARG A 22 3.19 -6.22 -6.65
CA ARG A 22 4.05 -5.22 -7.28
C ARG A 22 4.54 -4.24 -6.26
N VAL A 23 3.70 -3.76 -5.35
CA VAL A 23 4.13 -2.73 -4.42
C VAL A 23 5.19 -3.30 -3.43
N VAL A 24 5.10 -4.59 -3.07
CA VAL A 24 6.15 -5.37 -2.43
C VAL A 24 7.41 -5.25 -3.28
N GLU A 25 7.37 -5.71 -4.54
CA GLU A 25 8.59 -5.85 -5.32
C GLU A 25 9.23 -4.47 -5.58
N GLU A 26 8.40 -3.45 -5.78
CA GLU A 26 8.82 -2.08 -6.00
C GLU A 26 9.58 -1.56 -4.80
N VAL A 27 8.98 -1.67 -3.60
CA VAL A 27 9.68 -1.21 -2.40
C VAL A 27 10.87 -2.11 -2.14
N ALA A 28 10.80 -3.42 -2.41
CA ALA A 28 11.89 -4.35 -2.22
C ALA A 28 13.09 -4.03 -3.12
N ASN A 29 12.90 -3.36 -4.26
CA ASN A 29 14.03 -2.81 -5.03
C ASN A 29 14.92 -1.94 -4.15
N GLU A 30 14.32 -1.20 -3.23
CA GLU A 30 14.92 -0.09 -2.52
C GLU A 30 15.23 -0.54 -1.09
N MET A 31 14.21 -1.02 -0.37
CA MET A 31 14.23 -1.54 0.99
C MET A 31 13.83 -3.01 0.94
N PRO A 32 14.74 -3.94 0.58
CA PRO A 32 14.48 -5.39 0.57
C PRO A 32 14.35 -5.97 1.99
N ASP A 33 13.93 -5.19 2.99
CA ASP A 33 13.92 -5.61 4.38
C ASP A 33 12.79 -4.92 5.14
N ALA A 34 12.76 -3.59 5.14
CA ALA A 34 11.77 -2.79 5.84
C ALA A 34 10.34 -2.92 5.26
N VAL A 35 10.16 -3.69 4.19
CA VAL A 35 9.00 -3.73 3.32
C VAL A 35 7.86 -4.58 3.91
N GLU A 36 7.00 -3.97 4.74
CA GLU A 36 5.77 -4.58 5.24
C GLU A 36 4.64 -4.21 4.29
N VAL A 37 3.89 -5.18 3.74
CA VAL A 37 2.83 -4.90 2.76
C VAL A 37 1.57 -5.72 3.09
N GLU A 38 0.54 -5.07 3.62
CA GLU A 38 -0.75 -5.71 3.85
C GLU A 38 -1.60 -5.56 2.59
N TYR A 39 -2.01 -6.68 1.97
CA TYR A 39 -3.06 -6.66 0.96
C TYR A 39 -4.39 -6.84 1.67
N ILE A 40 -5.30 -5.89 1.49
CA ILE A 40 -6.68 -6.01 1.95
C ILE A 40 -7.61 -5.50 0.85
N ASN A 41 -8.18 -6.40 0.05
CA ASN A 41 -9.28 -5.92 -0.78
C ASN A 41 -10.48 -5.59 0.11
N VAL A 42 -11.27 -4.62 -0.32
CA VAL A 42 -12.53 -4.21 0.29
C VAL A 42 -13.38 -5.48 0.40
N MET A 43 -13.82 -5.83 1.61
CA MET A 43 -14.35 -7.15 1.97
C MET A 43 -14.77 -7.09 3.45
N GLU A 44 -13.94 -7.48 4.42
CA GLU A 44 -14.24 -7.30 5.84
C GLU A 44 -14.32 -5.80 6.19
N ASN A 45 -13.46 -4.99 5.55
CA ASN A 45 -13.29 -3.56 5.78
C ASN A 45 -13.00 -3.26 7.26
N PRO A 46 -11.77 -3.47 7.76
CA PRO A 46 -11.38 -3.08 9.11
C PRO A 46 -11.26 -1.55 9.24
N GLN A 47 -11.37 -1.02 10.48
CA GLN A 47 -11.28 0.41 10.71
C GLN A 47 -9.90 0.96 10.39
N LYS A 48 -8.86 0.11 10.34
CA LYS A 48 -7.48 0.56 10.23
C LYS A 48 -7.23 1.49 9.05
N ALA A 49 -7.93 1.34 7.92
CA ALA A 49 -8.00 2.39 6.90
C ALA A 49 -9.19 3.35 7.08
N MET A 50 -10.36 2.82 7.44
CA MET A 50 -11.61 3.58 7.48
C MET A 50 -11.61 4.69 8.54
N GLU A 51 -10.64 4.69 9.45
CA GLU A 51 -10.37 5.75 10.38
C GLU A 51 -9.86 7.04 9.68
N TYR A 52 -9.34 6.95 8.45
CA TYR A 52 -8.89 8.11 7.70
C TYR A 52 -10.11 8.86 7.12
N GLY A 53 -9.88 10.04 6.54
CA GLY A 53 -10.93 10.86 5.94
C GLY A 53 -11.30 10.34 4.56
N ILE A 54 -10.40 10.43 3.57
CA ILE A 54 -10.62 9.94 2.22
C ILE A 54 -10.14 8.49 2.15
N MET A 55 -10.96 7.64 2.74
CA MET A 55 -10.69 6.23 2.98
C MET A 55 -11.37 5.26 2.00
N ALA A 56 -12.13 5.75 1.02
CA ALA A 56 -12.90 4.93 0.07
C ALA A 56 -12.04 3.91 -0.70
N VAL A 57 -11.37 4.33 -1.77
CA VAL A 57 -10.71 3.47 -2.76
C VAL A 57 -10.02 4.34 -3.82
N PRO A 58 -8.93 3.90 -4.49
CA PRO A 58 -8.01 2.84 -4.10
C PRO A 58 -7.12 3.35 -2.96
N THR A 59 -7.50 3.09 -1.72
CA THR A 59 -6.87 3.63 -0.52
C THR A 59 -5.52 2.92 -0.35
N ILE A 60 -4.39 3.59 -0.59
CA ILE A 60 -3.08 2.96 -0.39
C ILE A 60 -2.43 3.71 0.78
N VAL A 61 -1.51 3.08 1.50
CA VAL A 61 -0.65 3.76 2.45
C VAL A 61 0.77 3.31 2.14
N ILE A 62 1.75 4.22 2.25
CA ILE A 62 3.14 3.99 1.83
C ILE A 62 4.06 3.81 3.04
N ASN A 63 5.09 4.63 3.29
CA ASN A 63 5.84 4.48 4.55
C ASN A 63 4.95 4.51 5.78
N GLY A 64 3.86 5.29 5.72
CA GLY A 64 2.73 5.21 6.62
C GLY A 64 1.58 6.10 6.16
N ASP A 65 1.88 7.18 5.43
CA ASP A 65 0.84 8.13 5.05
C ASP A 65 -0.06 7.55 3.96
N VAL A 66 -1.27 8.10 3.85
CA VAL A 66 -2.44 7.47 3.24
C VAL A 66 -2.87 8.32 2.05
N GLU A 67 -2.88 7.72 0.86
CA GLU A 67 -2.83 8.43 -0.40
C GLU A 67 -3.32 7.47 -1.51
N PHE A 68 -3.76 7.98 -2.66
CA PHE A 68 -4.34 7.21 -3.76
C PHE A 68 -4.11 8.04 -5.02
N ILE A 69 -3.62 7.43 -6.09
CA ILE A 69 -3.11 8.09 -7.29
C ILE A 69 -3.69 7.33 -8.48
N GLY A 70 -4.47 8.00 -9.33
CA GLY A 70 -5.03 7.39 -10.51
C GLY A 70 -6.15 6.40 -10.18
N ALA A 71 -6.50 5.57 -11.15
CA ALA A 71 -7.38 4.42 -10.98
C ALA A 71 -6.69 3.17 -10.42
N PRO A 72 -5.41 2.86 -10.73
CA PRO A 72 -4.78 1.65 -10.21
C PRO A 72 -4.40 1.85 -8.73
N THR A 73 -3.46 1.06 -8.23
CA THR A 73 -2.72 1.39 -7.02
C THR A 73 -1.84 2.64 -7.26
N LYS A 74 -0.96 2.99 -6.31
CA LYS A 74 -0.41 4.32 -6.16
C LYS A 74 0.70 4.66 -7.18
N GLU A 75 0.49 4.42 -8.47
CA GLU A 75 1.55 4.28 -9.47
C GLU A 75 2.58 5.43 -9.50
N ALA A 76 2.15 6.70 -9.38
CA ALA A 76 3.11 7.80 -9.37
C ALA A 76 3.95 7.84 -8.09
N LEU A 77 3.35 7.60 -6.92
CA LEU A 77 4.12 7.58 -5.67
C LEU A 77 4.90 6.27 -5.52
N VAL A 78 4.46 5.17 -6.14
CA VAL A 78 5.20 3.93 -6.33
C VAL A 78 6.52 4.27 -7.03
N GLU A 79 6.44 5.06 -8.11
CA GLU A 79 7.62 5.54 -8.81
C GLU A 79 8.51 6.47 -7.97
N ALA A 80 8.07 6.88 -6.78
CA ALA A 80 8.87 7.70 -5.87
C ALA A 80 9.47 6.83 -4.77
N ILE A 81 8.67 6.01 -4.07
CA ILE A 81 9.17 5.11 -3.05
C ILE A 81 10.19 4.10 -3.63
N LYS A 82 10.18 3.83 -4.95
CA LYS A 82 11.25 3.05 -5.60
C LYS A 82 12.62 3.72 -5.52
N LYS A 83 12.70 5.07 -5.54
CA LYS A 83 13.96 5.79 -5.41
C LYS A 83 14.29 6.14 -3.96
N ARG A 84 13.27 6.56 -3.22
CA ARG A 84 13.23 7.14 -1.87
C ARG A 84 14.37 8.03 -1.36
N LEU A 85 15.29 8.53 -2.18
CA LEU A 85 16.08 9.71 -1.81
C LEU A 85 15.14 10.89 -1.60
N MET A 1 10.98 4.09 11.57
CA MET A 1 12.33 3.78 12.10
C MET A 1 12.74 2.37 11.67
N SER A 2 13.72 1.76 12.33
CA SER A 2 14.02 0.34 12.28
C SER A 2 12.73 -0.49 12.31
N LYS A 3 12.54 -1.31 11.28
CA LYS A 3 11.33 -2.00 10.89
C LYS A 3 10.27 -1.03 10.39
N VAL A 4 10.26 -0.82 9.08
CA VAL A 4 9.10 -0.27 8.38
C VAL A 4 7.91 -1.20 8.62
N LYS A 5 6.72 -0.64 8.82
CA LYS A 5 5.46 -1.38 8.87
C LYS A 5 4.63 -1.01 7.64
N ILE A 6 3.87 -1.97 7.13
CA ILE A 6 3.11 -1.85 5.90
C ILE A 6 1.79 -2.56 6.13
N GLU A 7 0.68 -1.90 5.82
CA GLU A 7 -0.63 -2.55 5.87
C GLU A 7 -1.32 -2.28 4.53
N LEU A 8 -1.78 -3.36 3.92
CA LEU A 8 -2.47 -3.39 2.64
C LEU A 8 -3.96 -3.55 2.96
N PHE A 9 -4.56 -2.50 3.51
CA PHE A 9 -5.95 -2.47 3.95
C PHE A 9 -6.79 -2.21 2.71
N THR A 10 -7.09 -3.26 1.97
CA THR A 10 -7.62 -3.18 0.63
C THR A 10 -8.87 -4.07 0.54
N SER A 11 -9.55 -4.14 -0.61
CA SER A 11 -10.64 -5.09 -0.86
C SER A 11 -11.30 -4.85 -2.22
N PRO A 12 -11.97 -3.71 -2.50
CA PRO A 12 -12.68 -3.50 -3.75
C PRO A 12 -11.73 -3.21 -4.91
N MET A 13 -11.27 -4.31 -5.51
CA MET A 13 -10.29 -4.32 -6.56
C MET A 13 -10.29 -5.70 -7.21
N CYS A 14 -9.97 -5.76 -8.50
CA CYS A 14 -9.48 -6.98 -9.10
C CYS A 14 -8.07 -7.24 -8.53
N PRO A 15 -7.44 -8.41 -8.73
CA PRO A 15 -6.01 -8.62 -8.46
C PRO A 15 -5.13 -7.90 -9.50
N HIS A 16 -5.43 -6.62 -9.80
CA HIS A 16 -4.78 -5.79 -10.80
C HIS A 16 -3.29 -5.58 -10.55
N CYS A 17 -2.83 -5.76 -9.31
CA CYS A 17 -1.42 -5.86 -8.95
C CYS A 17 -1.31 -7.07 -8.01
N PRO A 18 -0.19 -7.79 -7.97
CA PRO A 18 0.16 -8.64 -6.84
C PRO A 18 0.39 -7.76 -5.60
N ALA A 19 -0.67 -7.20 -5.01
CA ALA A 19 -0.65 -6.01 -4.14
C ALA A 19 0.44 -6.06 -3.05
N ALA A 20 0.17 -6.78 -1.93
CA ALA A 20 1.16 -6.86 -0.86
C ALA A 20 2.45 -7.54 -1.34
N LYS A 21 2.40 -8.40 -2.36
CA LYS A 21 3.59 -9.04 -2.90
C LYS A 21 4.55 -7.98 -3.47
N ARG A 22 4.08 -7.02 -4.28
CA ARG A 22 4.97 -5.96 -4.72
C ARG A 22 5.35 -5.12 -3.52
N VAL A 23 4.42 -4.66 -2.68
CA VAL A 23 4.84 -3.68 -1.68
C VAL A 23 5.89 -4.29 -0.71
N VAL A 24 5.81 -5.61 -0.39
CA VAL A 24 6.88 -6.27 0.35
C VAL A 24 8.13 -6.44 -0.51
N GLU A 25 8.05 -6.88 -1.77
CA GLU A 25 9.19 -7.03 -2.68
C GLU A 25 9.97 -5.70 -2.73
N GLU A 26 9.22 -4.62 -2.94
CA GLU A 26 9.64 -3.25 -3.12
C GLU A 26 10.40 -2.76 -1.90
N VAL A 27 9.81 -2.86 -0.69
CA VAL A 27 10.50 -2.43 0.52
C VAL A 27 11.58 -3.43 0.92
N ALA A 28 11.38 -4.74 0.78
CA ALA A 28 12.40 -5.73 1.10
C ALA A 28 13.65 -5.52 0.25
N ASN A 29 13.49 -4.96 -0.95
CA ASN A 29 14.59 -4.61 -1.84
C ASN A 29 15.60 -3.65 -1.20
N GLU A 30 15.15 -2.86 -0.21
CA GLU A 30 15.99 -1.89 0.50
C GLU A 30 16.06 -2.19 2.00
N MET A 31 15.08 -2.91 2.56
CA MET A 31 14.99 -3.36 3.95
C MET A 31 14.58 -4.84 4.01
N PRO A 32 15.49 -5.79 3.72
CA PRO A 32 15.18 -7.22 3.63
C PRO A 32 14.91 -7.89 4.99
N ASP A 33 14.38 -7.18 5.98
CA ASP A 33 14.37 -7.59 7.37
C ASP A 33 13.64 -6.55 8.22
N ALA A 34 13.98 -5.26 8.07
CA ALA A 34 13.21 -4.17 8.65
C ALA A 34 11.94 -3.91 7.84
N VAL A 35 11.11 -4.93 7.64
CA VAL A 35 9.83 -4.84 6.97
C VAL A 35 8.83 -5.68 7.77
N GLU A 36 7.62 -5.15 7.98
CA GLU A 36 6.47 -5.88 8.50
C GLU A 36 5.33 -5.58 7.54
N VAL A 37 4.53 -6.58 7.20
CA VAL A 37 3.54 -6.52 6.13
C VAL A 37 2.29 -7.30 6.53
N GLU A 38 1.12 -6.67 6.45
CA GLU A 38 -0.16 -7.38 6.56
C GLU A 38 -1.03 -7.01 5.37
N TYR A 39 -1.26 -7.97 4.48
CA TYR A 39 -2.28 -7.91 3.45
C TYR A 39 -3.61 -8.21 4.14
N ILE A 40 -4.46 -7.21 4.34
CA ILE A 40 -5.77 -7.39 4.93
C ILE A 40 -6.80 -6.90 3.91
N ASN A 41 -7.25 -7.85 3.08
CA ASN A 41 -8.48 -7.66 2.34
C ASN A 41 -9.60 -7.64 3.38
N VAL A 42 -10.19 -6.46 3.61
CA VAL A 42 -11.28 -6.21 4.55
C VAL A 42 -12.32 -7.32 4.41
N MET A 43 -12.46 -8.18 5.41
CA MET A 43 -13.44 -9.26 5.42
C MET A 43 -14.00 -9.37 6.83
N GLU A 44 -13.17 -9.79 7.78
CA GLU A 44 -13.45 -9.86 9.21
C GLU A 44 -12.23 -9.23 9.86
N ASN A 45 -12.28 -7.91 9.99
CA ASN A 45 -11.17 -7.11 10.47
C ASN A 45 -11.70 -6.03 11.40
N PRO A 46 -10.92 -5.61 12.41
CA PRO A 46 -11.19 -4.36 13.05
C PRO A 46 -11.02 -3.28 11.99
N GLN A 47 -11.92 -2.30 11.96
CA GLN A 47 -11.86 -1.18 11.03
C GLN A 47 -10.74 -0.20 11.43
N LYS A 48 -9.58 -0.69 11.88
CA LYS A 48 -8.52 0.13 12.43
C LYS A 48 -7.99 1.15 11.44
N ALA A 49 -8.01 0.85 10.15
CA ALA A 49 -7.63 1.80 9.13
C ALA A 49 -8.83 2.62 8.62
N MET A 50 -10.03 2.01 8.60
CA MET A 50 -11.28 2.74 8.38
C MET A 50 -11.59 3.72 9.53
N GLU A 51 -10.82 3.69 10.62
CA GLU A 51 -10.88 4.67 11.69
C GLU A 51 -10.27 6.00 11.24
N TYR A 52 -9.28 5.96 10.34
CA TYR A 52 -8.56 7.13 9.88
C TYR A 52 -9.49 8.05 9.08
N GLY A 53 -9.02 9.27 8.80
CA GLY A 53 -9.71 10.20 7.93
C GLY A 53 -9.83 9.70 6.50
N ILE A 54 -8.88 8.89 5.99
CA ILE A 54 -8.91 8.36 4.62
C ILE A 54 -10.27 7.71 4.36
N MET A 55 -10.54 6.61 5.07
CA MET A 55 -11.66 5.68 4.90
C MET A 55 -11.73 5.02 3.51
N ALA A 56 -11.44 5.73 2.42
CA ALA A 56 -11.37 5.22 1.07
C ALA A 56 -10.26 4.17 0.93
N VAL A 57 -10.65 2.91 0.96
CA VAL A 57 -9.85 1.81 0.43
C VAL A 57 -9.61 2.04 -1.08
N PRO A 58 -8.49 1.59 -1.68
CA PRO A 58 -7.38 0.83 -1.08
C PRO A 58 -6.52 1.71 -0.16
N THR A 59 -6.56 1.41 1.13
CA THR A 59 -5.94 2.16 2.22
C THR A 59 -4.60 1.49 2.51
N ILE A 60 -3.52 2.24 2.33
CA ILE A 60 -2.16 1.69 2.30
C ILE A 60 -1.34 2.46 3.32
N VAL A 61 -0.80 1.79 4.33
CA VAL A 61 0.19 2.42 5.21
C VAL A 61 1.55 1.91 4.79
N ILE A 62 2.50 2.84 4.61
CA ILE A 62 3.94 2.58 4.43
C ILE A 62 4.73 3.44 5.43
N ASN A 63 6.01 3.12 5.69
CA ASN A 63 6.75 3.55 6.89
C ASN A 63 5.95 3.31 8.18
N GLY A 64 4.96 4.15 8.43
CA GLY A 64 3.90 4.02 9.42
C GLY A 64 2.71 4.93 9.10
N ASP A 65 2.75 5.77 8.06
CA ASP A 65 1.66 6.66 7.67
C ASP A 65 0.73 6.01 6.64
N VAL A 66 -0.57 6.06 6.91
CA VAL A 66 -1.61 5.69 5.97
C VAL A 66 -1.71 6.74 4.87
N GLU A 67 -1.91 6.31 3.63
CA GLU A 67 -2.13 7.15 2.46
C GLU A 67 -2.79 6.21 1.41
N PHE A 68 -3.06 6.69 0.21
CA PHE A 68 -3.78 5.97 -0.84
C PHE A 68 -3.52 6.75 -2.11
N ILE A 69 -2.83 6.20 -3.11
CA ILE A 69 -2.42 6.96 -4.28
C ILE A 69 -2.74 6.20 -5.56
N GLY A 70 -4.01 6.29 -5.95
CA GLY A 70 -4.49 5.88 -7.25
C GLY A 70 -5.28 4.58 -7.19
N ALA A 71 -5.89 4.24 -8.33
CA ALA A 71 -6.64 3.01 -8.53
C ALA A 71 -5.88 1.71 -8.17
N PRO A 72 -4.54 1.58 -8.24
CA PRO A 72 -3.85 0.38 -7.76
C PRO A 72 -3.74 0.38 -6.23
N THR A 73 -2.59 0.74 -5.65
CA THR A 73 -2.32 0.83 -4.25
C THR A 73 -1.56 2.14 -3.98
N LYS A 74 -0.41 2.12 -3.29
CA LYS A 74 0.45 3.28 -3.09
C LYS A 74 1.56 3.47 -4.15
N GLU A 75 1.48 2.88 -5.35
CA GLU A 75 2.59 2.79 -6.32
C GLU A 75 3.41 4.10 -6.43
N ALA A 76 2.73 5.24 -6.51
CA ALA A 76 3.34 6.57 -6.58
C ALA A 76 4.38 6.81 -5.47
N LEU A 77 4.03 6.53 -4.21
CA LEU A 77 4.92 6.72 -3.06
C LEU A 77 5.81 5.50 -2.85
N VAL A 78 5.41 4.33 -3.37
CA VAL A 78 6.24 3.15 -3.39
C VAL A 78 7.54 3.49 -4.14
N GLU A 79 7.45 4.26 -5.24
CA GLU A 79 8.62 4.75 -5.94
C GLU A 79 9.55 5.60 -5.05
N ALA A 80 9.03 6.30 -4.03
CA ALA A 80 9.85 7.04 -3.08
C ALA A 80 10.51 6.10 -2.05
N ILE A 81 9.75 5.20 -1.40
CA ILE A 81 10.33 4.32 -0.39
C ILE A 81 11.44 3.44 -0.97
N LYS A 82 11.31 2.94 -2.21
CA LYS A 82 12.44 2.24 -2.84
C LYS A 82 13.65 3.13 -3.08
N LYS A 83 13.50 4.42 -3.44
CA LYS A 83 14.67 5.28 -3.66
C LYS A 83 15.27 5.80 -2.37
N ARG A 84 14.52 5.83 -1.27
CA ARG A 84 14.99 6.09 0.10
C ARG A 84 13.81 5.99 1.06
N LEU A 85 12.91 6.96 1.09
CA LEU A 85 11.86 7.14 2.08
C LEU A 85 10.83 8.08 1.48
N MET A 1 14.52 4.78 12.23
CA MET A 1 15.27 3.51 12.32
C MET A 1 14.42 2.43 11.67
N SER A 2 14.65 2.20 10.38
CA SER A 2 14.04 1.17 9.54
C SER A 2 12.55 0.94 9.87
N LYS A 3 12.14 -0.30 10.20
CA LYS A 3 10.77 -0.81 10.26
C LYS A 3 9.85 -0.06 9.30
N VAL A 4 9.99 -0.34 8.01
CA VAL A 4 9.16 0.27 7.00
C VAL A 4 7.85 -0.53 6.95
N LYS A 5 6.78 0.01 7.57
CA LYS A 5 5.46 -0.61 7.43
C LYS A 5 4.93 -0.38 6.03
N ILE A 6 3.97 -1.23 5.69
CA ILE A 6 3.06 -1.18 4.56
C ILE A 6 1.77 -1.83 5.07
N GLU A 7 0.63 -1.24 4.70
CA GLU A 7 -0.65 -1.92 4.85
C GLU A 7 -1.43 -1.69 3.56
N LEU A 8 -2.26 -2.66 3.16
CA LEU A 8 -3.09 -2.60 1.96
C LEU A 8 -4.51 -3.03 2.32
N PHE A 9 -5.28 -2.08 2.84
CA PHE A 9 -6.71 -2.20 3.07
C PHE A 9 -7.43 -2.07 1.71
N THR A 10 -7.65 -3.18 1.02
CA THR A 10 -7.96 -3.13 -0.41
C THR A 10 -9.11 -4.07 -0.81
N SER A 11 -9.44 -4.07 -2.10
CA SER A 11 -10.56 -4.75 -2.73
C SER A 11 -10.55 -4.42 -4.24
N PRO A 12 -10.60 -3.14 -4.68
CA PRO A 12 -10.51 -2.80 -6.10
C PRO A 12 -9.13 -3.15 -6.68
N MET A 13 -9.01 -4.35 -7.24
CA MET A 13 -7.76 -5.00 -7.64
C MET A 13 -8.10 -5.93 -8.82
N CYS A 14 -7.96 -5.44 -10.05
CA CYS A 14 -8.15 -6.25 -11.24
C CYS A 14 -6.97 -6.07 -12.22
N PRO A 15 -6.81 -4.93 -12.94
CA PRO A 15 -5.69 -4.78 -13.88
C PRO A 15 -4.36 -4.77 -13.14
N HIS A 16 -4.26 -4.00 -12.04
CA HIS A 16 -3.14 -4.03 -11.13
C HIS A 16 -3.28 -5.26 -10.22
N CYS A 17 -3.24 -6.45 -10.80
CA CYS A 17 -3.52 -7.71 -10.11
C CYS A 17 -2.61 -7.88 -8.88
N PRO A 18 -1.26 -7.86 -9.00
CA PRO A 18 -0.40 -7.92 -7.82
C PRO A 18 -0.58 -6.64 -6.99
N ALA A 19 -1.04 -6.77 -5.74
CA ALA A 19 -1.21 -5.65 -4.84
C ALA A 19 -0.07 -5.66 -3.83
N ALA A 20 -0.27 -6.27 -2.65
CA ALA A 20 0.77 -6.45 -1.66
C ALA A 20 1.97 -7.20 -2.24
N LYS A 21 1.78 -8.02 -3.29
CA LYS A 21 2.85 -8.64 -4.04
C LYS A 21 3.83 -7.60 -4.60
N ARG A 22 3.34 -6.61 -5.37
CA ARG A 22 4.20 -5.54 -5.85
C ARG A 22 4.79 -4.80 -4.67
N VAL A 23 3.97 -4.47 -3.67
CA VAL A 23 4.48 -3.58 -2.64
C VAL A 23 5.57 -4.30 -1.80
N VAL A 24 5.50 -5.60 -1.55
CA VAL A 24 6.59 -6.32 -0.87
C VAL A 24 7.79 -6.50 -1.81
N GLU A 25 7.59 -6.64 -3.11
CA GLU A 25 8.69 -6.66 -4.08
C GLU A 25 9.45 -5.33 -4.00
N GLU A 26 8.70 -4.23 -4.15
CA GLU A 26 9.28 -2.91 -4.24
C GLU A 26 9.89 -2.47 -2.91
N VAL A 27 9.29 -2.81 -1.77
CA VAL A 27 9.89 -2.45 -0.50
C VAL A 27 11.09 -3.36 -0.25
N ALA A 28 11.06 -4.65 -0.63
CA ALA A 28 12.24 -5.49 -0.49
C ALA A 28 13.40 -4.97 -1.35
N ASN A 29 13.12 -4.28 -2.47
CA ASN A 29 14.15 -3.60 -3.28
C ASN A 29 14.93 -2.56 -2.46
N GLU A 30 14.40 -2.04 -1.36
CA GLU A 30 15.10 -1.10 -0.48
C GLU A 30 15.41 -1.71 0.89
N MET A 31 14.58 -2.62 1.41
CA MET A 31 14.70 -3.27 2.70
C MET A 31 14.19 -4.72 2.62
N PRO A 32 15.02 -5.69 2.22
CA PRO A 32 14.65 -7.10 2.12
C PRO A 32 14.64 -7.76 3.51
N ASP A 33 14.06 -7.12 4.51
CA ASP A 33 14.18 -7.45 5.94
C ASP A 33 13.31 -6.49 6.75
N ALA A 34 13.64 -5.19 6.79
CA ALA A 34 12.89 -4.21 7.58
C ALA A 34 11.48 -3.91 7.04
N VAL A 35 11.07 -4.55 5.96
CA VAL A 35 9.73 -4.51 5.41
C VAL A 35 8.75 -5.12 6.44
N GLU A 36 7.56 -4.55 6.58
CA GLU A 36 6.41 -5.17 7.23
C GLU A 36 5.21 -4.85 6.33
N VAL A 37 4.38 -5.83 5.97
CA VAL A 37 3.48 -5.78 4.82
C VAL A 37 2.17 -6.52 5.11
N GLU A 38 1.14 -5.83 5.61
CA GLU A 38 -0.14 -6.44 5.86
C GLU A 38 -1.02 -6.19 4.64
N TYR A 39 -1.22 -7.22 3.82
CA TYR A 39 -2.34 -7.27 2.90
C TYR A 39 -3.59 -7.60 3.73
N ILE A 40 -4.60 -6.74 3.70
CA ILE A 40 -5.87 -6.98 4.37
C ILE A 40 -6.98 -6.55 3.41
N ASN A 41 -7.50 -7.47 2.61
CA ASN A 41 -8.69 -7.16 1.82
C ASN A 41 -9.86 -6.87 2.75
N VAL A 42 -10.88 -6.22 2.20
CA VAL A 42 -12.15 -5.98 2.88
C VAL A 42 -12.75 -7.33 3.28
N MET A 43 -13.30 -7.43 4.49
CA MET A 43 -13.93 -8.62 5.11
C MET A 43 -14.42 -8.16 6.48
N GLU A 44 -13.60 -8.19 7.53
CA GLU A 44 -13.99 -7.87 8.91
C GLU A 44 -14.30 -6.39 9.08
N ASN A 45 -13.83 -5.57 8.14
CA ASN A 45 -13.95 -4.11 8.11
C ASN A 45 -13.52 -3.48 9.46
N PRO A 46 -12.29 -3.75 9.95
CA PRO A 46 -11.86 -3.22 11.23
C PRO A 46 -11.76 -1.69 11.16
N GLN A 47 -12.17 -1.02 12.24
CA GLN A 47 -12.05 0.44 12.36
C GLN A 47 -10.59 0.88 12.31
N LYS A 48 -9.62 -0.02 12.49
CA LYS A 48 -8.22 0.15 12.12
C LYS A 48 -8.05 0.86 10.79
N ALA A 49 -8.83 0.45 9.76
CA ALA A 49 -8.92 1.20 8.53
C ALA A 49 -10.07 2.21 8.52
N MET A 50 -11.26 1.80 8.97
CA MET A 50 -12.46 2.65 8.78
C MET A 50 -12.43 3.94 9.63
N GLU A 51 -11.44 4.11 10.49
CA GLU A 51 -11.10 5.39 11.11
C GLU A 51 -10.76 6.44 10.04
N TYR A 52 -10.29 6.04 8.86
CA TYR A 52 -9.82 6.93 7.80
C TYR A 52 -11.00 7.57 7.10
N GLY A 53 -11.08 8.90 7.17
CA GLY A 53 -12.14 9.65 6.54
C GLY A 53 -12.14 9.59 5.00
N ILE A 54 -11.13 8.98 4.36
CA ILE A 54 -11.16 8.72 2.92
C ILE A 54 -12.24 7.66 2.61
N MET A 55 -12.28 6.55 3.39
CA MET A 55 -13.04 5.31 3.19
C MET A 55 -13.00 4.65 1.80
N ALA A 56 -12.49 5.34 0.76
CA ALA A 56 -12.74 5.08 -0.64
C ALA A 56 -12.21 3.75 -1.18
N VAL A 57 -11.15 3.21 -0.56
CA VAL A 57 -10.24 2.17 -1.06
C VAL A 57 -9.67 2.48 -2.49
N PRO A 58 -8.62 1.78 -2.98
CA PRO A 58 -7.66 0.91 -2.29
C PRO A 58 -6.82 1.72 -1.31
N THR A 59 -7.11 1.58 -0.03
CA THR A 59 -6.49 2.33 1.06
C THR A 59 -5.15 1.66 1.34
N ILE A 60 -4.06 2.42 1.30
CA ILE A 60 -2.71 1.91 1.49
C ILE A 60 -2.10 2.67 2.67
N VAL A 61 -0.98 2.18 3.18
CA VAL A 61 -0.17 2.81 4.20
C VAL A 61 1.26 2.47 3.77
N ILE A 62 2.15 3.46 3.77
CA ILE A 62 3.60 3.27 3.55
C ILE A 62 4.33 3.30 4.90
N ASN A 63 5.65 3.60 4.90
CA ASN A 63 6.58 3.56 6.04
C ASN A 63 5.92 3.69 7.42
N GLY A 64 5.08 4.72 7.58
CA GLY A 64 4.05 4.76 8.61
C GLY A 64 2.73 5.37 8.11
N ASP A 65 2.76 6.26 7.10
CA ASP A 65 1.61 7.12 6.82
C ASP A 65 0.64 6.51 5.83
N VAL A 66 -0.65 6.70 6.09
CA VAL A 66 -1.79 6.22 5.32
C VAL A 66 -1.96 7.12 4.08
N GLU A 67 -2.43 6.57 2.95
CA GLU A 67 -2.73 7.30 1.72
C GLU A 67 -3.28 6.32 0.67
N PHE A 68 -3.98 6.81 -0.35
CA PHE A 68 -4.19 6.11 -1.62
C PHE A 68 -3.85 7.08 -2.73
N ILE A 69 -3.33 6.60 -3.86
CA ILE A 69 -2.99 7.45 -5.00
C ILE A 69 -3.72 6.85 -6.19
N GLY A 70 -4.96 7.30 -6.39
CA GLY A 70 -5.74 6.91 -7.55
C GLY A 70 -6.36 5.51 -7.40
N ALA A 71 -6.83 4.97 -8.52
CA ALA A 71 -7.36 3.61 -8.65
C ALA A 71 -6.32 2.46 -8.61
N PRO A 72 -5.00 2.63 -8.91
CA PRO A 72 -4.00 1.62 -8.54
C PRO A 72 -3.87 1.51 -7.01
N THR A 73 -3.05 0.60 -6.50
CA THR A 73 -2.54 0.73 -5.13
C THR A 73 -1.54 1.90 -5.11
N LYS A 74 -0.63 2.00 -4.14
CA LYS A 74 0.20 3.21 -4.01
C LYS A 74 1.33 3.27 -5.03
N GLU A 75 1.23 2.58 -6.17
CA GLU A 75 2.24 2.42 -7.22
C GLU A 75 2.95 3.75 -7.57
N ALA A 76 2.20 4.87 -7.59
CA ALA A 76 2.75 6.22 -7.69
C ALA A 76 3.83 6.47 -6.63
N LEU A 77 3.47 6.49 -5.34
CA LEU A 77 4.43 6.70 -4.27
C LEU A 77 5.38 5.51 -4.12
N VAL A 78 5.03 4.29 -4.55
CA VAL A 78 5.94 3.15 -4.52
C VAL A 78 7.15 3.48 -5.40
N GLU A 79 6.96 4.13 -6.55
CA GLU A 79 8.06 4.65 -7.36
C GLU A 79 8.91 5.72 -6.65
N ALA A 80 8.54 6.20 -5.46
CA ALA A 80 9.33 7.09 -4.61
C ALA A 80 9.95 6.35 -3.41
N ILE A 81 9.25 5.39 -2.78
CA ILE A 81 9.87 4.55 -1.76
C ILE A 81 11.10 3.85 -2.37
N LYS A 82 11.02 3.35 -3.61
CA LYS A 82 12.20 2.79 -4.28
C LYS A 82 13.18 3.86 -4.78
N LYS A 83 12.79 5.13 -4.86
CA LYS A 83 13.70 6.18 -5.32
C LYS A 83 14.66 6.51 -4.18
N ARG A 84 14.19 6.81 -2.97
CA ARG A 84 15.11 7.03 -1.84
C ARG A 84 14.41 6.86 -0.49
N LEU A 85 13.66 5.77 -0.29
CA LEU A 85 12.66 5.57 0.76
C LEU A 85 11.79 6.79 1.00
N MET A 1 8.77 -2.42 15.17
CA MET A 1 8.88 -1.00 15.51
C MET A 1 10.09 -0.41 14.81
N SER A 2 10.14 0.91 14.61
CA SER A 2 11.23 1.60 13.92
C SER A 2 11.61 0.92 12.59
N LYS A 3 10.61 0.58 11.78
CA LYS A 3 10.81 -0.10 10.49
C LYS A 3 9.81 0.44 9.45
N VAL A 4 10.09 0.32 8.15
CA VAL A 4 9.16 0.80 7.12
C VAL A 4 7.90 -0.07 7.19
N LYS A 5 6.70 0.53 7.23
CA LYS A 5 5.44 -0.20 7.07
C LYS A 5 4.86 0.09 5.70
N ILE A 6 4.18 -0.91 5.15
CA ILE A 6 3.41 -0.85 3.92
C ILE A 6 2.08 -1.53 4.27
N GLU A 7 0.95 -0.94 3.88
CA GLU A 7 -0.33 -1.63 3.92
C GLU A 7 -1.01 -1.48 2.58
N LEU A 8 -1.71 -2.54 2.16
CA LEU A 8 -2.54 -2.61 0.97
C LEU A 8 -3.94 -2.96 1.49
N PHE A 9 -4.65 -1.96 2.01
CA PHE A 9 -6.01 -2.11 2.48
C PHE A 9 -6.92 -1.83 1.28
N THR A 10 -7.10 -2.81 0.40
CA THR A 10 -7.94 -2.69 -0.81
C THR A 10 -8.50 -4.06 -1.23
N SER A 11 -9.58 -4.09 -2.01
CA SER A 11 -10.02 -5.25 -2.77
C SER A 11 -10.63 -4.67 -4.05
N PRO A 12 -9.95 -4.76 -5.20
CA PRO A 12 -10.43 -4.17 -6.44
C PRO A 12 -11.53 -5.04 -7.05
N MET A 13 -12.72 -4.48 -7.28
CA MET A 13 -13.74 -5.13 -8.10
C MET A 13 -13.56 -4.64 -9.53
N CYS A 14 -12.76 -5.38 -10.29
CA CYS A 14 -12.39 -5.26 -11.70
C CYS A 14 -10.90 -4.92 -11.84
N PRO A 15 -10.35 -3.81 -11.29
CA PRO A 15 -8.97 -3.40 -11.54
C PRO A 15 -8.00 -4.20 -10.65
N HIS A 16 -8.01 -5.52 -10.80
CA HIS A 16 -7.11 -6.45 -10.14
C HIS A 16 -5.70 -6.09 -10.60
N CYS A 17 -4.89 -5.56 -9.70
CA CYS A 17 -3.53 -5.09 -9.95
C CYS A 17 -2.59 -5.86 -9.02
N PRO A 18 -1.27 -5.87 -9.29
CA PRO A 18 -0.33 -6.67 -8.52
C PRO A 18 -0.27 -6.27 -7.03
N ALA A 19 -0.68 -5.05 -6.66
CA ALA A 19 -0.79 -4.59 -5.28
C ALA A 19 0.44 -5.02 -4.47
N ALA A 20 0.26 -5.85 -3.44
CA ALA A 20 1.34 -6.32 -2.60
C ALA A 20 2.52 -6.90 -3.37
N LYS A 21 2.35 -7.57 -4.52
CA LYS A 21 3.49 -8.12 -5.28
C LYS A 21 4.46 -6.98 -5.65
N ARG A 22 3.98 -5.98 -6.39
CA ARG A 22 4.85 -4.84 -6.74
C ARG A 22 5.30 -4.13 -5.50
N VAL A 23 4.36 -3.79 -4.62
CA VAL A 23 4.66 -2.84 -3.56
C VAL A 23 5.69 -3.48 -2.62
N VAL A 24 5.59 -4.77 -2.27
CA VAL A 24 6.66 -5.44 -1.53
C VAL A 24 7.93 -5.46 -2.36
N GLU A 25 7.89 -5.81 -3.64
CA GLU A 25 9.09 -5.94 -4.45
C GLU A 25 9.86 -4.61 -4.48
N GLU A 26 9.12 -3.51 -4.64
CA GLU A 26 9.66 -2.17 -4.68
C GLU A 26 10.31 -1.82 -3.34
N VAL A 27 9.59 -1.95 -2.22
CA VAL A 27 10.19 -1.56 -0.95
C VAL A 27 11.26 -2.54 -0.50
N ALA A 28 11.17 -3.83 -0.87
CA ALA A 28 12.17 -4.84 -0.55
C ALA A 28 13.44 -4.59 -1.36
N ASN A 29 13.33 -3.97 -2.54
CA ASN A 29 14.49 -3.52 -3.29
C ASN A 29 15.30 -2.54 -2.44
N GLU A 30 14.62 -1.67 -1.70
CA GLU A 30 15.23 -0.73 -0.77
C GLU A 30 15.66 -1.42 0.54
N MET A 31 14.74 -2.16 1.17
CA MET A 31 14.82 -2.69 2.53
C MET A 31 14.21 -4.09 2.53
N PRO A 32 14.94 -5.16 2.16
CA PRO A 32 14.38 -6.49 2.08
C PRO A 32 14.01 -7.11 3.45
N ASP A 33 14.05 -6.35 4.55
CA ASP A 33 13.77 -6.83 5.90
C ASP A 33 13.20 -5.74 6.80
N ALA A 34 13.70 -4.49 6.73
CA ALA A 34 13.10 -3.39 7.48
C ALA A 34 11.70 -3.03 6.97
N VAL A 35 11.25 -3.63 5.87
CA VAL A 35 9.88 -3.49 5.44
C VAL A 35 9.00 -4.46 6.23
N GLU A 36 7.77 -4.03 6.51
CA GLU A 36 6.64 -4.82 6.98
C GLU A 36 5.55 -4.61 5.94
N VAL A 37 4.77 -5.64 5.60
CA VAL A 37 3.75 -5.58 4.55
C VAL A 37 2.46 -6.20 5.08
N GLU A 38 1.35 -5.48 4.94
CA GLU A 38 0.04 -5.97 5.34
C GLU A 38 -0.82 -5.93 4.07
N TYR A 39 -0.95 -7.08 3.39
CA TYR A 39 -1.89 -7.23 2.27
C TYR A 39 -3.23 -7.61 2.88
N ILE A 40 -4.09 -6.62 3.15
CA ILE A 40 -5.31 -6.86 3.92
C ILE A 40 -6.50 -6.58 3.01
N ASN A 41 -6.95 -7.64 2.36
CA ASN A 41 -7.97 -7.55 1.33
C ASN A 41 -9.29 -7.07 1.94
N VAL A 42 -9.81 -5.98 1.40
CA VAL A 42 -11.06 -5.38 1.87
C VAL A 42 -12.19 -6.38 1.62
N MET A 43 -12.82 -6.82 2.70
CA MET A 43 -13.83 -7.86 2.76
C MET A 43 -14.22 -7.93 4.23
N GLU A 44 -13.26 -8.29 5.08
CA GLU A 44 -13.50 -8.79 6.43
C GLU A 44 -12.39 -8.26 7.33
N ASN A 45 -12.16 -6.94 7.30
CA ASN A 45 -10.96 -6.31 7.85
C ASN A 45 -11.31 -5.00 8.57
N PRO A 46 -10.53 -4.59 9.58
CA PRO A 46 -10.86 -3.46 10.44
C PRO A 46 -10.80 -2.13 9.69
N GLN A 47 -11.79 -1.27 9.86
CA GLN A 47 -11.76 0.09 9.30
C GLN A 47 -10.74 1.00 10.01
N LYS A 48 -9.92 0.46 10.91
CA LYS A 48 -8.75 1.11 11.49
C LYS A 48 -7.80 1.69 10.45
N ALA A 49 -7.71 1.10 9.25
CA ALA A 49 -7.10 1.75 8.10
C ALA A 49 -8.14 2.49 7.27
N MET A 50 -9.32 1.90 7.05
CA MET A 50 -10.35 2.45 6.17
C MET A 50 -10.98 3.75 6.71
N GLU A 51 -10.56 4.25 7.87
CA GLU A 51 -10.73 5.63 8.29
C GLU A 51 -9.86 6.55 7.40
N TYR A 52 -9.26 7.62 7.95
CA TYR A 52 -8.38 8.56 7.26
C TYR A 52 -9.14 9.40 6.22
N GLY A 53 -8.40 10.10 5.36
CA GLY A 53 -8.91 10.55 4.08
C GLY A 53 -8.85 9.35 3.13
N ILE A 54 -9.58 9.41 2.02
CA ILE A 54 -9.88 8.27 1.16
C ILE A 54 -10.24 7.01 1.97
N MET A 55 -11.34 7.10 2.70
CA MET A 55 -12.01 5.93 3.23
C MET A 55 -12.63 5.10 2.10
N ALA A 56 -12.88 5.74 0.94
CA ALA A 56 -13.47 5.11 -0.24
C ALA A 56 -12.56 4.08 -0.93
N VAL A 57 -11.34 3.83 -0.43
CA VAL A 57 -10.36 2.91 -1.00
C VAL A 57 -9.79 3.47 -2.33
N PRO A 58 -8.66 2.96 -2.86
CA PRO A 58 -7.74 2.02 -2.24
C PRO A 58 -6.93 2.68 -1.12
N THR A 59 -6.97 2.11 0.08
CA THR A 59 -6.40 2.69 1.28
C THR A 59 -4.98 2.11 1.43
N ILE A 60 -3.95 2.84 1.00
CA ILE A 60 -2.60 2.29 0.85
C ILE A 60 -1.67 3.09 1.76
N VAL A 61 -1.02 2.42 2.71
CA VAL A 61 -0.07 3.06 3.61
C VAL A 61 1.31 2.84 2.99
N ILE A 62 2.11 3.90 2.81
CA ILE A 62 3.53 3.75 2.44
C ILE A 62 4.40 4.46 3.46
N ASN A 63 5.55 3.86 3.78
CA ASN A 63 6.40 4.05 4.96
C ASN A 63 5.70 4.03 6.34
N GLY A 64 4.55 4.67 6.45
CA GLY A 64 3.71 4.82 7.62
C GLY A 64 2.59 5.83 7.37
N ASP A 65 2.66 6.67 6.33
CA ASP A 65 1.65 7.66 5.97
C ASP A 65 0.64 7.05 4.99
N VAL A 66 -0.54 7.65 4.87
CA VAL A 66 -1.75 7.00 4.36
C VAL A 66 -2.26 7.76 3.14
N GLU A 67 -2.49 7.10 2.00
CA GLU A 67 -2.84 7.78 0.75
C GLU A 67 -3.51 6.82 -0.24
N PHE A 68 -4.01 7.33 -1.37
CA PHE A 68 -4.27 6.59 -2.61
C PHE A 68 -3.69 7.41 -3.75
N ILE A 69 -3.34 6.81 -4.89
CA ILE A 69 -3.04 7.55 -6.11
C ILE A 69 -3.66 6.72 -7.23
N GLY A 70 -4.33 7.38 -8.17
CA GLY A 70 -5.00 6.70 -9.26
C GLY A 70 -6.23 5.95 -8.78
N ALA A 71 -6.81 5.16 -9.68
CA ALA A 71 -7.76 4.13 -9.30
C ALA A 71 -7.12 2.84 -8.75
N PRO A 72 -5.91 2.38 -9.16
CA PRO A 72 -5.31 1.18 -8.62
C PRO A 72 -4.54 1.49 -7.32
N THR A 73 -3.72 0.55 -6.87
CA THR A 73 -2.80 0.74 -5.75
C THR A 73 -1.75 1.83 -6.05
N LYS A 74 -0.91 2.15 -5.06
CA LYS A 74 -0.11 3.38 -4.97
C LYS A 74 1.14 3.38 -5.88
N GLU A 75 1.18 2.56 -6.92
CA GLU A 75 2.24 2.44 -7.91
C GLU A 75 2.94 3.78 -8.27
N ALA A 76 2.17 4.86 -8.42
CA ALA A 76 2.65 6.22 -8.63
C ALA A 76 3.67 6.63 -7.57
N LEU A 77 3.24 6.73 -6.31
CA LEU A 77 4.10 7.12 -5.21
C LEU A 77 5.13 6.04 -4.91
N VAL A 78 4.83 4.78 -5.21
CA VAL A 78 5.74 3.67 -5.03
C VAL A 78 6.98 3.87 -5.94
N GLU A 79 6.82 4.45 -7.13
CA GLU A 79 7.98 4.87 -7.93
C GLU A 79 8.83 5.96 -7.25
N ALA A 80 8.34 6.67 -6.23
CA ALA A 80 9.11 7.64 -5.45
C ALA A 80 9.77 6.97 -4.25
N ILE A 81 9.01 6.15 -3.48
CA ILE A 81 9.57 5.43 -2.34
C ILE A 81 10.68 4.45 -2.77
N LYS A 82 10.69 3.99 -4.02
CA LYS A 82 11.78 3.15 -4.53
C LYS A 82 13.10 3.90 -4.54
N LYS A 83 13.08 5.13 -5.05
CA LYS A 83 14.29 5.84 -5.41
C LYS A 83 14.83 6.53 -4.16
N ARG A 84 13.97 7.26 -3.45
CA ARG A 84 14.23 8.25 -2.41
C ARG A 84 15.21 9.35 -2.79
N LEU A 85 16.42 8.97 -3.18
CA LEU A 85 17.57 9.85 -3.40
C LEU A 85 17.44 10.58 -4.71
N MET A 1 13.62 2.74 12.39
CA MET A 1 13.35 1.41 11.81
C MET A 1 12.90 1.60 10.37
N SER A 2 13.70 1.18 9.40
CA SER A 2 13.37 1.32 7.99
C SER A 2 12.19 0.44 7.64
N LYS A 3 11.06 1.06 7.28
CA LYS A 3 9.92 0.37 6.69
C LYS A 3 9.29 1.31 5.66
N VAL A 4 9.13 0.87 4.43
CA VAL A 4 8.40 1.61 3.38
C VAL A 4 7.07 0.88 3.24
N LYS A 5 6.00 1.46 3.80
CA LYS A 5 4.66 0.88 3.71
C LYS A 5 4.12 1.06 2.30
N ILE A 6 3.17 0.21 1.95
CA ILE A 6 2.23 0.38 0.87
C ILE A 6 0.91 -0.20 1.36
N GLU A 7 -0.21 0.47 1.07
CA GLU A 7 -1.54 -0.12 1.18
C GLU A 7 -2.24 0.13 -0.16
N LEU A 8 -3.07 -0.80 -0.63
CA LEU A 8 -3.66 -0.80 -1.97
C LEU A 8 -5.11 -1.22 -1.85
N PHE A 9 -5.98 -0.24 -1.66
CA PHE A 9 -7.35 -0.39 -1.21
C PHE A 9 -8.28 0.05 -2.33
N THR A 10 -8.78 -0.91 -3.09
CA THR A 10 -9.70 -0.74 -4.21
C THR A 10 -10.01 -2.14 -4.76
N SER A 11 -10.80 -2.24 -5.83
CA SER A 11 -10.84 -3.40 -6.69
C SER A 11 -11.39 -2.96 -8.07
N PRO A 12 -10.64 -2.19 -8.87
CA PRO A 12 -11.14 -1.67 -10.13
C PRO A 12 -11.37 -2.84 -11.09
N MET A 13 -12.58 -2.89 -11.66
CA MET A 13 -13.01 -3.92 -12.60
C MET A 13 -12.03 -3.97 -13.77
N CYS A 14 -11.20 -5.02 -13.77
CA CYS A 14 -10.13 -5.40 -14.69
C CYS A 14 -8.77 -5.19 -14.00
N PRO A 15 -8.20 -3.97 -13.83
CA PRO A 15 -6.84 -3.82 -13.31
C PRO A 15 -6.65 -4.21 -11.84
N HIS A 16 -7.66 -4.73 -11.13
CA HIS A 16 -7.48 -5.46 -9.86
C HIS A 16 -6.72 -6.79 -10.02
N CYS A 17 -5.59 -6.80 -10.72
CA CYS A 17 -4.71 -7.97 -10.87
C CYS A 17 -3.25 -7.51 -10.77
N PRO A 18 -2.69 -6.68 -11.69
CA PRO A 18 -1.28 -6.28 -11.61
C PRO A 18 -0.94 -5.38 -10.42
N ALA A 19 -1.93 -4.90 -9.66
CA ALA A 19 -1.82 -3.82 -8.67
C ALA A 19 -0.66 -4.02 -7.69
N ALA A 20 -0.84 -4.83 -6.64
CA ALA A 20 0.23 -5.02 -5.66
C ALA A 20 1.46 -5.68 -6.24
N LYS A 21 1.33 -6.47 -7.33
CA LYS A 21 2.48 -7.10 -7.97
C LYS A 21 3.44 -6.03 -8.48
N ARG A 22 2.98 -5.13 -9.36
CA ARG A 22 3.84 -4.05 -9.85
C ARG A 22 4.27 -3.15 -8.71
N VAL A 23 3.36 -2.79 -7.81
CA VAL A 23 3.70 -1.81 -6.79
C VAL A 23 4.78 -2.39 -5.84
N VAL A 24 4.80 -3.71 -5.55
CA VAL A 24 5.88 -4.31 -4.77
C VAL A 24 7.13 -4.56 -5.61
N GLU A 25 7.02 -4.77 -6.93
CA GLU A 25 8.19 -4.81 -7.81
C GLU A 25 8.88 -3.46 -7.74
N GLU A 26 8.12 -2.41 -8.07
CA GLU A 26 8.55 -1.03 -8.11
C GLU A 26 9.26 -0.72 -6.79
N VAL A 27 8.57 -0.74 -5.64
CA VAL A 27 9.22 -0.37 -4.38
C VAL A 27 10.33 -1.36 -3.97
N ALA A 28 10.28 -2.64 -4.36
CA ALA A 28 11.39 -3.54 -4.05
C ALA A 28 12.66 -3.11 -4.79
N ASN A 29 12.55 -2.44 -5.94
CA ASN A 29 13.73 -1.77 -6.52
C ASN A 29 14.41 -0.85 -5.51
N GLU A 30 13.64 0.02 -4.85
CA GLU A 30 14.20 0.92 -3.84
C GLU A 30 14.67 0.12 -2.63
N MET A 31 13.81 -0.73 -2.08
CA MET A 31 13.97 -1.42 -0.82
C MET A 31 13.41 -2.84 -0.94
N PRO A 32 14.21 -3.83 -1.36
CA PRO A 32 13.79 -5.23 -1.48
C PRO A 32 13.74 -5.91 -0.11
N ASP A 33 13.50 -5.13 0.96
CA ASP A 33 13.84 -5.47 2.33
C ASP A 33 12.85 -4.76 3.25
N ALA A 34 12.92 -3.43 3.33
CA ALA A 34 12.08 -2.63 4.21
C ALA A 34 10.62 -2.57 3.74
N VAL A 35 10.29 -3.13 2.58
CA VAL A 35 8.97 -3.00 2.00
C VAL A 35 7.94 -3.81 2.81
N GLU A 36 6.74 -3.26 3.02
CA GLU A 36 5.54 -3.97 3.47
C GLU A 36 4.39 -3.52 2.59
N VAL A 37 3.71 -4.45 1.92
CA VAL A 37 2.57 -4.14 1.07
C VAL A 37 1.33 -4.83 1.65
N GLU A 38 0.20 -4.13 1.62
CA GLU A 38 -1.12 -4.64 1.90
C GLU A 38 -1.90 -4.50 0.60
N TYR A 39 -2.05 -5.58 -0.17
CA TYR A 39 -3.10 -5.66 -1.17
C TYR A 39 -4.39 -5.96 -0.43
N ILE A 40 -5.36 -5.05 -0.47
CA ILE A 40 -6.66 -5.25 0.16
C ILE A 40 -7.74 -4.94 -0.88
N ASN A 41 -8.28 -6.02 -1.45
CA ASN A 41 -9.38 -6.00 -2.39
C ASN A 41 -10.64 -5.53 -1.66
N VAL A 42 -11.32 -4.53 -2.22
CA VAL A 42 -12.62 -4.08 -1.73
C VAL A 42 -13.61 -5.25 -1.82
N MET A 43 -13.90 -5.86 -0.66
CA MET A 43 -14.95 -6.83 -0.39
C MET A 43 -14.83 -7.19 1.09
N GLU A 44 -13.79 -7.95 1.47
CA GLU A 44 -13.62 -8.39 2.84
C GLU A 44 -13.14 -7.22 3.72
N ASN A 45 -12.22 -6.43 3.18
CA ASN A 45 -11.45 -5.44 3.93
C ASN A 45 -12.37 -4.41 4.61
N PRO A 46 -12.02 -3.95 5.83
CA PRO A 46 -12.79 -2.93 6.51
C PRO A 46 -12.57 -1.61 5.78
N GLN A 47 -13.65 -0.85 5.57
CA GLN A 47 -13.65 0.44 4.88
C GLN A 47 -12.70 1.48 5.50
N LYS A 48 -12.19 1.24 6.70
CA LYS A 48 -11.32 2.09 7.52
C LYS A 48 -10.04 2.64 6.87
N ALA A 49 -9.67 2.30 5.63
CA ALA A 49 -8.75 3.15 4.86
C ALA A 49 -9.60 4.13 4.06
N MET A 50 -10.41 3.59 3.14
CA MET A 50 -11.41 4.22 2.29
C MET A 50 -12.28 5.29 2.98
N GLU A 51 -12.39 5.29 4.31
CA GLU A 51 -12.98 6.35 5.14
C GLU A 51 -12.42 7.76 4.89
N TYR A 52 -11.23 7.86 4.31
CA TYR A 52 -10.33 9.02 4.23
C TYR A 52 -10.98 10.31 3.69
N GLY A 53 -10.19 11.40 3.69
CA GLY A 53 -10.46 12.62 2.95
C GLY A 53 -10.93 12.30 1.53
N ILE A 54 -12.07 12.87 1.14
CA ILE A 54 -12.86 12.64 -0.07
C ILE A 54 -13.39 11.21 -0.26
N MET A 55 -12.76 10.19 0.35
CA MET A 55 -12.99 8.76 0.19
C MET A 55 -12.74 8.31 -1.24
N ALA A 56 -13.65 8.66 -2.15
CA ALA A 56 -13.71 8.27 -3.55
C ALA A 56 -13.25 6.82 -3.74
N VAL A 57 -12.35 6.59 -4.70
CA VAL A 57 -11.66 5.35 -5.04
C VAL A 57 -10.74 5.72 -6.21
N PRO A 58 -9.62 4.98 -6.42
CA PRO A 58 -9.02 4.04 -5.49
C PRO A 58 -8.51 4.73 -4.22
N THR A 59 -7.93 3.97 -3.30
CA THR A 59 -7.18 4.45 -2.14
C THR A 59 -5.84 3.70 -2.18
N ILE A 60 -4.71 4.40 -2.13
CA ILE A 60 -3.38 3.81 -2.05
C ILE A 60 -2.68 4.51 -0.88
N VAL A 61 -1.60 3.94 -0.39
CA VAL A 61 -0.67 4.54 0.54
C VAL A 61 0.69 4.09 0.01
N ILE A 62 1.63 5.03 -0.14
CA ILE A 62 3.05 4.72 -0.42
C ILE A 62 3.85 4.80 0.88
N ASN A 63 5.19 4.92 0.84
CA ASN A 63 6.14 4.90 1.97
C ASN A 63 5.51 5.21 3.32
N GLY A 64 4.85 6.36 3.44
CA GLY A 64 3.84 6.58 4.48
C GLY A 64 2.56 7.22 3.92
N ASP A 65 2.58 7.76 2.69
CA ASP A 65 1.61 8.77 2.25
C ASP A 65 0.38 8.15 1.57
N VAL A 66 -0.77 8.30 2.21
CA VAL A 66 -2.10 8.07 1.62
C VAL A 66 -2.24 9.01 0.41
N GLU A 67 -2.75 8.51 -0.71
CA GLU A 67 -3.02 9.24 -1.96
C GLU A 67 -3.64 8.25 -2.96
N PHE A 68 -4.17 8.70 -4.09
CA PHE A 68 -4.73 7.86 -5.13
C PHE A 68 -4.73 8.67 -6.41
N ILE A 69 -4.39 8.03 -7.52
CA ILE A 69 -4.22 8.65 -8.82
C ILE A 69 -4.56 7.57 -9.83
N GLY A 70 -5.36 7.89 -10.84
CA GLY A 70 -5.76 6.97 -11.89
C GLY A 70 -6.99 6.15 -11.50
N ALA A 71 -7.47 5.36 -12.45
CA ALA A 71 -8.42 4.27 -12.22
C ALA A 71 -7.75 3.01 -11.64
N PRO A 72 -6.57 2.54 -12.10
CA PRO A 72 -5.80 1.55 -11.37
C PRO A 72 -5.21 2.19 -10.11
N THR A 73 -4.41 1.43 -9.36
CA THR A 73 -3.64 1.93 -8.23
C THR A 73 -2.61 2.99 -8.68
N LYS A 74 -1.76 3.48 -7.76
CA LYS A 74 -1.02 4.76 -7.85
C LYS A 74 0.11 4.77 -8.89
N GLU A 75 0.00 4.08 -10.01
CA GLU A 75 1.07 3.90 -10.99
C GLU A 75 1.63 5.25 -11.48
N ALA A 76 0.78 6.27 -11.59
CA ALA A 76 1.15 7.64 -11.93
C ALA A 76 2.25 8.17 -11.01
N LEU A 77 2.10 8.01 -9.69
CA LEU A 77 3.15 8.37 -8.75
C LEU A 77 4.19 7.27 -8.63
N VAL A 78 3.87 5.99 -8.84
CA VAL A 78 4.81 4.89 -8.66
C VAL A 78 6.02 5.08 -9.60
N GLU A 79 5.76 5.51 -10.84
CA GLU A 79 6.82 5.79 -11.79
C GLU A 79 7.76 6.92 -11.33
N ALA A 80 7.40 7.66 -10.30
CA ALA A 80 8.16 8.72 -9.66
C ALA A 80 8.69 8.27 -8.29
N ILE A 81 7.96 7.50 -7.46
CA ILE A 81 8.52 6.96 -6.23
C ILE A 81 9.77 6.15 -6.52
N LYS A 82 9.80 5.46 -7.67
CA LYS A 82 10.98 4.68 -8.05
C LYS A 82 12.28 5.49 -8.03
N LYS A 83 12.24 6.77 -8.39
CA LYS A 83 13.37 7.70 -8.22
C LYS A 83 13.35 8.44 -6.89
N ARG A 84 12.16 8.73 -6.34
CA ARG A 84 11.95 9.62 -5.19
C ARG A 84 12.85 9.23 -4.02
N LEU A 85 12.66 8.06 -3.39
CA LEU A 85 13.44 7.61 -2.25
C LEU A 85 13.13 6.14 -2.05
N MET A 1 14.87 4.27 16.74
CA MET A 1 13.43 4.00 16.54
C MET A 1 13.24 3.53 15.11
N SER A 2 12.75 2.30 14.92
CA SER A 2 12.83 1.61 13.64
C SER A 2 11.67 0.63 13.48
N LYS A 3 11.54 0.10 12.26
CA LYS A 3 10.64 -0.95 11.76
C LYS A 3 9.60 -0.29 10.87
N VAL A 4 9.76 -0.46 9.57
CA VAL A 4 8.73 -0.10 8.62
C VAL A 4 7.55 -1.05 8.90
N LYS A 5 6.34 -0.50 9.05
CA LYS A 5 5.09 -1.25 9.02
C LYS A 5 4.50 -1.02 7.64
N ILE A 6 3.90 -2.08 7.07
CA ILE A 6 3.40 -2.15 5.72
C ILE A 6 2.07 -2.87 5.81
N GLU A 7 1.00 -2.13 6.09
CA GLU A 7 -0.35 -2.69 5.99
C GLU A 7 -0.88 -2.35 4.59
N LEU A 8 -1.36 -3.38 3.89
CA LEU A 8 -2.19 -3.21 2.71
C LEU A 8 -3.63 -3.42 3.14
N PHE A 9 -4.32 -2.38 3.59
CA PHE A 9 -5.71 -2.46 4.05
C PHE A 9 -6.63 -2.19 2.85
N THR A 10 -7.08 -3.25 2.21
CA THR A 10 -7.95 -3.23 1.02
C THR A 10 -8.25 -4.70 0.64
N SER A 11 -9.15 -4.92 -0.32
CA SER A 11 -9.31 -6.19 -1.00
C SER A 11 -9.51 -5.80 -2.46
N PRO A 12 -8.48 -5.92 -3.34
CA PRO A 12 -8.53 -5.42 -4.71
C PRO A 12 -9.35 -6.35 -5.61
N MET A 13 -10.61 -6.57 -5.27
CA MET A 13 -11.54 -7.45 -5.96
C MET A 13 -11.79 -7.00 -7.40
N CYS A 14 -11.60 -5.71 -7.69
CA CYS A 14 -11.60 -5.19 -9.05
C CYS A 14 -10.27 -5.50 -9.76
N PRO A 15 -9.11 -4.84 -9.47
CA PRO A 15 -7.93 -4.97 -10.32
C PRO A 15 -7.02 -6.19 -10.02
N HIS A 16 -7.21 -6.93 -8.93
CA HIS A 16 -6.44 -8.14 -8.55
C HIS A 16 -4.91 -7.95 -8.49
N CYS A 17 -4.41 -6.74 -8.27
CA CYS A 17 -2.98 -6.44 -8.30
C CYS A 17 -2.19 -7.33 -7.33
N PRO A 18 -0.89 -7.56 -7.58
CA PRO A 18 0.06 -8.14 -6.61
C PRO A 18 0.40 -7.10 -5.54
N ALA A 19 -0.62 -6.58 -4.84
CA ALA A 19 -0.56 -5.40 -3.97
C ALA A 19 0.56 -5.50 -2.93
N ALA A 20 0.32 -6.29 -1.87
CA ALA A 20 1.34 -6.51 -0.86
C ALA A 20 2.59 -7.03 -1.53
N LYS A 21 2.50 -8.00 -2.45
CA LYS A 21 3.66 -8.58 -3.13
C LYS A 21 4.62 -7.52 -3.69
N ARG A 22 4.17 -6.47 -4.38
CA ARG A 22 5.08 -5.36 -4.74
C ARG A 22 5.50 -4.61 -3.51
N VAL A 23 4.58 -4.13 -2.67
CA VAL A 23 5.00 -3.24 -1.59
C VAL A 23 6.04 -3.94 -0.70
N VAL A 24 5.89 -5.24 -0.38
CA VAL A 24 6.81 -6.04 0.41
C VAL A 24 8.08 -6.41 -0.36
N GLU A 25 8.03 -6.61 -1.68
CA GLU A 25 9.22 -6.65 -2.52
C GLU A 25 10.04 -5.40 -2.23
N GLU A 26 9.36 -4.26 -2.27
CA GLU A 26 9.97 -2.96 -2.35
C GLU A 26 10.55 -2.55 -0.99
N VAL A 27 9.81 -2.74 0.11
CA VAL A 27 10.38 -2.49 1.44
C VAL A 27 11.40 -3.55 1.83
N ALA A 28 11.34 -4.79 1.32
CA ALA A 28 12.44 -5.72 1.53
C ALA A 28 13.66 -5.29 0.72
N ASN A 29 13.46 -4.58 -0.40
CA ASN A 29 14.52 -3.97 -1.20
C ASN A 29 15.25 -2.91 -0.36
N GLU A 30 14.50 -2.11 0.42
CA GLU A 30 15.07 -1.20 1.39
C GLU A 30 15.73 -1.97 2.54
N MET A 31 14.97 -2.84 3.21
CA MET A 31 15.25 -3.33 4.56
C MET A 31 14.75 -4.77 4.67
N PRO A 32 15.54 -5.80 4.30
CA PRO A 32 15.17 -7.20 4.49
C PRO A 32 15.32 -7.63 5.97
N ASP A 33 14.89 -6.79 6.90
CA ASP A 33 15.00 -6.95 8.35
C ASP A 33 13.85 -6.18 8.99
N ALA A 34 13.86 -4.85 8.86
CA ALA A 34 12.95 -3.92 9.51
C ALA A 34 11.59 -3.85 8.79
N VAL A 35 11.01 -4.99 8.41
CA VAL A 35 9.95 -5.10 7.41
C VAL A 35 8.76 -5.88 7.99
N GLU A 36 7.88 -5.20 8.72
CA GLU A 36 6.65 -5.76 9.24
C GLU A 36 5.55 -5.57 8.19
N VAL A 37 5.07 -6.64 7.57
CA VAL A 37 4.15 -6.56 6.43
C VAL A 37 2.89 -7.37 6.74
N GLU A 38 1.71 -6.90 6.32
CA GLU A 38 0.56 -7.77 6.15
C GLU A 38 -0.45 -7.21 5.15
N TYR A 39 -1.18 -8.12 4.51
CA TYR A 39 -2.22 -7.89 3.53
C TYR A 39 -3.54 -7.97 4.27
N ILE A 40 -4.02 -6.84 4.77
CA ILE A 40 -5.24 -6.76 5.58
C ILE A 40 -6.40 -6.76 4.59
N ASN A 41 -6.82 -7.95 4.18
CA ASN A 41 -7.92 -8.12 3.26
C ASN A 41 -9.17 -7.50 3.87
N VAL A 42 -9.76 -6.52 3.19
CA VAL A 42 -11.04 -5.93 3.61
C VAL A 42 -12.13 -6.98 3.36
N MET A 43 -12.45 -7.78 4.37
CA MET A 43 -13.64 -8.64 4.44
C MET A 43 -14.15 -8.67 5.89
N GLU A 44 -13.28 -8.97 6.84
CA GLU A 44 -13.56 -9.27 8.25
C GLU A 44 -12.70 -8.40 9.18
N ASN A 45 -12.08 -7.39 8.59
CA ASN A 45 -10.92 -6.65 9.08
C ASN A 45 -11.08 -5.98 10.46
N PRO A 46 -9.98 -5.74 11.19
CA PRO A 46 -9.99 -4.94 12.40
C PRO A 46 -10.31 -3.48 12.08
N GLN A 47 -11.04 -2.79 12.96
CA GLN A 47 -11.28 -1.35 12.85
C GLN A 47 -9.99 -0.55 13.00
N LYS A 48 -8.88 -1.17 13.42
CA LYS A 48 -7.64 -0.47 13.70
C LYS A 48 -7.04 0.27 12.50
N ALA A 49 -7.43 -0.05 11.26
CA ALA A 49 -7.20 0.88 10.16
C ALA A 49 -8.39 1.82 9.94
N MET A 50 -9.61 1.31 10.05
CA MET A 50 -10.84 2.08 9.81
C MET A 50 -11.01 3.24 10.81
N GLU A 51 -10.22 3.26 11.88
CA GLU A 51 -10.10 4.39 12.79
C GLU A 51 -9.53 5.62 12.05
N TYR A 52 -8.76 5.41 10.97
CA TYR A 52 -8.15 6.47 10.19
C TYR A 52 -9.24 7.26 9.49
N GLY A 53 -9.39 8.52 9.86
CA GLY A 53 -10.45 9.37 9.36
C GLY A 53 -10.37 9.77 7.89
N ILE A 54 -9.45 9.22 7.09
CA ILE A 54 -9.59 9.23 5.64
C ILE A 54 -10.74 8.29 5.26
N MET A 55 -10.68 7.04 5.74
CA MET A 55 -11.48 5.86 5.39
C MET A 55 -11.81 5.62 3.91
N ALA A 56 -11.23 6.40 2.99
CA ALA A 56 -11.09 6.05 1.59
C ALA A 56 -10.18 4.82 1.47
N VAL A 57 -9.94 4.41 0.24
CA VAL A 57 -9.31 3.14 -0.09
C VAL A 57 -8.46 3.31 -1.35
N PRO A 58 -7.47 2.44 -1.60
CA PRO A 58 -6.96 1.43 -0.67
C PRO A 58 -6.19 2.11 0.49
N THR A 59 -6.51 1.78 1.73
CA THR A 59 -5.87 2.38 2.91
C THR A 59 -4.51 1.69 3.06
N ILE A 60 -3.41 2.37 2.73
CA ILE A 60 -2.08 1.77 2.72
C ILE A 60 -1.22 2.52 3.73
N VAL A 61 -0.66 1.84 4.74
CA VAL A 61 0.23 2.50 5.68
C VAL A 61 1.62 1.93 5.44
N ILE A 62 2.51 2.76 4.92
CA ILE A 62 3.94 2.47 4.83
C ILE A 62 4.64 3.22 5.96
N ASN A 63 5.91 2.91 6.22
CA ASN A 63 6.63 3.21 7.47
C ASN A 63 5.75 3.24 8.72
N GLY A 64 5.04 4.33 9.02
CA GLY A 64 3.96 4.34 10.00
C GLY A 64 2.80 5.29 9.66
N ASP A 65 2.76 5.86 8.46
CA ASP A 65 1.87 6.96 8.11
C ASP A 65 0.40 6.56 7.96
N VAL A 66 -0.01 6.11 6.77
CA VAL A 66 -1.33 5.91 6.14
C VAL A 66 -1.41 6.88 4.95
N GLU A 67 -1.88 6.45 3.77
CA GLU A 67 -2.00 7.20 2.51
C GLU A 67 -2.63 6.27 1.45
N PHE A 68 -3.08 6.78 0.30
CA PHE A 68 -3.74 6.03 -0.77
C PHE A 68 -3.44 6.75 -2.09
N ILE A 69 -2.74 6.07 -3.01
CA ILE A 69 -2.36 6.65 -4.30
C ILE A 69 -2.45 5.54 -5.33
N GLY A 70 -2.73 5.90 -6.58
CA GLY A 70 -2.92 4.98 -7.69
C GLY A 70 -4.37 4.50 -7.77
N ALA A 71 -4.68 3.78 -8.85
CA ALA A 71 -5.81 2.87 -8.94
C ALA A 71 -5.47 1.48 -8.35
N PRO A 72 -4.23 0.95 -8.43
CA PRO A 72 -3.80 -0.13 -7.53
C PRO A 72 -3.61 0.42 -6.12
N THR A 73 -2.96 -0.37 -5.28
CA THR A 73 -2.36 0.10 -4.04
C THR A 73 -1.24 1.11 -4.34
N LYS A 74 -0.49 1.51 -3.31
CA LYS A 74 0.32 2.72 -3.22
C LYS A 74 1.59 2.72 -4.09
N GLU A 75 1.50 2.33 -5.36
CA GLU A 75 2.60 2.16 -6.29
C GLU A 75 3.41 3.46 -6.45
N ALA A 76 2.72 4.59 -6.62
CA ALA A 76 3.32 5.92 -6.74
C ALA A 76 4.30 6.24 -5.60
N LEU A 77 3.94 5.84 -4.38
CA LEU A 77 4.73 6.06 -3.18
C LEU A 77 5.68 4.89 -2.94
N VAL A 78 5.42 3.70 -3.49
CA VAL A 78 6.40 2.61 -3.54
C VAL A 78 7.65 3.12 -4.26
N GLU A 79 7.46 3.92 -5.31
CA GLU A 79 8.54 4.59 -6.03
C GLU A 79 9.19 5.73 -5.20
N ALA A 80 8.71 6.01 -3.97
CA ALA A 80 9.32 6.91 -3.02
C ALA A 80 10.02 6.15 -1.88
N ILE A 81 9.35 5.20 -1.22
CA ILE A 81 9.99 4.38 -0.19
C ILE A 81 11.26 3.75 -0.81
N LYS A 82 11.20 3.29 -2.08
CA LYS A 82 12.41 2.81 -2.76
C LYS A 82 13.38 3.91 -3.18
N LYS A 83 12.95 5.14 -3.48
CA LYS A 83 13.94 6.19 -3.81
C LYS A 83 14.80 6.46 -2.59
N ARG A 84 14.24 6.31 -1.38
CA ARG A 84 14.96 6.39 -0.11
C ARG A 84 15.88 5.18 0.17
N LEU A 85 16.15 4.30 -0.81
CA LEU A 85 17.34 3.45 -0.75
C LEU A 85 18.56 4.35 -0.68
N MET A 1 17.35 0.57 13.07
CA MET A 1 16.57 1.41 14.00
C MET A 1 15.11 0.94 13.95
N SER A 2 14.10 1.77 13.63
CA SER A 2 12.71 1.32 13.59
C SER A 2 12.52 0.31 12.46
N LYS A 3 11.67 -0.69 12.67
CA LYS A 3 11.25 -1.59 11.59
C LYS A 3 10.27 -0.81 10.72
N VAL A 4 10.51 -0.72 9.41
CA VAL A 4 9.62 0.00 8.50
C VAL A 4 8.32 -0.79 8.38
N LYS A 5 7.23 -0.26 8.92
CA LYS A 5 5.95 -0.96 8.91
C LYS A 5 5.17 -0.55 7.66
N ILE A 6 4.44 -1.50 7.09
CA ILE A 6 3.46 -1.27 6.06
C ILE A 6 2.24 -2.09 6.50
N GLU A 7 1.05 -1.52 6.33
CA GLU A 7 -0.21 -2.23 6.50
C GLU A 7 -0.99 -2.06 5.20
N LEU A 8 -1.54 -3.16 4.69
CA LEU A 8 -2.18 -3.23 3.38
C LEU A 8 -3.67 -3.54 3.58
N PHE A 9 -4.52 -2.52 3.65
CA PHE A 9 -5.96 -2.66 3.88
C PHE A 9 -6.74 -2.23 2.64
N THR A 10 -7.24 -3.20 1.87
CA THR A 10 -8.16 -3.01 0.75
C THR A 10 -8.53 -4.39 0.17
N SER A 11 -9.50 -4.47 -0.74
CA SER A 11 -9.81 -5.66 -1.52
C SER A 11 -10.74 -5.29 -2.70
N PRO A 12 -10.45 -4.23 -3.48
CA PRO A 12 -11.44 -3.58 -4.33
C PRO A 12 -11.84 -4.51 -5.47
N MET A 13 -10.92 -4.83 -6.36
CA MET A 13 -11.00 -6.00 -7.22
C MET A 13 -9.56 -6.32 -7.60
N CYS A 14 -9.19 -6.23 -8.89
CA CYS A 14 -8.02 -6.89 -9.45
C CYS A 14 -8.05 -8.39 -9.06
N PRO A 15 -6.99 -9.17 -9.32
CA PRO A 15 -6.85 -10.49 -8.71
C PRO A 15 -6.62 -10.44 -7.20
N HIS A 16 -6.62 -9.26 -6.54
CA HIS A 16 -6.38 -9.02 -5.11
C HIS A 16 -4.94 -9.30 -4.67
N CYS A 17 -4.25 -10.26 -5.29
CA CYS A 17 -2.86 -10.64 -5.04
C CYS A 17 -1.86 -9.47 -5.20
N PRO A 18 -1.87 -8.69 -6.30
CA PRO A 18 -0.86 -7.67 -6.51
C PRO A 18 -1.15 -6.51 -5.56
N ALA A 19 -0.61 -6.59 -4.36
CA ALA A 19 -0.78 -5.64 -3.28
C ALA A 19 0.43 -5.78 -2.37
N ALA A 20 0.30 -6.50 -1.25
CA ALA A 20 1.43 -6.77 -0.36
C ALA A 20 2.59 -7.43 -1.12
N LYS A 21 2.32 -8.18 -2.18
CA LYS A 21 3.33 -8.74 -3.09
C LYS A 21 4.29 -7.65 -3.60
N ARG A 22 3.81 -6.70 -4.41
CA ARG A 22 4.69 -5.68 -4.97
C ARG A 22 5.25 -4.79 -3.88
N VAL A 23 4.43 -4.44 -2.89
CA VAL A 23 4.87 -3.50 -1.86
C VAL A 23 6.03 -4.14 -1.08
N VAL A 24 5.96 -5.43 -0.70
CA VAL A 24 7.09 -6.08 -0.04
C VAL A 24 8.27 -6.17 -0.99
N GLU A 25 8.08 -6.45 -2.28
CA GLU A 25 9.19 -6.48 -3.23
C GLU A 25 9.89 -5.11 -3.26
N GLU A 26 9.11 -4.04 -3.31
CA GLU A 26 9.58 -2.67 -3.38
C GLU A 26 10.46 -2.36 -2.17
N VAL A 27 9.93 -2.45 -0.94
CA VAL A 27 10.74 -2.09 0.23
C VAL A 27 11.80 -3.15 0.53
N ALA A 28 11.57 -4.44 0.28
CA ALA A 28 12.58 -5.47 0.50
C ALA A 28 13.80 -5.26 -0.40
N ASN A 29 13.62 -4.65 -1.58
CA ASN A 29 14.74 -4.27 -2.43
C ASN A 29 15.69 -3.25 -1.76
N GLU A 30 15.31 -2.62 -0.65
CA GLU A 30 16.08 -1.54 -0.01
C GLU A 30 16.20 -1.67 1.51
N MET A 31 15.32 -2.43 2.17
CA MET A 31 15.38 -2.86 3.57
C MET A 31 14.93 -4.33 3.62
N PRO A 32 15.79 -5.30 3.24
CA PRO A 32 15.44 -6.70 3.01
C PRO A 32 15.10 -7.50 4.29
N ASP A 33 14.64 -6.87 5.36
CA ASP A 33 14.68 -7.44 6.71
C ASP A 33 14.04 -6.48 7.71
N ALA A 34 14.35 -5.17 7.66
CA ALA A 34 13.59 -4.19 8.43
C ALA A 34 12.21 -3.92 7.82
N VAL A 35 11.83 -4.62 6.75
CA VAL A 35 10.50 -4.54 6.16
C VAL A 35 9.52 -5.32 7.04
N GLU A 36 8.33 -4.76 7.26
CA GLU A 36 7.13 -5.48 7.68
C GLU A 36 6.04 -5.05 6.71
N VAL A 37 5.36 -5.99 6.03
CA VAL A 37 4.21 -5.69 5.19
C VAL A 37 3.11 -6.64 5.68
N GLU A 38 2.18 -6.11 6.46
CA GLU A 38 1.06 -6.85 7.01
C GLU A 38 -0.08 -6.70 6.00
N TYR A 39 -0.69 -7.83 5.63
CA TYR A 39 -1.63 -7.96 4.54
C TYR A 39 -2.99 -8.26 5.15
N ILE A 40 -3.87 -7.27 5.19
CA ILE A 40 -5.16 -7.35 5.87
C ILE A 40 -6.24 -6.98 4.87
N ASN A 41 -6.41 -7.84 3.86
CA ASN A 41 -7.39 -7.55 2.81
C ASN A 41 -8.77 -7.38 3.44
N VAL A 42 -9.55 -6.47 2.87
CA VAL A 42 -10.93 -6.25 3.27
C VAL A 42 -11.71 -7.53 2.99
N MET A 43 -12.63 -7.84 3.90
CA MET A 43 -13.44 -9.05 3.98
C MET A 43 -14.32 -8.83 5.21
N GLU A 44 -13.78 -8.85 6.42
CA GLU A 44 -14.52 -8.45 7.63
C GLU A 44 -14.64 -6.92 7.73
N ASN A 45 -13.92 -6.20 6.86
CA ASN A 45 -13.84 -4.75 6.75
C ASN A 45 -13.70 -4.06 8.12
N PRO A 46 -12.71 -4.45 8.94
CA PRO A 46 -12.64 -4.03 10.33
C PRO A 46 -12.21 -2.57 10.49
N GLN A 47 -12.67 -1.93 11.57
CA GLN A 47 -12.38 -0.52 11.84
C GLN A 47 -10.89 -0.24 12.07
N LYS A 48 -10.04 -1.26 12.26
CA LYS A 48 -8.62 -1.08 12.54
C LYS A 48 -7.92 -0.14 11.57
N ALA A 49 -8.27 -0.16 10.28
CA ALA A 49 -7.91 0.89 9.33
C ALA A 49 -8.96 1.99 9.22
N MET A 50 -10.27 1.64 9.26
CA MET A 50 -11.33 2.60 8.97
C MET A 50 -11.43 3.74 9.97
N GLU A 51 -10.74 3.66 11.10
CA GLU A 51 -10.60 4.73 12.07
C GLU A 51 -9.90 5.98 11.49
N TYR A 52 -9.11 5.84 10.41
CA TYR A 52 -8.24 6.90 9.90
C TYR A 52 -9.02 8.10 9.35
N GLY A 53 -8.41 9.28 9.44
CA GLY A 53 -8.98 10.59 9.09
C GLY A 53 -9.62 10.59 7.72
N ILE A 54 -8.93 10.03 6.72
CA ILE A 54 -9.57 9.57 5.50
C ILE A 54 -9.05 8.18 5.18
N MET A 55 -9.66 7.19 5.83
CA MET A 55 -9.46 5.78 5.51
C MET A 55 -9.71 5.48 4.04
N ALA A 56 -10.66 6.18 3.39
CA ALA A 56 -11.13 6.00 2.02
C ALA A 56 -10.98 4.54 1.54
N VAL A 57 -10.16 4.31 0.53
CA VAL A 57 -9.56 3.06 0.03
C VAL A 57 -8.68 3.47 -1.16
N PRO A 58 -7.69 2.66 -1.60
CA PRO A 58 -7.12 1.52 -0.88
C PRO A 58 -6.23 2.01 0.26
N THR A 59 -6.58 1.63 1.49
CA THR A 59 -6.10 2.20 2.72
C THR A 59 -4.72 1.61 3.02
N ILE A 60 -3.61 2.30 2.72
CA ILE A 60 -2.29 1.73 2.95
C ILE A 60 -1.68 2.51 4.11
N VAL A 61 -0.81 1.90 4.90
CA VAL A 61 0.10 2.65 5.77
C VAL A 61 1.51 2.28 5.36
N ILE A 62 2.43 3.23 5.34
CA ILE A 62 3.84 3.00 5.02
C ILE A 62 4.73 3.75 6.01
N ASN A 63 5.89 3.16 6.34
CA ASN A 63 6.75 3.49 7.48
C ASN A 63 5.98 3.38 8.80
N GLY A 64 4.94 4.18 8.97
CA GLY A 64 3.84 4.00 9.89
C GLY A 64 2.63 4.91 9.56
N ASP A 65 2.73 5.83 8.59
CA ASP A 65 1.65 6.77 8.26
C ASP A 65 0.66 6.33 7.19
N VAL A 66 -0.55 6.87 7.24
CA VAL A 66 -1.74 6.33 6.57
C VAL A 66 -2.06 7.19 5.34
N GLU A 67 -2.30 6.58 4.16
CA GLU A 67 -2.30 7.28 2.87
C GLU A 67 -2.66 6.26 1.76
N PHE A 68 -2.97 6.75 0.56
CA PHE A 68 -3.52 5.97 -0.55
C PHE A 68 -3.29 6.82 -1.80
N ILE A 69 -2.64 6.26 -2.82
CA ILE A 69 -2.29 6.96 -4.04
C ILE A 69 -2.48 5.99 -5.19
N GLY A 70 -3.50 6.23 -6.01
CA GLY A 70 -3.84 5.43 -7.17
C GLY A 70 -5.18 4.73 -6.96
N ALA A 71 -5.59 3.91 -7.92
CA ALA A 71 -6.62 2.88 -7.74
C ALA A 71 -6.04 1.52 -7.28
N PRO A 72 -4.82 1.09 -7.68
CA PRO A 72 -4.11 0.05 -6.97
C PRO A 72 -3.57 0.61 -5.65
N THR A 73 -2.73 -0.18 -4.97
CA THR A 73 -2.05 0.20 -3.73
C THR A 73 -1.12 1.40 -3.95
N LYS A 74 -0.35 1.81 -2.92
CA LYS A 74 0.33 3.11 -2.79
C LYS A 74 1.54 3.26 -3.74
N GLU A 75 1.47 2.75 -4.95
CA GLU A 75 2.60 2.51 -5.86
C GLU A 75 3.47 3.77 -6.00
N ALA A 76 2.83 4.94 -6.17
CA ALA A 76 3.46 6.24 -6.27
C ALA A 76 4.43 6.55 -5.12
N LEU A 77 4.01 6.29 -3.88
CA LEU A 77 4.81 6.60 -2.69
C LEU A 77 5.69 5.41 -2.31
N VAL A 78 5.30 4.19 -2.65
CA VAL A 78 6.06 2.97 -2.45
C VAL A 78 7.37 3.08 -3.27
N GLU A 79 7.29 3.63 -4.48
CA GLU A 79 8.42 4.01 -5.33
C GLU A 79 9.33 5.06 -4.66
N ALA A 80 8.89 5.71 -3.57
CA ALA A 80 9.74 6.51 -2.72
C ALA A 80 10.22 5.71 -1.50
N ILE A 81 9.37 4.94 -0.81
CA ILE A 81 9.79 4.19 0.39
C ILE A 81 10.96 3.25 0.11
N LYS A 82 11.08 2.75 -1.13
CA LYS A 82 12.33 2.11 -1.53
C LYS A 82 13.53 3.05 -1.27
N LYS A 83 13.60 4.19 -1.95
CA LYS A 83 14.75 5.08 -1.86
C LYS A 83 14.87 5.72 -0.47
N ARG A 84 13.88 6.47 0.01
CA ARG A 84 13.83 7.12 1.32
C ARG A 84 12.37 7.48 1.67
N LEU A 85 11.74 6.67 2.53
CA LEU A 85 10.43 6.84 3.21
C LEU A 85 9.27 7.31 2.33
N MET A 1 15.68 0.45 9.73
CA MET A 1 14.83 0.71 10.91
C MET A 1 13.82 1.80 10.58
N SER A 2 12.86 1.53 9.70
CA SER A 2 11.78 2.48 9.42
C SER A 2 10.50 1.73 9.06
N LYS A 3 10.62 0.70 8.22
CA LYS A 3 9.52 -0.18 7.81
C LYS A 3 8.39 0.59 7.16
N VAL A 4 8.45 0.71 5.85
CA VAL A 4 7.40 1.31 5.05
C VAL A 4 6.17 0.40 5.15
N LYS A 5 4.99 1.00 5.21
CA LYS A 5 3.68 0.36 5.09
C LYS A 5 3.23 0.55 3.65
N ILE A 6 2.76 -0.51 3.02
CA ILE A 6 2.42 -0.58 1.62
C ILE A 6 1.07 -1.27 1.57
N GLU A 7 0.01 -0.50 1.79
CA GLU A 7 -1.31 -1.07 2.04
C GLU A 7 -2.17 -0.77 0.81
N LEU A 8 -2.63 -1.82 0.14
CA LEU A 8 -3.42 -1.74 -1.07
C LEU A 8 -4.86 -2.06 -0.68
N PHE A 9 -5.69 -1.04 -0.51
CA PHE A 9 -7.10 -1.16 -0.16
C PHE A 9 -7.93 -0.74 -1.36
N THR A 10 -8.37 -1.72 -2.15
CA THR A 10 -9.25 -1.58 -3.29
C THR A 10 -9.49 -2.99 -3.84
N SER A 11 -10.42 -3.12 -4.78
CA SER A 11 -10.51 -4.24 -5.69
C SER A 11 -11.34 -3.72 -6.88
N PRO A 12 -10.72 -3.10 -7.90
CA PRO A 12 -11.43 -2.43 -9.00
C PRO A 12 -11.99 -3.43 -10.04
N MET A 13 -12.43 -4.61 -9.58
CA MET A 13 -12.96 -5.76 -10.32
C MET A 13 -12.04 -6.33 -11.38
N CYS A 14 -11.62 -5.56 -12.39
CA CYS A 14 -10.71 -6.01 -13.43
C CYS A 14 -9.26 -6.02 -12.88
N PRO A 15 -8.48 -4.91 -12.88
CA PRO A 15 -7.08 -4.95 -12.46
C PRO A 15 -6.96 -5.06 -10.93
N HIS A 16 -7.13 -6.27 -10.41
CA HIS A 16 -7.11 -6.56 -8.97
C HIS A 16 -6.16 -7.73 -8.68
N CYS A 17 -5.13 -7.90 -9.50
CA CYS A 17 -4.04 -8.85 -9.30
C CYS A 17 -2.71 -8.11 -9.55
N PRO A 18 -2.46 -7.50 -10.73
CA PRO A 18 -1.38 -6.54 -10.87
C PRO A 18 -1.75 -5.26 -10.11
N ALA A 19 -1.44 -5.24 -8.81
CA ALA A 19 -1.49 -4.06 -7.95
C ALA A 19 -0.39 -4.28 -6.91
N ALA A 20 -0.73 -4.89 -5.77
CA ALA A 20 0.20 -5.23 -4.72
C ALA A 20 1.43 -5.96 -5.23
N LYS A 21 1.31 -6.82 -6.26
CA LYS A 21 2.48 -7.48 -6.85
C LYS A 21 3.54 -6.46 -7.30
N ARG A 22 3.18 -5.43 -8.06
CA ARG A 22 4.16 -4.41 -8.43
C ARG A 22 4.56 -3.60 -7.22
N VAL A 23 3.63 -3.24 -6.32
CA VAL A 23 4.05 -2.39 -5.20
C VAL A 23 5.01 -3.15 -4.27
N VAL A 24 4.91 -4.48 -4.09
CA VAL A 24 5.88 -5.27 -3.32
C VAL A 24 7.19 -5.41 -4.10
N GLU A 25 7.13 -5.62 -5.42
CA GLU A 25 8.31 -5.73 -6.27
C GLU A 25 9.14 -4.46 -6.16
N GLU A 26 8.49 -3.30 -6.30
CA GLU A 26 9.12 -1.99 -6.25
C GLU A 26 9.60 -1.65 -4.85
N VAL A 27 8.75 -1.75 -3.82
CA VAL A 27 9.21 -1.36 -2.50
C VAL A 27 10.25 -2.36 -1.96
N ALA A 28 10.36 -3.59 -2.50
CA ALA A 28 11.51 -4.46 -2.25
C ALA A 28 12.73 -4.12 -3.11
N ASN A 29 12.56 -3.53 -4.31
CA ASN A 29 13.69 -2.94 -5.03
C ASN A 29 14.41 -1.95 -4.11
N GLU A 30 13.63 -1.09 -3.47
CA GLU A 30 14.12 -0.02 -2.64
C GLU A 30 14.54 -0.56 -1.27
N MET A 31 13.68 -1.35 -0.62
CA MET A 31 13.80 -1.74 0.77
C MET A 31 13.39 -3.21 0.95
N PRO A 32 14.25 -4.18 0.62
CA PRO A 32 14.02 -5.61 0.87
C PRO A 32 14.21 -5.93 2.36
N ASP A 33 13.53 -5.20 3.23
CA ASP A 33 13.41 -5.37 4.68
C ASP A 33 12.16 -4.61 5.12
N ALA A 34 12.23 -3.29 4.92
CA ALA A 34 11.29 -2.30 5.40
C ALA A 34 10.09 -2.23 4.46
N VAL A 35 9.44 -3.37 4.18
CA VAL A 35 8.38 -3.50 3.20
C VAL A 35 7.23 -4.30 3.84
N GLU A 36 6.33 -3.62 4.57
CA GLU A 36 5.09 -4.18 5.11
C GLU A 36 4.00 -4.07 4.04
N VAL A 37 3.94 -5.07 3.16
CA VAL A 37 2.94 -5.14 2.11
C VAL A 37 1.70 -5.87 2.60
N GLU A 38 0.53 -5.25 2.38
CA GLU A 38 -0.76 -5.82 2.67
C GLU A 38 -1.64 -5.58 1.45
N TYR A 39 -2.08 -6.65 0.78
CA TYR A 39 -3.07 -6.54 -0.28
C TYR A 39 -4.43 -6.81 0.35
N ILE A 40 -5.06 -5.77 0.89
CA ILE A 40 -6.37 -5.88 1.48
C ILE A 40 -7.40 -5.60 0.39
N ASN A 41 -7.55 -6.61 -0.48
CA ASN A 41 -8.62 -6.69 -1.49
C ASN A 41 -9.93 -6.34 -0.80
N VAL A 42 -10.54 -5.22 -1.18
CA VAL A 42 -11.72 -4.68 -0.51
C VAL A 42 -12.78 -5.76 -0.33
N MET A 43 -13.16 -5.93 0.94
CA MET A 43 -13.80 -7.00 1.69
C MET A 43 -13.00 -7.10 3.00
N GLU A 44 -13.46 -7.95 3.93
CA GLU A 44 -12.75 -8.56 5.06
C GLU A 44 -11.59 -7.73 5.64
N ASN A 45 -11.88 -6.49 6.05
CA ASN A 45 -10.91 -5.64 6.76
C ASN A 45 -11.66 -4.65 7.65
N PRO A 46 -11.04 -4.15 8.74
CA PRO A 46 -11.66 -3.16 9.60
C PRO A 46 -11.70 -1.79 8.91
N GLN A 47 -12.38 -0.82 9.55
CA GLN A 47 -12.56 0.53 9.04
C GLN A 47 -11.27 1.35 8.92
N LYS A 48 -10.09 0.77 9.19
CA LYS A 48 -8.83 1.51 9.24
C LYS A 48 -8.49 2.31 7.98
N ALA A 49 -8.94 1.83 6.81
CA ALA A 49 -8.92 2.59 5.57
C ALA A 49 -10.20 3.39 5.30
N MET A 50 -11.33 2.87 5.78
CA MET A 50 -12.65 3.46 5.57
C MET A 50 -12.83 4.77 6.35
N GLU A 51 -11.97 5.05 7.33
CA GLU A 51 -11.93 6.30 8.08
C GLU A 51 -11.41 7.48 7.23
N TYR A 52 -10.73 7.20 6.12
CA TYR A 52 -10.02 8.23 5.37
C TYR A 52 -10.98 9.15 4.61
N GLY A 53 -10.51 10.36 4.30
CA GLY A 53 -11.22 11.35 3.50
C GLY A 53 -11.66 10.75 2.16
N ILE A 54 -12.97 10.74 1.89
CA ILE A 54 -13.67 10.12 0.75
C ILE A 54 -13.24 8.65 0.49
N MET A 55 -12.60 8.03 1.48
CA MET A 55 -11.78 6.85 1.43
C MET A 55 -10.71 6.82 0.33
N ALA A 56 -10.49 7.90 -0.43
CA ALA A 56 -9.49 8.03 -1.50
C ALA A 56 -9.37 6.77 -2.37
N VAL A 57 -10.48 6.18 -2.81
CA VAL A 57 -10.48 4.89 -3.51
C VAL A 57 -9.92 5.06 -4.94
N PRO A 58 -9.00 4.21 -5.46
CA PRO A 58 -8.34 3.09 -4.79
C PRO A 58 -7.39 3.59 -3.70
N THR A 59 -7.59 3.14 -2.48
CA THR A 59 -6.96 3.67 -1.29
C THR A 59 -5.59 3.02 -1.19
N ILE A 60 -4.47 3.77 -1.18
CA ILE A 60 -3.19 3.12 -0.99
C ILE A 60 -2.48 3.81 0.17
N VAL A 61 -1.57 3.13 0.86
CA VAL A 61 -0.59 3.78 1.75
C VAL A 61 0.80 3.36 1.27
N ILE A 62 1.74 4.31 1.26
CA ILE A 62 3.17 4.17 0.98
C ILE A 62 3.90 4.97 2.06
N ASN A 63 5.19 4.72 2.33
CA ASN A 63 5.87 5.08 3.60
C ASN A 63 4.95 4.92 4.81
N GLY A 64 4.17 5.93 5.21
CA GLY A 64 3.03 5.77 6.12
C GLY A 64 1.77 6.53 5.66
N ASP A 65 1.82 7.17 4.49
CA ASP A 65 0.88 8.15 3.95
C ASP A 65 -0.22 7.48 3.16
N VAL A 66 -1.47 7.60 3.63
CA VAL A 66 -2.64 7.41 2.79
C VAL A 66 -2.53 8.39 1.63
N GLU A 67 -2.66 7.88 0.41
CA GLU A 67 -2.65 8.67 -0.81
C GLU A 67 -3.30 7.77 -1.89
N PHE A 68 -3.70 8.38 -3.01
CA PHE A 68 -4.11 7.66 -4.21
C PHE A 68 -3.81 8.51 -5.41
N ILE A 69 -3.59 7.88 -6.57
CA ILE A 69 -3.19 8.61 -7.75
C ILE A 69 -4.01 8.13 -8.94
N GLY A 70 -5.21 8.68 -9.06
CA GLY A 70 -6.05 8.42 -10.21
C GLY A 70 -6.85 7.14 -10.01
N ALA A 71 -7.41 6.62 -11.11
CA ALA A 71 -8.06 5.31 -11.15
C ALA A 71 -7.13 4.10 -10.87
N PRO A 72 -5.82 4.09 -11.22
CA PRO A 72 -4.98 2.95 -10.87
C PRO A 72 -4.59 3.00 -9.39
N THR A 73 -4.01 1.92 -8.88
CA THR A 73 -3.29 1.93 -7.62
C THR A 73 -2.04 2.83 -7.75
N LYS A 74 -1.21 2.95 -6.70
CA LYS A 74 -0.28 4.08 -6.54
C LYS A 74 0.95 4.11 -7.47
N GLU A 75 0.93 3.44 -8.62
CA GLU A 75 2.08 3.33 -9.53
C GLU A 75 2.69 4.71 -9.86
N ALA A 76 1.86 5.73 -10.07
CA ALA A 76 2.31 7.09 -10.33
C ALA A 76 3.18 7.67 -9.21
N LEU A 77 2.84 7.46 -7.94
CA LEU A 77 3.70 7.90 -6.84
C LEU A 77 4.79 6.85 -6.59
N VAL A 78 4.63 5.60 -6.99
CA VAL A 78 5.69 4.60 -6.92
C VAL A 78 6.90 5.08 -7.73
N GLU A 79 6.68 5.69 -8.91
CA GLU A 79 7.75 6.32 -9.69
C GLU A 79 8.48 7.41 -8.88
N ALA A 80 7.84 7.98 -7.86
CA ALA A 80 8.48 8.86 -6.89
C ALA A 80 9.16 8.03 -5.77
N ILE A 81 8.50 7.07 -5.12
CA ILE A 81 9.10 6.29 -4.03
C ILE A 81 10.44 5.68 -4.46
N LYS A 82 10.54 5.21 -5.71
CA LYS A 82 11.76 4.61 -6.23
C LYS A 82 12.87 5.64 -6.40
N LYS A 83 12.60 6.80 -7.00
CA LYS A 83 13.64 7.81 -7.21
C LYS A 83 14.00 8.54 -5.94
N ARG A 84 13.11 8.55 -4.93
CA ARG A 84 13.33 9.23 -3.66
C ARG A 84 14.39 8.53 -2.81
N LEU A 85 14.94 7.38 -3.23
CA LEU A 85 15.91 6.60 -2.47
C LEU A 85 17.19 6.46 -3.27
N MET A 1 12.67 2.15 15.68
CA MET A 1 13.48 2.98 14.76
C MET A 1 14.30 2.05 13.88
N SER A 2 13.61 1.43 12.92
CA SER A 2 13.81 0.06 12.45
C SER A 2 12.47 -0.43 11.89
N LYS A 3 12.35 -1.73 11.60
CA LYS A 3 11.15 -2.49 11.22
C LYS A 3 9.98 -1.59 10.80
N VAL A 4 10.03 -1.12 9.56
CA VAL A 4 9.11 -0.08 9.13
C VAL A 4 7.72 -0.70 8.90
N LYS A 5 6.67 0.11 9.09
CA LYS A 5 5.28 -0.32 9.04
C LYS A 5 4.70 0.00 7.68
N ILE A 6 4.00 -0.96 7.10
CA ILE A 6 3.20 -0.78 5.92
C ILE A 6 1.89 -1.51 6.20
N GLU A 7 0.79 -1.04 5.63
CA GLU A 7 -0.46 -1.78 5.60
C GLU A 7 -1.06 -1.61 4.21
N LEU A 8 -1.75 -2.64 3.72
CA LEU A 8 -2.30 -2.68 2.38
C LEU A 8 -3.77 -3.10 2.48
N PHE A 9 -4.69 -2.13 2.48
CA PHE A 9 -6.10 -2.37 2.79
C PHE A 9 -6.98 -1.93 1.61
N THR A 10 -7.19 -2.84 0.66
CA THR A 10 -8.09 -2.71 -0.48
C THR A 10 -8.46 -4.13 -0.95
N SER A 11 -8.88 -4.25 -2.23
CA SER A 11 -9.38 -5.37 -3.02
C SER A 11 -10.79 -4.98 -3.48
N PRO A 12 -10.95 -4.40 -4.69
CA PRO A 12 -12.23 -4.42 -5.37
C PRO A 12 -12.52 -5.88 -5.75
N MET A 13 -11.78 -6.42 -6.72
CA MET A 13 -11.67 -7.85 -6.98
C MET A 13 -10.44 -8.11 -7.84
N CYS A 14 -10.14 -7.23 -8.80
CA CYS A 14 -9.10 -7.45 -9.80
C CYS A 14 -7.73 -7.85 -9.22
N PRO A 15 -7.06 -7.06 -8.35
CA PRO A 15 -5.75 -7.43 -7.83
C PRO A 15 -5.89 -8.62 -6.88
N HIS A 16 -6.29 -8.40 -5.62
CA HIS A 16 -6.75 -9.42 -4.68
C HIS A 16 -5.83 -10.64 -4.58
N CYS A 17 -4.51 -10.41 -4.65
CA CYS A 17 -3.42 -11.37 -4.55
C CYS A 17 -2.09 -10.60 -4.49
N PRO A 18 -1.71 -9.76 -5.49
CA PRO A 18 -0.42 -9.10 -5.53
C PRO A 18 -0.39 -7.93 -4.53
N ALA A 19 -0.57 -6.68 -4.97
CA ALA A 19 -0.64 -5.46 -4.16
C ALA A 19 0.50 -5.38 -3.12
N ALA A 20 0.25 -5.88 -1.90
CA ALA A 20 1.23 -6.01 -0.84
C ALA A 20 2.46 -6.79 -1.30
N LYS A 21 2.34 -7.71 -2.25
CA LYS A 21 3.48 -8.37 -2.87
C LYS A 21 4.43 -7.38 -3.50
N ARG A 22 3.93 -6.37 -4.23
CA ARG A 22 4.79 -5.34 -4.81
C ARG A 22 5.32 -4.46 -3.71
N VAL A 23 4.49 -4.07 -2.75
CA VAL A 23 4.96 -3.19 -1.69
C VAL A 23 6.06 -3.91 -0.87
N VAL A 24 5.90 -5.18 -0.50
CA VAL A 24 6.92 -5.94 0.24
C VAL A 24 8.17 -6.14 -0.61
N GLU A 25 8.03 -6.33 -1.93
CA GLU A 25 9.14 -6.39 -2.87
C GLU A 25 9.94 -5.07 -2.84
N GLU A 26 9.23 -3.95 -2.99
CA GLU A 26 9.75 -2.59 -2.88
C GLU A 26 10.51 -2.42 -1.58
N VAL A 27 9.88 -2.58 -0.42
CA VAL A 27 10.54 -2.34 0.87
C VAL A 27 11.73 -3.28 0.97
N ALA A 28 11.58 -4.56 0.62
CA ALA A 28 12.64 -5.54 0.76
C ALA A 28 13.85 -5.23 -0.13
N ASN A 29 13.67 -4.46 -1.22
CA ASN A 29 14.84 -3.95 -1.96
C ASN A 29 15.77 -3.09 -1.09
N GLU A 30 15.27 -2.30 -0.13
CA GLU A 30 16.16 -1.45 0.71
C GLU A 30 16.31 -2.00 2.13
N MET A 31 15.22 -2.52 2.68
CA MET A 31 15.09 -3.08 4.02
C MET A 31 14.65 -4.53 3.87
N PRO A 32 15.56 -5.46 3.52
CA PRO A 32 15.26 -6.87 3.22
C PRO A 32 14.79 -7.67 4.45
N ASP A 33 14.47 -7.01 5.55
CA ASP A 33 14.43 -7.59 6.89
C ASP A 33 13.41 -6.81 7.71
N ALA A 34 13.63 -5.50 7.85
CA ALA A 34 12.82 -4.51 8.56
C ALA A 34 11.53 -4.13 7.81
N VAL A 35 10.75 -5.12 7.37
CA VAL A 35 9.66 -4.95 6.42
C VAL A 35 8.38 -5.57 6.99
N GLU A 36 7.54 -4.78 7.68
CA GLU A 36 6.22 -5.24 8.17
C GLU A 36 5.12 -4.71 7.26
N VAL A 37 5.02 -5.28 6.06
CA VAL A 37 3.85 -5.14 5.20
C VAL A 37 2.77 -6.06 5.73
N GLU A 38 1.70 -5.48 6.27
CA GLU A 38 0.46 -6.22 6.45
C GLU A 38 -0.31 -6.16 5.14
N TYR A 39 -0.56 -7.30 4.51
CA TYR A 39 -1.60 -7.42 3.50
C TYR A 39 -2.91 -7.70 4.23
N ILE A 40 -3.92 -6.87 4.02
CA ILE A 40 -5.27 -7.11 4.51
C ILE A 40 -6.21 -6.92 3.33
N ASN A 41 -6.57 -8.01 2.66
CA ASN A 41 -7.62 -7.97 1.65
C ASN A 41 -8.92 -7.50 2.31
N VAL A 42 -9.82 -6.91 1.51
CA VAL A 42 -11.07 -6.30 1.95
C VAL A 42 -11.88 -7.21 2.91
N MET A 43 -12.66 -6.59 3.81
CA MET A 43 -13.43 -7.21 4.90
C MET A 43 -12.55 -8.09 5.79
N GLU A 44 -13.13 -8.84 6.73
CA GLU A 44 -12.46 -9.68 7.75
C GLU A 44 -11.58 -8.87 8.74
N ASN A 45 -11.23 -7.64 8.40
CA ASN A 45 -10.39 -6.72 9.13
C ASN A 45 -11.08 -6.25 10.42
N PRO A 46 -10.32 -5.94 11.48
CA PRO A 46 -10.80 -5.11 12.57
C PRO A 46 -10.81 -3.65 12.12
N GLN A 47 -11.33 -2.74 12.94
CA GLN A 47 -11.47 -1.32 12.61
C GLN A 47 -10.12 -0.58 12.50
N LYS A 48 -8.98 -1.25 12.70
CA LYS A 48 -7.64 -0.65 12.72
C LYS A 48 -7.34 0.31 11.56
N ALA A 49 -7.94 0.09 10.39
CA ALA A 49 -7.87 1.02 9.27
C ALA A 49 -9.02 2.01 9.28
N MET A 50 -10.25 1.50 9.35
CA MET A 50 -11.45 2.30 9.18
C MET A 50 -11.66 3.31 10.31
N GLU A 51 -10.85 3.26 11.38
CA GLU A 51 -10.72 4.30 12.40
C GLU A 51 -9.94 5.53 11.93
N TYR A 52 -9.07 5.39 10.91
CA TYR A 52 -8.23 6.48 10.41
C TYR A 52 -9.12 7.57 9.82
N GLY A 53 -8.64 8.81 9.79
CA GLY A 53 -9.38 9.94 9.22
C GLY A 53 -9.49 9.86 7.70
N ILE A 54 -8.63 9.06 7.05
CA ILE A 54 -8.57 8.94 5.61
C ILE A 54 -9.08 7.56 5.21
N MET A 55 -10.39 7.38 5.29
CA MET A 55 -11.10 6.18 4.82
C MET A 55 -11.19 6.14 3.28
N ALA A 56 -10.29 6.80 2.55
CA ALA A 56 -10.42 7.13 1.12
C ALA A 56 -10.70 5.91 0.25
N VAL A 57 -9.95 4.81 0.48
CA VAL A 57 -9.81 3.66 -0.41
C VAL A 57 -9.05 4.10 -1.68
N PRO A 58 -8.03 3.36 -2.17
CA PRO A 58 -7.35 2.22 -1.56
C PRO A 58 -6.57 2.64 -0.31
N THR A 59 -6.88 2.06 0.85
CA THR A 59 -6.36 2.54 2.12
C THR A 59 -4.96 1.93 2.28
N ILE A 60 -3.88 2.70 2.12
CA ILE A 60 -2.53 2.15 2.24
C ILE A 60 -1.85 2.86 3.42
N VAL A 61 -0.81 2.28 3.99
CA VAL A 61 0.06 2.90 4.98
C VAL A 61 1.47 2.58 4.51
N ILE A 62 2.37 3.57 4.39
CA ILE A 62 3.80 3.33 4.14
C ILE A 62 4.62 4.00 5.23
N ASN A 63 5.85 3.55 5.52
CA ASN A 63 6.69 3.89 6.68
C ASN A 63 5.96 3.87 8.03
N GLY A 64 5.03 4.80 8.24
CA GLY A 64 3.97 4.73 9.23
C GLY A 64 2.71 5.51 8.81
N ASP A 65 2.73 6.32 7.75
CA ASP A 65 1.68 7.26 7.37
C ASP A 65 0.66 6.62 6.43
N VAL A 66 -0.61 6.70 6.84
CA VAL A 66 -1.77 6.29 6.08
C VAL A 66 -1.97 7.30 4.95
N GLU A 67 -2.33 6.83 3.75
CA GLU A 67 -2.54 7.61 2.52
C GLU A 67 -2.98 6.64 1.41
N PHE A 68 -3.48 7.14 0.29
CA PHE A 68 -3.67 6.42 -0.97
C PHE A 68 -2.97 7.23 -2.06
N ILE A 69 -2.50 6.60 -3.14
CA ILE A 69 -2.01 7.34 -4.29
C ILE A 69 -2.70 6.80 -5.54
N GLY A 70 -3.95 7.23 -5.75
CA GLY A 70 -4.68 6.96 -6.96
C GLY A 70 -5.40 5.62 -6.90
N ALA A 71 -5.84 5.14 -8.07
CA ALA A 71 -6.42 3.81 -8.24
C ALA A 71 -5.48 2.61 -8.02
N PRO A 72 -4.13 2.67 -8.18
CA PRO A 72 -3.25 1.56 -7.77
C PRO A 72 -3.14 1.52 -6.24
N THR A 73 -2.15 0.84 -5.67
CA THR A 73 -1.83 1.03 -4.26
C THR A 73 -1.03 2.34 -4.13
N LYS A 74 -0.14 2.49 -3.15
CA LYS A 74 0.56 3.76 -2.90
C LYS A 74 1.72 3.96 -3.90
N GLU A 75 1.57 3.50 -5.14
CA GLU A 75 2.67 3.19 -6.04
C GLU A 75 3.57 4.37 -6.42
N ALA A 76 3.09 5.62 -6.38
CA ALA A 76 3.99 6.77 -6.54
C ALA A 76 4.96 6.88 -5.36
N LEU A 77 4.46 6.67 -4.13
CA LEU A 77 5.28 6.79 -2.93
C LEU A 77 6.15 5.56 -2.73
N VAL A 78 5.67 4.38 -3.13
CA VAL A 78 6.45 3.15 -3.31
C VAL A 78 7.69 3.51 -4.14
N GLU A 79 7.51 4.20 -5.27
CA GLU A 79 8.63 4.56 -6.16
C GLU A 79 9.67 5.50 -5.50
N ALA A 80 9.39 6.07 -4.32
CA ALA A 80 10.29 6.94 -3.57
C ALA A 80 10.86 6.25 -2.33
N ILE A 81 10.06 5.57 -1.50
CA ILE A 81 10.57 4.82 -0.35
C ILE A 81 11.46 3.66 -0.80
N LYS A 82 11.20 3.01 -1.95
CA LYS A 82 12.15 2.05 -2.53
C LYS A 82 13.51 2.69 -2.78
N LYS A 83 13.56 4.01 -2.95
CA LYS A 83 14.73 4.73 -3.38
C LYS A 83 15.48 5.16 -2.12
N ARG A 84 14.88 5.89 -1.18
CA ARG A 84 15.43 6.11 0.16
C ARG A 84 14.61 5.37 1.21
N LEU A 85 13.63 6.07 1.78
CA LEU A 85 12.93 5.86 3.04
C LEU A 85 12.08 7.10 3.19
N MET A 1 8.23 1.72 13.52
CA MET A 1 9.70 1.67 13.40
C MET A 1 10.08 1.93 11.94
N SER A 2 11.38 2.02 11.63
CA SER A 2 11.88 2.25 10.27
C SER A 2 11.55 1.16 9.25
N LYS A 3 10.83 0.08 9.58
CA LYS A 3 10.30 -0.82 8.57
C LYS A 3 9.22 -0.06 7.81
N VAL A 4 9.21 -0.16 6.49
CA VAL A 4 8.15 0.45 5.69
C VAL A 4 6.92 -0.47 5.72
N LYS A 5 5.72 0.10 5.52
CA LYS A 5 4.48 -0.66 5.39
C LYS A 5 3.85 -0.29 4.06
N ILE A 6 3.71 -1.26 3.15
CA ILE A 6 2.98 -1.10 1.90
C ILE A 6 1.66 -1.85 2.06
N GLU A 7 0.60 -1.12 2.42
CA GLU A 7 -0.73 -1.69 2.62
C GLU A 7 -1.56 -1.35 1.39
N LEU A 8 -2.38 -2.29 0.92
CA LEU A 8 -3.23 -2.10 -0.23
C LEU A 8 -4.64 -2.57 0.08
N PHE A 9 -5.51 -1.61 0.36
CA PHE A 9 -6.90 -1.77 0.72
C PHE A 9 -7.72 -1.21 -0.45
N THR A 10 -7.91 -2.04 -1.47
CA THR A 10 -8.87 -1.85 -2.54
C THR A 10 -9.10 -3.21 -3.21
N SER A 11 -9.94 -3.28 -4.25
CA SER A 11 -10.05 -4.43 -5.12
C SER A 11 -10.13 -3.94 -6.58
N PRO A 12 -9.00 -3.84 -7.29
CA PRO A 12 -9.03 -3.57 -8.72
C PRO A 12 -9.61 -4.79 -9.44
N MET A 13 -9.64 -4.75 -10.78
CA MET A 13 -10.10 -5.82 -11.67
C MET A 13 -9.36 -7.13 -11.41
N CYS A 14 -9.88 -7.88 -10.43
CA CYS A 14 -9.37 -9.10 -9.80
C CYS A 14 -7.90 -8.98 -9.35
N PRO A 15 -7.31 -10.01 -8.72
CA PRO A 15 -5.86 -10.16 -8.67
C PRO A 15 -5.23 -10.37 -10.06
N HIS A 16 -6.03 -10.37 -11.14
CA HIS A 16 -5.50 -10.29 -12.50
C HIS A 16 -4.78 -8.94 -12.66
N CYS A 17 -5.41 -7.84 -12.24
CA CYS A 17 -4.70 -6.58 -12.05
C CYS A 17 -3.65 -6.79 -10.95
N PRO A 18 -2.39 -6.38 -11.16
CA PRO A 18 -1.35 -6.71 -10.23
C PRO A 18 -1.48 -6.00 -8.89
N ALA A 19 -1.75 -4.68 -8.91
CA ALA A 19 -1.70 -3.77 -7.76
C ALA A 19 -0.53 -4.11 -6.83
N ALA A 20 -0.76 -4.75 -5.67
CA ALA A 20 0.30 -4.95 -4.69
C ALA A 20 1.49 -5.65 -5.33
N LYS A 21 1.30 -6.67 -6.17
CA LYS A 21 2.37 -7.34 -6.90
C LYS A 21 3.44 -6.33 -7.38
N ARG A 22 3.06 -5.36 -8.20
CA ARG A 22 3.99 -4.35 -8.71
C ARG A 22 4.37 -3.32 -7.66
N VAL A 23 3.44 -2.85 -6.82
CA VAL A 23 3.75 -1.83 -5.83
C VAL A 23 4.84 -2.36 -4.89
N VAL A 24 4.63 -3.54 -4.31
CA VAL A 24 5.54 -4.32 -3.50
C VAL A 24 6.86 -4.50 -4.23
N GLU A 25 6.87 -4.98 -5.47
CA GLU A 25 8.12 -5.19 -6.20
C GLU A 25 8.92 -3.87 -6.32
N GLU A 26 8.23 -2.77 -6.66
CA GLU A 26 8.83 -1.46 -6.86
C GLU A 26 9.50 -0.95 -5.57
N VAL A 27 8.86 -1.11 -4.41
CA VAL A 27 9.44 -0.71 -3.12
C VAL A 27 10.47 -1.71 -2.60
N ALA A 28 10.33 -3.00 -2.92
CA ALA A 28 11.26 -4.04 -2.52
C ALA A 28 12.57 -3.96 -3.28
N ASN A 29 12.57 -3.39 -4.49
CA ASN A 29 13.79 -3.03 -5.21
C ASN A 29 14.65 -2.08 -4.35
N GLU A 30 14.05 -1.33 -3.42
CA GLU A 30 14.74 -0.56 -2.40
C GLU A 30 14.94 -1.43 -1.14
N MET A 31 13.87 -1.96 -0.53
CA MET A 31 13.90 -2.65 0.75
C MET A 31 13.19 -4.01 0.65
N PRO A 32 13.90 -5.09 0.30
CA PRO A 32 13.30 -6.36 -0.10
C PRO A 32 12.85 -7.22 1.08
N ASP A 33 12.36 -6.62 2.18
CA ASP A 33 12.03 -7.31 3.43
C ASP A 33 11.46 -6.31 4.44
N ALA A 34 12.15 -5.19 4.71
CA ALA A 34 11.66 -4.17 5.64
C ALA A 34 10.40 -3.49 5.15
N VAL A 35 10.17 -3.46 3.83
CA VAL A 35 8.87 -3.14 3.32
C VAL A 35 8.01 -4.36 3.64
N GLU A 36 7.26 -4.26 4.72
CA GLU A 36 6.27 -5.22 5.17
C GLU A 36 4.98 -4.93 4.41
N VAL A 37 4.28 -5.94 3.90
CA VAL A 37 3.25 -5.73 2.87
C VAL A 37 1.98 -6.51 3.16
N GLU A 38 0.85 -5.92 2.78
CA GLU A 38 -0.49 -6.50 2.89
C GLU A 38 -1.26 -6.16 1.62
N TYR A 39 -1.68 -7.17 0.84
CA TYR A 39 -2.63 -6.98 -0.25
C TYR A 39 -3.99 -7.41 0.28
N ILE A 40 -4.68 -6.50 0.96
CA ILE A 40 -5.98 -6.76 1.55
C ILE A 40 -7.03 -6.42 0.49
N ASN A 41 -7.15 -7.31 -0.50
CA ASN A 41 -8.04 -7.15 -1.65
C ASN A 41 -9.49 -7.05 -1.16
N VAL A 42 -9.94 -5.82 -0.94
CA VAL A 42 -11.14 -5.33 -0.27
C VAL A 42 -11.54 -6.07 1.01
N MET A 43 -11.98 -7.34 0.93
CA MET A 43 -12.80 -7.98 1.95
C MET A 43 -12.17 -7.92 3.35
N GLU A 44 -13.03 -7.93 4.35
CA GLU A 44 -12.76 -7.45 5.71
C GLU A 44 -12.49 -5.93 5.67
N ASN A 45 -13.18 -5.22 4.78
CA ASN A 45 -12.90 -3.86 4.35
C ASN A 45 -13.16 -2.86 5.50
N PRO A 46 -12.12 -2.33 6.18
CA PRO A 46 -12.31 -1.57 7.40
C PRO A 46 -12.40 -0.07 7.13
N GLN A 47 -13.29 0.67 7.80
CA GLN A 47 -13.27 2.13 7.72
C GLN A 47 -11.99 2.73 8.33
N LYS A 48 -11.14 1.92 8.95
CA LYS A 48 -9.90 2.33 9.59
C LYS A 48 -9.06 3.27 8.73
N ALA A 49 -8.95 3.02 7.41
CA ALA A 49 -8.29 3.97 6.51
C ALA A 49 -9.24 4.98 5.85
N MET A 50 -10.51 4.62 5.66
CA MET A 50 -11.54 5.59 5.26
C MET A 50 -11.74 6.67 6.33
N GLU A 51 -11.08 6.57 7.49
CA GLU A 51 -11.07 7.55 8.56
C GLU A 51 -10.49 8.91 8.12
N TYR A 52 -9.61 8.95 7.10
CA TYR A 52 -8.79 10.12 6.74
C TYR A 52 -9.61 11.12 5.90
N GLY A 53 -8.93 11.92 5.09
CA GLY A 53 -9.54 12.56 3.93
C GLY A 53 -10.04 11.48 2.97
N ILE A 54 -10.45 11.85 1.75
CA ILE A 54 -11.33 11.08 0.87
C ILE A 54 -11.18 9.56 1.05
N MET A 55 -10.03 9.00 0.66
CA MET A 55 -9.53 7.64 0.94
C MET A 55 -10.62 6.56 0.94
N ALA A 56 -11.61 6.69 0.05
CA ALA A 56 -12.72 5.78 -0.09
C ALA A 56 -12.15 4.49 -0.68
N VAL A 57 -11.72 4.56 -1.94
CA VAL A 57 -10.78 3.65 -2.57
C VAL A 57 -10.03 4.44 -3.66
N PRO A 58 -8.96 3.87 -4.27
CA PRO A 58 -8.19 2.75 -3.75
C PRO A 58 -7.28 3.25 -2.63
N THR A 59 -7.29 2.60 -1.46
CA THR A 59 -6.71 3.18 -0.25
C THR A 59 -5.41 2.47 0.05
N ILE A 60 -4.29 3.19 -0.04
CA ILE A 60 -2.95 2.64 -0.20
C ILE A 60 -2.03 3.32 0.80
N VAL A 61 -1.34 2.57 1.65
CA VAL A 61 -0.26 3.09 2.48
C VAL A 61 1.01 2.76 1.71
N ILE A 62 1.86 3.77 1.48
CA ILE A 62 3.26 3.54 1.13
C ILE A 62 4.11 4.20 2.21
N ASN A 63 5.38 3.84 2.34
CA ASN A 63 6.26 4.23 3.47
C ASN A 63 5.53 4.07 4.81
N GLY A 64 4.87 5.12 5.31
CA GLY A 64 3.84 5.01 6.33
C GLY A 64 2.62 5.88 6.04
N ASP A 65 2.58 6.60 4.91
CA ASP A 65 1.51 7.52 4.54
C ASP A 65 0.43 6.83 3.71
N VAL A 66 -0.77 6.76 4.29
CA VAL A 66 -2.02 6.54 3.58
C VAL A 66 -2.22 7.62 2.52
N GLU A 67 -2.74 7.23 1.36
CA GLU A 67 -2.96 8.06 0.17
C GLU A 67 -3.62 7.15 -0.88
N PHE A 68 -3.91 7.65 -2.08
CA PHE A 68 -4.52 6.90 -3.17
C PHE A 68 -3.89 7.24 -4.52
N ILE A 69 -3.51 8.50 -4.74
CA ILE A 69 -3.27 9.14 -6.02
C ILE A 69 -4.43 8.92 -7.01
N GLY A 70 -4.58 7.72 -7.59
CA GLY A 70 -5.35 7.53 -8.80
C GLY A 70 -6.71 6.89 -8.57
N ALA A 71 -7.41 6.63 -9.68
CA ALA A 71 -8.49 5.67 -9.77
C ALA A 71 -7.89 4.26 -9.85
N PRO A 72 -6.87 3.98 -10.69
CA PRO A 72 -6.01 2.84 -10.45
C PRO A 72 -5.22 3.07 -9.14
N THR A 73 -4.46 2.06 -8.71
CA THR A 73 -3.63 2.15 -7.52
C THR A 73 -2.54 3.23 -7.63
N LYS A 74 -1.74 3.41 -6.58
CA LYS A 74 -0.94 4.61 -6.28
C LYS A 74 0.22 4.85 -7.27
N GLU A 75 -0.07 5.11 -8.54
CA GLU A 75 0.90 4.94 -9.61
C GLU A 75 1.93 6.07 -9.63
N ALA A 76 1.52 7.34 -9.60
CA ALA A 76 2.48 8.44 -9.63
C ALA A 76 3.40 8.37 -8.41
N LEU A 77 2.87 7.97 -7.25
CA LEU A 77 3.73 7.81 -6.08
C LEU A 77 4.60 6.55 -6.19
N VAL A 78 4.18 5.49 -6.88
CA VAL A 78 5.05 4.37 -7.27
C VAL A 78 6.26 4.93 -8.04
N GLU A 79 6.00 5.81 -8.99
CA GLU A 79 6.97 6.47 -9.84
C GLU A 79 7.91 7.41 -9.04
N ALA A 80 7.72 7.57 -7.73
CA ALA A 80 8.50 8.41 -6.84
C ALA A 80 9.15 7.61 -5.70
N ILE A 81 8.43 6.71 -5.02
CA ILE A 81 8.99 5.79 -4.04
C ILE A 81 10.02 4.86 -4.70
N LYS A 82 9.94 4.63 -6.01
CA LYS A 82 11.03 3.94 -6.70
C LYS A 82 12.38 4.63 -6.48
N LYS A 83 12.42 5.97 -6.55
CA LYS A 83 13.66 6.71 -6.33
C LYS A 83 13.91 6.89 -4.83
N ARG A 84 12.96 7.44 -4.08
CA ARG A 84 13.06 7.70 -2.64
C ARG A 84 11.64 7.72 -2.09
N LEU A 85 10.94 8.82 -2.32
CA LEU A 85 9.53 9.14 -2.17
C LEU A 85 9.30 10.30 -3.11
N MET A 1 15.68 0.45 9.73
CA MET A 1 14.83 0.71 10.91
C MET A 1 13.82 1.80 10.58
N SER A 2 12.86 1.53 9.70
CA SER A 2 11.78 2.48 9.42
C SER A 2 10.50 1.73 9.06
N LYS A 3 10.62 0.70 8.22
CA LYS A 3 9.52 -0.18 7.81
C LYS A 3 8.39 0.59 7.16
N VAL A 4 8.45 0.71 5.85
CA VAL A 4 7.40 1.31 5.05
C VAL A 4 6.17 0.40 5.15
N LYS A 5 4.99 1.00 5.21
CA LYS A 5 3.68 0.36 5.09
C LYS A 5 3.23 0.55 3.65
N ILE A 6 2.76 -0.51 3.02
CA ILE A 6 2.42 -0.58 1.62
C ILE A 6 1.07 -1.27 1.57
N GLU A 7 0.01 -0.50 1.79
CA GLU A 7 -1.31 -1.07 2.04
C GLU A 7 -2.17 -0.77 0.81
N LEU A 8 -2.63 -1.82 0.14
CA LEU A 8 -3.42 -1.74 -1.07
C LEU A 8 -4.86 -2.06 -0.68
N PHE A 9 -5.69 -1.04 -0.51
CA PHE A 9 -7.10 -1.16 -0.16
C PHE A 9 -7.93 -0.74 -1.36
N THR A 10 -8.37 -1.72 -2.15
CA THR A 10 -9.25 -1.58 -3.29
C THR A 10 -9.49 -2.99 -3.84
N SER A 11 -10.42 -3.12 -4.78
CA SER A 11 -10.51 -4.24 -5.69
C SER A 11 -11.34 -3.72 -6.88
N PRO A 12 -10.72 -3.10 -7.90
CA PRO A 12 -11.43 -2.43 -9.00
C PRO A 12 -11.99 -3.43 -10.04
N MET A 13 -12.43 -4.61 -9.58
CA MET A 13 -12.96 -5.76 -10.32
C MET A 13 -12.04 -6.33 -11.38
N CYS A 14 -11.62 -5.56 -12.39
CA CYS A 14 -10.71 -6.01 -13.43
C CYS A 14 -9.26 -6.02 -12.88
N PRO A 15 -8.48 -4.91 -12.88
CA PRO A 15 -7.08 -4.95 -12.46
C PRO A 15 -6.96 -5.06 -10.93
N HIS A 16 -7.13 -6.27 -10.41
CA HIS A 16 -7.11 -6.56 -8.97
C HIS A 16 -6.16 -7.73 -8.68
N CYS A 17 -5.13 -7.90 -9.50
CA CYS A 17 -4.04 -8.85 -9.30
C CYS A 17 -2.71 -8.11 -9.55
N PRO A 18 -2.46 -7.50 -10.73
CA PRO A 18 -1.38 -6.54 -10.87
C PRO A 18 -1.75 -5.26 -10.11
N ALA A 19 -1.44 -5.24 -8.81
CA ALA A 19 -1.49 -4.06 -7.95
C ALA A 19 -0.39 -4.28 -6.91
N ALA A 20 -0.73 -4.89 -5.77
CA ALA A 20 0.20 -5.23 -4.72
C ALA A 20 1.43 -5.96 -5.23
N LYS A 21 1.31 -6.82 -6.26
CA LYS A 21 2.48 -7.48 -6.85
C LYS A 21 3.54 -6.46 -7.30
N ARG A 22 3.18 -5.43 -8.06
CA ARG A 22 4.16 -4.41 -8.43
C ARG A 22 4.56 -3.60 -7.22
N VAL A 23 3.63 -3.24 -6.32
CA VAL A 23 4.05 -2.39 -5.20
C VAL A 23 5.01 -3.15 -4.27
N VAL A 24 4.91 -4.48 -4.09
CA VAL A 24 5.88 -5.27 -3.32
C VAL A 24 7.19 -5.41 -4.10
N GLU A 25 7.13 -5.62 -5.42
CA GLU A 25 8.31 -5.73 -6.27
C GLU A 25 9.14 -4.46 -6.16
N GLU A 26 8.49 -3.30 -6.30
CA GLU A 26 9.12 -1.99 -6.25
C GLU A 26 9.60 -1.65 -4.85
N VAL A 27 8.75 -1.75 -3.82
CA VAL A 27 9.21 -1.36 -2.50
C VAL A 27 10.25 -2.36 -1.96
N ALA A 28 10.36 -3.59 -2.50
CA ALA A 28 11.51 -4.46 -2.25
C ALA A 28 12.73 -4.12 -3.11
N ASN A 29 12.56 -3.53 -4.31
CA ASN A 29 13.69 -2.94 -5.03
C ASN A 29 14.41 -1.95 -4.11
N GLU A 30 13.63 -1.09 -3.47
CA GLU A 30 14.12 -0.02 -2.64
C GLU A 30 14.54 -0.56 -1.27
N MET A 31 13.68 -1.35 -0.62
CA MET A 31 13.80 -1.74 0.77
C MET A 31 13.39 -3.21 0.95
N PRO A 32 14.25 -4.18 0.62
CA PRO A 32 14.02 -5.61 0.87
C PRO A 32 14.21 -5.93 2.36
N ASP A 33 13.53 -5.20 3.23
CA ASP A 33 13.41 -5.37 4.68
C ASP A 33 12.16 -4.61 5.12
N ALA A 34 12.23 -3.29 4.92
CA ALA A 34 11.29 -2.30 5.40
C ALA A 34 10.09 -2.23 4.46
N VAL A 35 9.44 -3.37 4.18
CA VAL A 35 8.38 -3.50 3.20
C VAL A 35 7.23 -4.30 3.84
N GLU A 36 6.33 -3.62 4.57
CA GLU A 36 5.09 -4.18 5.11
C GLU A 36 4.00 -4.07 4.04
N VAL A 37 3.94 -5.07 3.16
CA VAL A 37 2.94 -5.14 2.11
C VAL A 37 1.70 -5.87 2.60
N GLU A 38 0.53 -5.25 2.38
CA GLU A 38 -0.76 -5.82 2.67
C GLU A 38 -1.64 -5.58 1.45
N TYR A 39 -2.08 -6.65 0.78
CA TYR A 39 -3.07 -6.54 -0.28
C TYR A 39 -4.43 -6.81 0.35
N ILE A 40 -5.06 -5.77 0.89
CA ILE A 40 -6.37 -5.88 1.48
C ILE A 40 -7.40 -5.60 0.39
N ASN A 41 -7.55 -6.61 -0.48
CA ASN A 41 -8.62 -6.69 -1.49
C ASN A 41 -9.93 -6.34 -0.80
N VAL A 42 -10.54 -5.22 -1.18
CA VAL A 42 -11.72 -4.68 -0.51
C VAL A 42 -12.78 -5.76 -0.33
N MET A 43 -13.16 -5.93 0.94
CA MET A 43 -13.80 -7.00 1.69
C MET A 43 -13.00 -7.10 3.00
N GLU A 44 -13.46 -7.95 3.93
CA GLU A 44 -12.75 -8.56 5.06
C GLU A 44 -11.59 -7.73 5.64
N ASN A 45 -11.88 -6.49 6.05
CA ASN A 45 -10.91 -5.64 6.76
C ASN A 45 -11.66 -4.65 7.65
N PRO A 46 -11.04 -4.15 8.74
CA PRO A 46 -11.66 -3.16 9.60
C PRO A 46 -11.70 -1.79 8.91
N GLN A 47 -12.38 -0.82 9.55
CA GLN A 47 -12.56 0.53 9.04
C GLN A 47 -11.27 1.35 8.92
N LYS A 48 -10.09 0.77 9.19
CA LYS A 48 -8.83 1.51 9.24
C LYS A 48 -8.49 2.31 7.98
N ALA A 49 -8.94 1.83 6.81
CA ALA A 49 -8.92 2.59 5.57
C ALA A 49 -10.20 3.39 5.30
N MET A 50 -11.33 2.87 5.78
CA MET A 50 -12.65 3.46 5.57
C MET A 50 -12.83 4.77 6.35
N GLU A 51 -11.97 5.05 7.33
CA GLU A 51 -11.93 6.30 8.08
C GLU A 51 -11.41 7.48 7.23
N TYR A 52 -10.73 7.20 6.12
CA TYR A 52 -10.02 8.23 5.36
C TYR A 52 -10.98 9.15 4.61
N GLY A 53 -10.51 10.36 4.30
CA GLY A 53 -11.22 11.35 3.50
C GLY A 53 -11.66 10.75 2.16
N ILE A 54 -12.97 10.74 1.89
CA ILE A 54 -13.67 10.12 0.75
C ILE A 54 -13.24 8.65 0.49
N MET A 55 -12.60 8.03 1.48
CA MET A 55 -11.78 6.85 1.43
C MET A 55 -10.71 6.82 0.33
N ALA A 56 -10.49 7.90 -0.43
CA ALA A 56 -9.49 8.03 -1.50
C ALA A 56 -9.37 6.77 -2.37
N VAL A 57 -10.48 6.18 -2.81
CA VAL A 57 -10.48 4.89 -3.51
C VAL A 57 -9.92 5.06 -4.94
N PRO A 58 -9.00 4.21 -5.46
CA PRO A 58 -8.34 3.09 -4.79
C PRO A 58 -7.39 3.59 -3.70
N THR A 59 -7.59 3.14 -2.48
CA THR A 59 -6.96 3.67 -1.29
C THR A 59 -5.59 3.02 -1.19
N ILE A 60 -4.47 3.77 -1.18
CA ILE A 60 -3.19 3.12 -0.99
C ILE A 60 -2.48 3.81 0.17
N VAL A 61 -1.57 3.13 0.86
CA VAL A 61 -0.59 3.78 1.75
C VAL A 61 0.80 3.36 1.27
N ILE A 62 1.74 4.31 1.26
CA ILE A 62 3.17 4.17 0.98
C ILE A 62 3.90 4.97 2.06
N ASN A 63 5.19 4.72 2.33
CA ASN A 63 5.87 5.08 3.60
C ASN A 63 4.95 4.92 4.81
N GLY A 64 4.17 5.93 5.21
CA GLY A 64 3.03 5.77 6.12
C GLY A 64 1.77 6.53 5.66
N ASP A 65 1.82 7.17 4.49
CA ASP A 65 0.88 8.15 3.95
C ASP A 65 -0.22 7.48 3.16
N VAL A 66 -1.47 7.60 3.63
CA VAL A 66 -2.64 7.41 2.79
C VAL A 66 -2.53 8.39 1.63
N GLU A 67 -2.66 7.88 0.41
CA GLU A 67 -2.65 8.67 -0.81
C GLU A 67 -3.30 7.77 -1.89
N PHE A 68 -3.70 8.38 -3.01
CA PHE A 68 -4.11 7.66 -4.21
C PHE A 68 -3.81 8.51 -5.41
N ILE A 69 -3.59 7.88 -6.57
CA ILE A 69 -3.19 8.61 -7.75
C ILE A 69 -4.01 8.13 -8.94
N GLY A 70 -5.21 8.68 -9.06
CA GLY A 70 -6.05 8.42 -10.21
C GLY A 70 -6.85 7.14 -10.01
N ALA A 71 -7.41 6.61 -11.11
CA ALA A 71 -8.06 5.31 -11.15
C ALA A 71 -7.13 4.10 -10.87
N PRO A 72 -5.82 4.09 -11.22
CA PRO A 72 -4.98 2.95 -10.87
C PRO A 72 -4.59 3.00 -9.39
N THR A 73 -4.01 1.92 -8.88
CA THR A 73 -3.29 1.93 -7.62
C THR A 73 -2.04 2.83 -7.75
N LYS A 74 -1.21 2.95 -6.70
CA LYS A 74 -0.28 4.08 -6.54
C LYS A 74 0.95 4.11 -7.47
N GLU A 75 0.93 3.44 -8.62
CA GLU A 75 2.08 3.33 -9.53
C GLU A 75 2.69 4.71 -9.86
N ALA A 76 1.86 5.73 -10.07
CA ALA A 76 2.31 7.09 -10.33
C ALA A 76 3.18 7.67 -9.21
N LEU A 77 2.84 7.46 -7.94
CA LEU A 77 3.70 7.90 -6.84
C LEU A 77 4.79 6.85 -6.59
N VAL A 78 4.63 5.60 -6.99
CA VAL A 78 5.69 4.60 -6.92
C VAL A 78 6.90 5.08 -7.73
N GLU A 79 6.68 5.69 -8.91
CA GLU A 79 7.75 6.32 -9.69
C GLU A 79 8.48 7.41 -8.88
N ALA A 80 7.84 7.98 -7.86
CA ALA A 80 8.48 8.86 -6.89
C ALA A 80 9.16 8.03 -5.77
N ILE A 81 8.50 7.07 -5.12
CA ILE A 81 9.10 6.29 -4.03
C ILE A 81 10.44 5.68 -4.46
N LYS A 82 10.54 5.21 -5.71
CA LYS A 82 11.76 4.61 -6.23
C LYS A 82 12.87 5.64 -6.40
N LYS A 83 12.60 6.80 -7.00
CA LYS A 83 13.64 7.81 -7.21
C LYS A 83 14.00 8.54 -5.94
N ARG A 84 13.11 8.55 -4.93
CA ARG A 84 13.33 9.23 -3.66
C ARG A 84 14.39 8.53 -2.81
N LEU A 85 14.94 7.38 -3.23
CA LEU A 85 15.91 6.60 -2.47
C LEU A 85 17.19 6.46 -3.27
N MET A 1 17.66 1.00 11.17
CA MET A 1 16.29 0.50 11.30
C MET A 1 15.31 1.59 10.97
N SER A 2 14.67 1.52 9.80
CA SER A 2 13.38 2.13 9.50
C SER A 2 12.73 1.30 8.38
N LYS A 3 11.41 1.31 8.25
CA LYS A 3 10.73 0.57 7.19
C LYS A 3 9.58 1.37 6.60
N VAL A 4 9.20 1.03 5.38
CA VAL A 4 8.04 1.59 4.68
C VAL A 4 6.85 0.65 4.82
N LYS A 5 5.64 1.17 4.61
CA LYS A 5 4.43 0.35 4.45
C LYS A 5 3.71 0.77 3.18
N ILE A 6 2.93 -0.14 2.60
CA ILE A 6 2.22 0.07 1.36
C ILE A 6 0.89 -0.66 1.44
N GLU A 7 -0.13 -0.13 0.76
CA GLU A 7 -1.45 -0.72 0.75
C GLU A 7 -2.03 -0.76 -0.65
N LEU A 8 -2.87 -1.76 -0.87
CA LEU A 8 -3.76 -1.93 -2.00
C LEU A 8 -5.17 -2.07 -1.42
N PHE A 9 -5.88 -0.96 -1.29
CA PHE A 9 -7.30 -0.91 -0.95
C PHE A 9 -8.05 -0.82 -2.29
N THR A 10 -8.25 -1.97 -2.93
CA THR A 10 -8.86 -2.06 -4.27
C THR A 10 -9.81 -3.26 -4.32
N SER A 11 -10.62 -3.40 -5.38
CA SER A 11 -11.51 -4.54 -5.58
C SER A 11 -11.98 -4.57 -7.04
N PRO A 12 -12.66 -3.53 -7.57
CA PRO A 12 -12.85 -3.44 -9.01
C PRO A 12 -11.46 -3.39 -9.68
N MET A 13 -11.27 -4.18 -10.73
CA MET A 13 -10.00 -4.45 -11.40
C MET A 13 -10.24 -4.47 -12.91
N CYS A 14 -9.21 -4.89 -13.69
CA CYS A 14 -9.04 -4.96 -15.14
C CYS A 14 -7.85 -4.07 -15.51
N PRO A 15 -7.93 -2.72 -15.54
CA PRO A 15 -6.78 -1.86 -15.83
C PRO A 15 -5.67 -1.93 -14.76
N HIS A 16 -5.88 -2.67 -13.66
CA HIS A 16 -4.87 -2.98 -12.67
C HIS A 16 -5.05 -4.42 -12.19
N CYS A 17 -5.04 -5.40 -13.09
CA CYS A 17 -4.95 -6.80 -12.67
C CYS A 17 -3.71 -7.06 -11.80
N PRO A 18 -2.47 -6.73 -12.20
CA PRO A 18 -1.29 -6.95 -11.35
C PRO A 18 -1.17 -5.82 -10.30
N ALA A 19 -2.16 -5.67 -9.40
CA ALA A 19 -2.27 -4.51 -8.52
C ALA A 19 -1.15 -4.48 -7.46
N ALA A 20 -1.29 -5.24 -6.36
CA ALA A 20 -0.22 -5.36 -5.38
C ALA A 20 1.07 -5.92 -5.99
N LYS A 21 0.99 -6.59 -7.15
CA LYS A 21 2.19 -7.01 -7.86
C LYS A 21 2.98 -5.79 -8.33
N ARG A 22 2.40 -4.91 -9.17
CA ARG A 22 3.12 -3.69 -9.58
C ARG A 22 3.59 -2.90 -8.38
N VAL A 23 2.73 -2.71 -7.37
CA VAL A 23 3.14 -1.84 -6.27
C VAL A 23 4.26 -2.51 -5.46
N VAL A 24 4.26 -3.84 -5.23
CA VAL A 24 5.41 -4.45 -4.57
C VAL A 24 6.66 -4.38 -5.46
N GLU A 25 6.56 -4.47 -6.79
CA GLU A 25 7.71 -4.27 -7.68
C GLU A 25 8.29 -2.86 -7.50
N GLU A 26 7.42 -1.86 -7.62
CA GLU A 26 7.66 -0.43 -7.51
C GLU A 26 8.49 -0.16 -6.27
N VAL A 27 7.98 -0.52 -5.10
CA VAL A 27 8.63 -0.18 -3.85
C VAL A 27 9.83 -1.08 -3.56
N ALA A 28 9.72 -2.39 -3.83
CA ALA A 28 10.78 -3.35 -3.58
C ALA A 28 12.04 -2.95 -4.35
N ASN A 29 11.91 -2.23 -5.48
CA ASN A 29 13.03 -1.54 -6.13
C ASN A 29 13.98 -0.93 -5.09
N GLU A 30 13.45 -0.10 -4.18
CA GLU A 30 14.22 0.63 -3.19
C GLU A 30 14.29 -0.08 -1.84
N MET A 31 13.31 -0.93 -1.51
CA MET A 31 13.22 -1.62 -0.23
C MET A 31 12.66 -3.02 -0.43
N PRO A 32 13.48 -3.99 -0.90
CA PRO A 32 13.02 -5.34 -1.24
C PRO A 32 12.76 -6.21 0.01
N ASP A 33 12.26 -5.64 1.10
CA ASP A 33 12.05 -6.32 2.37
C ASP A 33 11.45 -5.35 3.37
N ALA A 34 12.02 -4.15 3.51
CA ALA A 34 11.49 -3.12 4.40
C ALA A 34 10.18 -2.52 3.90
N VAL A 35 9.48 -3.11 2.93
CA VAL A 35 8.19 -2.63 2.51
C VAL A 35 7.15 -3.67 2.93
N GLU A 36 6.43 -3.35 4.00
CA GLU A 36 5.26 -4.11 4.44
C GLU A 36 4.11 -3.76 3.51
N VAL A 37 3.85 -4.55 2.47
CA VAL A 37 2.68 -4.37 1.61
C VAL A 37 1.47 -5.09 2.22
N GLU A 38 0.24 -4.62 1.92
CA GLU A 38 -0.94 -5.48 2.05
C GLU A 38 -1.91 -5.23 0.88
N TYR A 39 -2.62 -6.26 0.44
CA TYR A 39 -3.62 -6.27 -0.64
C TYR A 39 -5.00 -6.39 0.01
N ILE A 40 -5.46 -5.34 0.70
CA ILE A 40 -6.70 -5.41 1.46
C ILE A 40 -7.86 -5.23 0.48
N ASN A 41 -8.29 -6.32 -0.15
CA ASN A 41 -9.37 -6.26 -1.12
C ASN A 41 -10.67 -5.78 -0.46
N VAL A 42 -11.30 -4.76 -1.04
CA VAL A 42 -12.52 -4.16 -0.52
C VAL A 42 -13.66 -5.14 -0.82
N MET A 43 -14.35 -5.63 0.20
CA MET A 43 -15.27 -6.77 0.17
C MET A 43 -15.84 -6.87 1.59
N GLU A 44 -15.05 -7.36 2.53
CA GLU A 44 -15.32 -7.41 3.95
C GLU A 44 -14.01 -6.88 4.52
N ASN A 45 -13.98 -5.57 4.75
CA ASN A 45 -12.74 -4.81 4.87
C ASN A 45 -12.94 -3.70 5.90
N PRO A 46 -12.01 -3.50 6.85
CA PRO A 46 -12.12 -2.43 7.84
C PRO A 46 -12.15 -1.06 7.17
N GLN A 47 -12.80 -0.08 7.81
CA GLN A 47 -12.92 1.29 7.31
C GLN A 47 -11.60 2.04 7.19
N LYS A 48 -10.43 1.42 7.41
CA LYS A 48 -9.16 2.13 7.50
C LYS A 48 -8.75 2.90 6.23
N ALA A 49 -9.38 2.75 5.06
CA ALA A 49 -9.28 3.79 4.02
C ALA A 49 -10.38 4.83 4.03
N MET A 50 -11.58 4.42 4.40
CA MET A 50 -12.73 5.29 4.55
C MET A 50 -12.57 6.23 5.76
N GLU A 51 -11.52 6.05 6.57
CA GLU A 51 -11.04 7.04 7.53
C GLU A 51 -10.53 8.31 6.82
N TYR A 52 -10.08 8.21 5.55
CA TYR A 52 -9.51 9.32 4.81
C TYR A 52 -10.61 10.17 4.17
N GLY A 53 -10.32 11.44 3.94
CA GLY A 53 -11.19 12.39 3.24
C GLY A 53 -11.22 12.18 1.72
N ILE A 54 -11.27 10.93 1.26
CA ILE A 54 -11.40 10.54 -0.13
C ILE A 54 -12.37 9.37 -0.21
N MET A 55 -12.14 8.32 0.58
CA MET A 55 -12.94 7.09 0.69
C MET A 55 -13.12 6.28 -0.61
N ALA A 56 -12.60 6.77 -1.73
CA ALA A 56 -12.75 6.22 -3.07
C ALA A 56 -11.83 5.00 -3.28
N VAL A 57 -11.60 4.67 -4.55
CA VAL A 57 -10.85 3.52 -5.04
C VAL A 57 -10.34 3.91 -6.45
N PRO A 58 -9.30 3.27 -7.01
CA PRO A 58 -8.39 2.29 -6.39
C PRO A 58 -7.41 3.00 -5.44
N THR A 59 -7.57 2.80 -4.14
CA THR A 59 -6.87 3.56 -3.12
C THR A 59 -5.60 2.79 -2.74
N ILE A 60 -4.48 3.51 -2.69
CA ILE A 60 -3.14 2.93 -2.59
C ILE A 60 -2.38 3.71 -1.52
N VAL A 61 -1.50 3.06 -0.77
CA VAL A 61 -0.60 3.74 0.14
C VAL A 61 0.78 3.47 -0.43
N ILE A 62 1.51 4.56 -0.76
CA ILE A 62 2.94 4.49 -1.08
C ILE A 62 3.72 5.13 0.06
N ASN A 63 4.92 4.65 0.40
CA ASN A 63 5.71 4.99 1.61
C ASN A 63 5.01 4.72 2.97
N GLY A 64 3.76 5.14 3.09
CA GLY A 64 2.91 5.26 4.25
C GLY A 64 1.80 6.29 4.00
N ASP A 65 1.89 7.07 2.92
CA ASP A 65 0.94 8.09 2.48
C ASP A 65 -0.12 7.55 1.51
N VAL A 66 -1.40 7.71 1.84
CA VAL A 66 -2.51 7.30 0.99
C VAL A 66 -2.68 8.26 -0.19
N GLU A 67 -3.17 7.76 -1.33
CA GLU A 67 -3.54 8.53 -2.52
C GLU A 67 -4.10 7.54 -3.57
N PHE A 68 -4.65 8.03 -4.69
CA PHE A 68 -4.96 7.24 -5.87
C PHE A 68 -4.56 8.01 -7.12
N ILE A 69 -3.97 7.34 -8.12
CA ILE A 69 -3.63 7.96 -9.40
C ILE A 69 -4.35 7.21 -10.52
N GLY A 70 -5.68 7.40 -10.57
CA GLY A 70 -6.43 7.12 -11.77
C GLY A 70 -7.04 5.72 -11.79
N ALA A 71 -7.46 5.30 -12.99
CA ALA A 71 -7.94 3.95 -13.25
C ALA A 71 -6.92 2.81 -13.00
N PRO A 72 -5.58 2.99 -13.11
CA PRO A 72 -4.64 1.91 -12.79
C PRO A 72 -4.51 1.80 -11.26
N THR A 73 -3.39 2.14 -10.62
CA THR A 73 -3.22 2.23 -9.20
C THR A 73 -2.68 3.62 -8.87
N LYS A 74 -1.48 3.72 -8.30
CA LYS A 74 -0.76 4.96 -8.05
C LYS A 74 0.21 5.34 -9.21
N GLU A 75 0.11 4.77 -10.40
CA GLU A 75 1.11 4.75 -11.50
C GLU A 75 2.05 5.96 -11.62
N ALA A 76 1.54 7.20 -11.63
CA ALA A 76 2.41 8.37 -11.79
C ALA A 76 3.30 8.57 -10.56
N LEU A 77 2.74 8.44 -9.35
CA LEU A 77 3.49 8.52 -8.09
C LEU A 77 4.37 7.27 -7.92
N VAL A 78 3.90 6.11 -8.39
CA VAL A 78 4.66 4.85 -8.48
C VAL A 78 6.00 5.14 -9.14
N GLU A 79 5.98 5.77 -10.32
CA GLU A 79 7.22 6.05 -11.05
C GLU A 79 8.09 7.10 -10.31
N ALA A 80 7.52 7.85 -9.36
CA ALA A 80 8.25 8.84 -8.59
C ALA A 80 8.96 8.18 -7.42
N ILE A 81 8.30 7.34 -6.61
CA ILE A 81 9.00 6.61 -5.55
C ILE A 81 10.09 5.72 -6.17
N LYS A 82 9.82 5.17 -7.36
CA LYS A 82 10.78 4.39 -8.13
C LYS A 82 12.04 5.17 -8.49
N LYS A 83 12.05 6.51 -8.47
CA LYS A 83 13.30 7.27 -8.36
C LYS A 83 13.60 7.53 -6.90
N ARG A 84 12.80 8.34 -6.20
CA ARG A 84 12.99 8.67 -4.79
C ARG A 84 11.63 8.75 -4.13
N LEU A 85 10.88 9.79 -4.45
CA LEU A 85 9.51 10.15 -4.10
C LEU A 85 9.16 11.25 -5.09
N MET A 1 16.43 1.89 10.21
CA MET A 1 15.26 1.44 10.97
C MET A 1 14.06 2.31 10.61
N SER A 2 13.46 2.04 9.44
CA SER A 2 12.18 2.50 8.92
C SER A 2 11.91 1.62 7.69
N LYS A 3 10.64 1.37 7.34
CA LYS A 3 10.32 0.71 6.07
C LYS A 3 9.26 1.50 5.29
N VAL A 4 9.14 1.23 4.00
CA VAL A 4 8.07 1.78 3.18
C VAL A 4 6.84 0.89 3.43
N LYS A 5 5.65 1.48 3.67
CA LYS A 5 4.43 0.71 3.95
C LYS A 5 3.35 1.12 2.97
N ILE A 6 2.90 0.18 2.15
CA ILE A 6 1.98 0.37 1.04
C ILE A 6 0.75 -0.50 1.30
N GLU A 7 -0.41 -0.06 0.80
CA GLU A 7 -1.66 -0.82 0.85
C GLU A 7 -2.37 -0.63 -0.49
N LEU A 8 -2.96 -1.69 -1.03
CA LEU A 8 -3.79 -1.67 -2.23
C LEU A 8 -5.22 -2.04 -1.79
N PHE A 9 -5.94 -1.08 -1.21
CA PHE A 9 -7.33 -1.23 -0.81
C PHE A 9 -8.19 -1.04 -2.07
N THR A 10 -8.41 -2.14 -2.77
CA THR A 10 -8.96 -2.17 -4.12
C THR A 10 -9.90 -3.37 -4.22
N SER A 11 -10.04 -4.00 -5.39
CA SER A 11 -10.89 -5.14 -5.72
C SER A 11 -11.08 -5.16 -7.25
N PRO A 12 -11.76 -4.17 -7.87
CA PRO A 12 -11.99 -4.20 -9.31
C PRO A 12 -10.66 -4.17 -10.08
N MET A 13 -10.68 -4.78 -11.25
CA MET A 13 -9.57 -4.91 -12.18
C MET A 13 -10.13 -4.73 -13.59
N CYS A 14 -9.24 -4.39 -14.52
CA CYS A 14 -9.39 -3.93 -15.90
C CYS A 14 -8.32 -2.86 -16.15
N PRO A 15 -8.42 -1.64 -15.59
CA PRO A 15 -7.40 -0.60 -15.82
C PRO A 15 -6.05 -0.95 -15.19
N HIS A 16 -6.06 -1.86 -14.22
CA HIS A 16 -4.89 -2.62 -13.79
C HIS A 16 -5.31 -4.07 -13.70
N CYS A 17 -4.33 -4.96 -13.69
CA CYS A 17 -4.47 -6.31 -13.16
C CYS A 17 -3.54 -6.39 -11.94
N PRO A 18 -2.22 -6.64 -12.06
CA PRO A 18 -1.36 -7.11 -10.97
C PRO A 18 -1.31 -6.27 -9.69
N ALA A 19 -1.66 -4.97 -9.73
CA ALA A 19 -1.78 -4.05 -8.60
C ALA A 19 -0.61 -4.20 -7.61
N ALA A 20 -0.82 -4.91 -6.50
CA ALA A 20 0.17 -5.06 -5.45
C ALA A 20 1.48 -5.63 -5.98
N LYS A 21 1.47 -6.58 -6.93
CA LYS A 21 2.72 -7.09 -7.48
C LYS A 21 3.53 -5.97 -8.16
N ARG A 22 2.87 -5.03 -8.85
CA ARG A 22 3.58 -3.88 -9.38
C ARG A 22 4.09 -3.00 -8.27
N VAL A 23 3.27 -2.60 -7.30
CA VAL A 23 3.77 -1.65 -6.32
C VAL A 23 4.89 -2.29 -5.47
N VAL A 24 4.85 -3.61 -5.23
CA VAL A 24 5.98 -4.38 -4.72
C VAL A 24 7.17 -4.16 -5.65
N GLU A 25 7.11 -4.57 -6.91
CA GLU A 25 8.26 -4.58 -7.81
C GLU A 25 8.85 -3.17 -7.96
N GLU A 26 7.98 -2.15 -8.01
CA GLU A 26 8.32 -0.75 -8.14
C GLU A 26 9.17 -0.30 -6.95
N VAL A 27 8.67 -0.53 -5.72
CA VAL A 27 9.40 -0.14 -4.51
C VAL A 27 10.61 -1.06 -4.32
N ALA A 28 10.48 -2.35 -4.60
CA ALA A 28 11.51 -3.36 -4.41
C ALA A 28 12.71 -3.12 -5.32
N ASN A 29 12.50 -2.44 -6.45
CA ASN A 29 13.57 -1.94 -7.30
C ASN A 29 14.56 -1.11 -6.47
N GLU A 30 14.03 -0.30 -5.54
CA GLU A 30 14.80 0.58 -4.68
C GLU A 30 15.14 -0.08 -3.34
N MET A 31 14.17 -0.73 -2.70
CA MET A 31 14.28 -1.36 -1.40
C MET A 31 13.71 -2.76 -1.50
N PRO A 32 14.49 -3.79 -1.88
CA PRO A 32 13.98 -5.15 -2.07
C PRO A 32 13.62 -5.84 -0.74
N ASP A 33 13.55 -5.11 0.36
CA ASP A 33 13.58 -5.59 1.75
C ASP A 33 12.62 -4.77 2.61
N ALA A 34 12.77 -3.45 2.63
CA ALA A 34 11.94 -2.56 3.45
C ALA A 34 10.63 -2.22 2.73
N VAL A 35 9.93 -3.23 2.19
CA VAL A 35 8.86 -3.07 1.22
C VAL A 35 7.64 -3.86 1.69
N GLU A 36 6.84 -3.25 2.58
CA GLU A 36 5.58 -3.80 3.03
C GLU A 36 4.50 -3.33 2.05
N VAL A 37 3.68 -4.24 1.52
CA VAL A 37 2.66 -3.98 0.51
C VAL A 37 1.50 -4.94 0.79
N GLU A 38 0.45 -4.51 1.49
CA GLU A 38 -0.74 -5.36 1.56
C GLU A 38 -1.57 -5.22 0.30
N TYR A 39 -2.16 -6.33 -0.12
CA TYR A 39 -3.20 -6.34 -1.14
C TYR A 39 -4.48 -6.71 -0.41
N ILE A 40 -5.45 -5.81 -0.38
CA ILE A 40 -6.72 -6.06 0.28
C ILE A 40 -7.83 -5.70 -0.71
N ASN A 41 -8.16 -6.69 -1.53
CA ASN A 41 -9.42 -6.76 -2.24
C ASN A 41 -10.54 -6.65 -1.19
N VAL A 42 -11.47 -5.71 -1.39
CA VAL A 42 -12.53 -5.37 -0.47
C VAL A 42 -13.32 -6.61 0.01
N MET A 43 -13.72 -6.59 1.27
CA MET A 43 -14.59 -7.59 1.87
C MET A 43 -15.52 -6.84 2.82
N GLU A 44 -15.06 -6.55 4.04
CA GLU A 44 -15.86 -5.90 5.09
C GLU A 44 -16.09 -4.41 4.83
N ASN A 45 -15.52 -3.87 3.75
CA ASN A 45 -15.40 -2.45 3.41
C ASN A 45 -15.18 -1.57 4.65
N PRO A 46 -14.12 -1.82 5.45
CA PRO A 46 -13.94 -1.10 6.70
C PRO A 46 -13.62 0.37 6.42
N GLN A 47 -14.24 1.26 7.19
CA GLN A 47 -13.99 2.69 7.04
C GLN A 47 -12.53 3.05 7.26
N LYS A 48 -11.73 2.22 7.95
CA LYS A 48 -10.28 2.37 8.07
C LYS A 48 -9.64 2.88 6.78
N ALA A 49 -9.98 2.30 5.62
CA ALA A 49 -9.59 2.86 4.32
C ALA A 49 -10.57 3.83 3.67
N MET A 50 -11.86 3.59 3.86
CA MET A 50 -12.92 4.33 3.16
C MET A 50 -13.22 5.70 3.81
N GLU A 51 -12.48 6.07 4.85
CA GLU A 51 -12.45 7.39 5.46
C GLU A 51 -11.48 8.30 4.67
N TYR A 52 -10.75 9.18 5.39
CA TYR A 52 -9.76 10.12 4.86
C TYR A 52 -10.43 11.23 4.03
N GLY A 53 -9.63 12.00 3.29
CA GLY A 53 -10.12 12.96 2.30
C GLY A 53 -10.25 12.39 0.90
N ILE A 54 -10.04 11.08 0.73
CA ILE A 54 -10.17 10.37 -0.54
C ILE A 54 -11.58 9.77 -0.61
N MET A 55 -11.94 8.91 0.35
CA MET A 55 -13.22 8.19 0.42
C MET A 55 -13.63 7.47 -0.90
N ALA A 56 -12.72 7.32 -1.87
CA ALA A 56 -13.02 6.89 -3.23
C ALA A 56 -11.93 5.94 -3.73
N VAL A 57 -12.27 4.65 -3.79
CA VAL A 57 -11.41 3.61 -4.36
C VAL A 57 -11.00 3.93 -5.82
N PRO A 58 -9.89 3.37 -6.37
CA PRO A 58 -8.94 2.45 -5.75
C PRO A 58 -8.08 3.17 -4.70
N THR A 59 -8.25 2.81 -3.42
CA THR A 59 -7.70 3.50 -2.28
C THR A 59 -6.31 2.94 -2.04
N ILE A 60 -5.25 3.71 -2.28
CA ILE A 60 -3.90 3.17 -2.18
C ILE A 60 -3.21 3.92 -1.03
N VAL A 61 -2.25 3.29 -0.37
CA VAL A 61 -1.29 3.96 0.49
C VAL A 61 0.07 3.70 -0.12
N ILE A 62 0.92 4.72 -0.28
CA ILE A 62 2.36 4.48 -0.50
C ILE A 62 3.14 5.19 0.59
N ASN A 63 4.34 4.70 0.92
CA ASN A 63 5.22 5.08 2.02
C ASN A 63 4.49 5.16 3.38
N GLY A 64 3.61 6.16 3.56
CA GLY A 64 2.58 6.24 4.58
C GLY A 64 1.39 7.14 4.19
N ASP A 65 1.35 7.70 2.97
CA ASP A 65 0.34 8.63 2.47
C ASP A 65 -0.77 7.85 1.77
N VAL A 66 -2.02 7.97 2.23
CA VAL A 66 -3.17 7.50 1.45
C VAL A 66 -3.40 8.47 0.28
N GLU A 67 -3.62 7.92 -0.93
CA GLU A 67 -3.95 8.63 -2.17
C GLU A 67 -4.54 7.64 -3.17
N PHE A 68 -5.22 8.11 -4.21
CA PHE A 68 -5.48 7.37 -5.45
C PHE A 68 -4.99 8.25 -6.58
N ILE A 69 -4.60 7.66 -7.71
CA ILE A 69 -4.30 8.40 -8.92
C ILE A 69 -4.84 7.56 -10.07
N GLY A 70 -5.27 8.21 -11.16
CA GLY A 70 -5.52 7.56 -12.42
C GLY A 70 -6.66 6.55 -12.38
N ALA A 71 -6.74 5.74 -13.43
CA ALA A 71 -7.58 4.57 -13.48
C ALA A 71 -7.02 3.32 -12.75
N PRO A 72 -5.69 3.05 -12.70
CA PRO A 72 -5.19 1.74 -12.31
C PRO A 72 -5.13 1.62 -10.78
N THR A 73 -3.94 1.59 -10.17
CA THR A 73 -3.73 1.90 -8.79
C THR A 73 -2.87 3.16 -8.78
N LYS A 74 -1.98 3.35 -7.81
CA LYS A 74 -1.32 4.64 -7.64
C LYS A 74 -0.19 4.83 -8.65
N GLU A 75 -0.18 4.10 -9.75
CA GLU A 75 1.03 3.85 -10.52
C GLU A 75 1.68 5.12 -11.09
N ALA A 76 0.91 6.16 -11.37
CA ALA A 76 1.39 7.50 -11.64
C ALA A 76 2.39 7.98 -10.57
N LEU A 77 2.03 7.82 -9.29
CA LEU A 77 2.87 8.17 -8.15
C LEU A 77 3.91 7.08 -7.92
N VAL A 78 3.66 5.78 -8.15
CA VAL A 78 4.66 4.76 -7.82
C VAL A 78 5.89 4.87 -8.74
N GLU A 79 5.65 5.18 -10.00
CA GLU A 79 6.61 5.62 -11.00
C GLU A 79 7.42 6.83 -10.51
N ALA A 80 6.94 7.57 -9.50
CA ALA A 80 7.69 8.56 -8.75
C ALA A 80 8.30 7.99 -7.45
N ILE A 81 7.58 7.23 -6.60
CA ILE A 81 8.09 6.72 -5.32
C ILE A 81 9.39 5.96 -5.49
N LYS A 82 9.62 5.33 -6.66
CA LYS A 82 10.96 4.88 -6.99
C LYS A 82 11.96 6.04 -7.08
N LYS A 83 11.97 6.77 -8.21
CA LYS A 83 12.98 7.79 -8.54
C LYS A 83 13.09 8.93 -7.53
N ARG A 84 12.10 9.11 -6.67
CA ARG A 84 12.14 10.07 -5.57
C ARG A 84 13.17 9.72 -4.49
N LEU A 85 13.76 8.53 -4.49
CA LEU A 85 14.89 8.17 -3.63
C LEU A 85 15.89 7.36 -4.44
#